data_1MR8
# 
_entry.id   1MR8 
# 
_audit_conform.dict_name       mmcif_pdbx.dic 
_audit_conform.dict_version    5.383 
_audit_conform.dict_location   http://mmcif.pdb.org/dictionaries/ascii/mmcif_pdbx.dic 
# 
loop_
_database_2.database_id 
_database_2.database_code 
_database_2.pdbx_database_accession 
_database_2.pdbx_DOI 
PDB   1MR8         pdb_00001mr8 10.2210/pdb1mr8/pdb 
RCSB  RCSB000845   ?            ?                   
WWPDB D_1000000845 ?            ?                   
# 
loop_
_pdbx_audit_revision_history.ordinal 
_pdbx_audit_revision_history.data_content_type 
_pdbx_audit_revision_history.major_revision 
_pdbx_audit_revision_history.minor_revision 
_pdbx_audit_revision_history.revision_date 
1 'Structure model' 1 0 2000-05-17 
2 'Structure model' 1 1 2007-10-16 
3 'Structure model' 1 2 2011-07-13 
4 'Structure model' 1 3 2023-12-27 
# 
_pdbx_audit_revision_details.ordinal             1 
_pdbx_audit_revision_details.revision_ordinal    1 
_pdbx_audit_revision_details.data_content_type   'Structure model' 
_pdbx_audit_revision_details.provider            repository 
_pdbx_audit_revision_details.type                'Initial release' 
_pdbx_audit_revision_details.description         ? 
_pdbx_audit_revision_details.details             ? 
# 
loop_
_pdbx_audit_revision_group.ordinal 
_pdbx_audit_revision_group.revision_ordinal 
_pdbx_audit_revision_group.data_content_type 
_pdbx_audit_revision_group.group 
1 2 'Structure model' 'Version format compliance' 
2 3 'Structure model' 'Derived calculations'      
3 3 'Structure model' 'Version format compliance' 
4 4 'Structure model' 'Data collection'           
5 4 'Structure model' 'Database references'       
6 4 'Structure model' 'Derived calculations'      
# 
loop_
_pdbx_audit_revision_category.ordinal 
_pdbx_audit_revision_category.revision_ordinal 
_pdbx_audit_revision_category.data_content_type 
_pdbx_audit_revision_category.category 
1 4 'Structure model' chem_comp_atom 
2 4 'Structure model' chem_comp_bond 
3 4 'Structure model' database_2     
4 4 'Structure model' struct_conn    
5 4 'Structure model' struct_site    
# 
loop_
_pdbx_audit_revision_item.ordinal 
_pdbx_audit_revision_item.revision_ordinal 
_pdbx_audit_revision_item.data_content_type 
_pdbx_audit_revision_item.item 
1  4 'Structure model' '_database_2.pdbx_DOI'                
2  4 'Structure model' '_database_2.pdbx_database_accession' 
3  4 'Structure model' '_struct_conn.pdbx_dist_value'        
4  4 'Structure model' '_struct_conn.ptnr1_auth_asym_id'     
5  4 'Structure model' '_struct_conn.ptnr1_auth_comp_id'     
6  4 'Structure model' '_struct_conn.ptnr1_auth_seq_id'      
7  4 'Structure model' '_struct_conn.ptnr1_label_asym_id'    
8  4 'Structure model' '_struct_conn.ptnr1_label_atom_id'    
9  4 'Structure model' '_struct_conn.ptnr1_label_comp_id'    
10 4 'Structure model' '_struct_conn.ptnr1_label_seq_id'     
11 4 'Structure model' '_struct_conn.ptnr2_auth_asym_id'     
12 4 'Structure model' '_struct_conn.ptnr2_auth_comp_id'     
13 4 'Structure model' '_struct_conn.ptnr2_auth_seq_id'      
14 4 'Structure model' '_struct_conn.ptnr2_label_asym_id'    
15 4 'Structure model' '_struct_conn.ptnr2_label_atom_id'    
16 4 'Structure model' '_struct_conn.ptnr2_label_comp_id'    
17 4 'Structure model' '_struct_site.pdbx_auth_asym_id'      
18 4 'Structure model' '_struct_site.pdbx_auth_comp_id'      
19 4 'Structure model' '_struct_site.pdbx_auth_seq_id'       
# 
_pdbx_database_status.status_code                     REL 
_pdbx_database_status.entry_id                        1MR8 
_pdbx_database_status.recvd_initial_deposition_date   1999-04-13 
_pdbx_database_status.deposit_site                    BNL 
_pdbx_database_status.process_site                    RCSB 
_pdbx_database_status.status_code_sf                  REL 
_pdbx_database_status.SG_entry                        . 
_pdbx_database_status.pdb_format_compatible           Y 
_pdbx_database_status.status_code_mr                  ? 
_pdbx_database_status.status_code_cs                  ? 
_pdbx_database_status.status_code_nmr_data            ? 
_pdbx_database_status.methods_development_category    ? 
# 
loop_
_audit_author.name 
_audit_author.pdbx_ordinal 
'Ishikawa, K.'  1 
'Nakagawa, A.'  2 
'Tanaka, I.'    3 
'Nishihira, J.' 4 
# 
_citation.id                        primary 
_citation.title                     
'The structure of human MRP8, a member of the S100 calcium-binding protein family, by MAD phasing at 1.9 A resolution.' 
_citation.journal_abbrev            'Acta Crystallogr.,Sect.D' 
_citation.journal_volume            56 
_citation.page_first                559 
_citation.page_last                 566 
_citation.year                      2000 
_citation.journal_id_ASTM           ABCRE6 
_citation.country                   DK 
_citation.journal_id_ISSN           0907-4449 
_citation.journal_id_CSD            0766 
_citation.book_publisher            ? 
_citation.pdbx_database_id_PubMed   10771424 
_citation.pdbx_database_id_DOI      10.1107/S0907444900002833 
# 
loop_
_citation_author.citation_id 
_citation_author.name 
_citation_author.ordinal 
_citation_author.identifier_ORCID 
primary 'Ishikawa, K.'  1 ? 
primary 'Nakagawa, A.'  2 ? 
primary 'Tanaka, I.'    3 ? 
primary 'Suzuki, M.'    4 ? 
primary 'Nishihira, J.' 5 ? 
# 
loop_
_entity.id 
_entity.type 
_entity.src_method 
_entity.pdbx_description 
_entity.formula_weight 
_entity.pdbx_number_of_molecules 
_entity.pdbx_ec 
_entity.pdbx_mutation 
_entity.pdbx_fragment 
_entity.details 
1 polymer     nat 'MIGRATION INHIBITORY FACTOR-RELATED PROTEIN 8' 10853.528 2   ? ? ? ? 
2 non-polymer syn 'CALCIUM ION'                                   40.078    4   ? ? ? ? 
3 water       nat water                                           18.015    103 ? ? ? ? 
# 
_entity_name_com.entity_id   1 
_entity_name_com.name        'MRP8, S100A8, CALGRANULIN A' 
# 
_entity_poly.entity_id                      1 
_entity_poly.type                           'polypeptide(L)' 
_entity_poly.nstd_linkage                   no 
_entity_poly.nstd_monomer                   no 
_entity_poly.pdbx_seq_one_letter_code       
;MLTELEKALNSIIDVYHKYSLIKGNFHAVYRDDLKKLLETECPQYIRKKGADVWFKELDINTDGAVNFQEFLILVIKMGV
AAHKKSHEESHKE
;
_entity_poly.pdbx_seq_one_letter_code_can   
;MLTELEKALNSIIDVYHKYSLIKGNFHAVYRDDLKKLLETECPQYIRKKGADVWFKELDINTDGAVNFQEFLILVIKMGV
AAHKKSHEESHKE
;
_entity_poly.pdbx_strand_id                 A,B 
_entity_poly.pdbx_target_identifier         ? 
# 
loop_
_pdbx_entity_nonpoly.entity_id 
_pdbx_entity_nonpoly.name 
_pdbx_entity_nonpoly.comp_id 
2 'CALCIUM ION' CA  
3 water         HOH 
# 
loop_
_entity_poly_seq.entity_id 
_entity_poly_seq.num 
_entity_poly_seq.mon_id 
_entity_poly_seq.hetero 
1 1  MET n 
1 2  LEU n 
1 3  THR n 
1 4  GLU n 
1 5  LEU n 
1 6  GLU n 
1 7  LYS n 
1 8  ALA n 
1 9  LEU n 
1 10 ASN n 
1 11 SER n 
1 12 ILE n 
1 13 ILE n 
1 14 ASP n 
1 15 VAL n 
1 16 TYR n 
1 17 HIS n 
1 18 LYS n 
1 19 TYR n 
1 20 SER n 
1 21 LEU n 
1 22 ILE n 
1 23 LYS n 
1 24 GLY n 
1 25 ASN n 
1 26 PHE n 
1 27 HIS n 
1 28 ALA n 
1 29 VAL n 
1 30 TYR n 
1 31 ARG n 
1 32 ASP n 
1 33 ASP n 
1 34 LEU n 
1 35 LYS n 
1 36 LYS n 
1 37 LEU n 
1 38 LEU n 
1 39 GLU n 
1 40 THR n 
1 41 GLU n 
1 42 CYS n 
1 43 PRO n 
1 44 GLN n 
1 45 TYR n 
1 46 ILE n 
1 47 ARG n 
1 48 LYS n 
1 49 LYS n 
1 50 GLY n 
1 51 ALA n 
1 52 ASP n 
1 53 VAL n 
1 54 TRP n 
1 55 PHE n 
1 56 LYS n 
1 57 GLU n 
1 58 LEU n 
1 59 ASP n 
1 60 ILE n 
1 61 ASN n 
1 62 THR n 
1 63 ASP n 
1 64 GLY n 
1 65 ALA n 
1 66 VAL n 
1 67 ASN n 
1 68 PHE n 
1 69 GLN n 
1 70 GLU n 
1 71 PHE n 
1 72 LEU n 
1 73 ILE n 
1 74 LEU n 
1 75 VAL n 
1 76 ILE n 
1 77 LYS n 
1 78 MET n 
1 79 GLY n 
1 80 VAL n 
1 81 ALA n 
1 82 ALA n 
1 83 HIS n 
1 84 LYS n 
1 85 LYS n 
1 86 SER n 
1 87 HIS n 
1 88 GLU n 
1 89 GLU n 
1 90 SER n 
1 91 HIS n 
1 92 LYS n 
1 93 GLU n 
# 
_entity_src_nat.entity_id                  1 
_entity_src_nat.pdbx_src_id                1 
_entity_src_nat.pdbx_alt_source_flag       sample 
_entity_src_nat.pdbx_beg_seq_num           ? 
_entity_src_nat.pdbx_end_seq_num           ? 
_entity_src_nat.common_name                human 
_entity_src_nat.pdbx_organism_scientific   'Homo sapiens' 
_entity_src_nat.pdbx_ncbi_taxonomy_id      9606 
_entity_src_nat.genus                      Homo 
_entity_src_nat.species                    ? 
_entity_src_nat.strain                     ? 
_entity_src_nat.tissue                     BLOOD 
_entity_src_nat.tissue_fraction            ? 
_entity_src_nat.pdbx_secretion             ? 
_entity_src_nat.pdbx_fragment              ? 
_entity_src_nat.pdbx_variant               ? 
_entity_src_nat.pdbx_cell_line             ? 
_entity_src_nat.pdbx_atcc                  ? 
_entity_src_nat.pdbx_cellular_location     ? 
_entity_src_nat.pdbx_organ                 ? 
_entity_src_nat.pdbx_organelle             ? 
_entity_src_nat.pdbx_cell                  LYMPHOCYTE 
_entity_src_nat.pdbx_plasmid_name          ? 
_entity_src_nat.pdbx_plasmid_details       ? 
_entity_src_nat.details                    ? 
# 
loop_
_chem_comp.id 
_chem_comp.type 
_chem_comp.mon_nstd_flag 
_chem_comp.name 
_chem_comp.pdbx_synonyms 
_chem_comp.formula 
_chem_comp.formula_weight 
ALA 'L-peptide linking' y ALANINE         ? 'C3 H7 N O2'     89.093  
ARG 'L-peptide linking' y ARGININE        ? 'C6 H15 N4 O2 1' 175.209 
ASN 'L-peptide linking' y ASPARAGINE      ? 'C4 H8 N2 O3'    132.118 
ASP 'L-peptide linking' y 'ASPARTIC ACID' ? 'C4 H7 N O4'     133.103 
CA  non-polymer         . 'CALCIUM ION'   ? 'Ca 2'           40.078  
CYS 'L-peptide linking' y CYSTEINE        ? 'C3 H7 N O2 S'   121.158 
GLN 'L-peptide linking' y GLUTAMINE       ? 'C5 H10 N2 O3'   146.144 
GLU 'L-peptide linking' y 'GLUTAMIC ACID' ? 'C5 H9 N O4'     147.129 
GLY 'peptide linking'   y GLYCINE         ? 'C2 H5 N O2'     75.067  
HIS 'L-peptide linking' y HISTIDINE       ? 'C6 H10 N3 O2 1' 156.162 
HOH non-polymer         . WATER           ? 'H2 O'           18.015  
ILE 'L-peptide linking' y ISOLEUCINE      ? 'C6 H13 N O2'    131.173 
LEU 'L-peptide linking' y LEUCINE         ? 'C6 H13 N O2'    131.173 
LYS 'L-peptide linking' y LYSINE          ? 'C6 H15 N2 O2 1' 147.195 
MET 'L-peptide linking' y METHIONINE      ? 'C5 H11 N O2 S'  149.211 
PHE 'L-peptide linking' y PHENYLALANINE   ? 'C9 H11 N O2'    165.189 
PRO 'L-peptide linking' y PROLINE         ? 'C5 H9 N O2'     115.130 
SER 'L-peptide linking' y SERINE          ? 'C3 H7 N O3'     105.093 
THR 'L-peptide linking' y THREONINE       ? 'C4 H9 N O3'     119.119 
TRP 'L-peptide linking' y TRYPTOPHAN      ? 'C11 H12 N2 O2'  204.225 
TYR 'L-peptide linking' y TYROSINE        ? 'C9 H11 N O3'    181.189 
VAL 'L-peptide linking' y VALINE          ? 'C5 H11 N O2'    117.146 
# 
loop_
_pdbx_poly_seq_scheme.asym_id 
_pdbx_poly_seq_scheme.entity_id 
_pdbx_poly_seq_scheme.seq_id 
_pdbx_poly_seq_scheme.mon_id 
_pdbx_poly_seq_scheme.ndb_seq_num 
_pdbx_poly_seq_scheme.pdb_seq_num 
_pdbx_poly_seq_scheme.auth_seq_num 
_pdbx_poly_seq_scheme.pdb_mon_id 
_pdbx_poly_seq_scheme.auth_mon_id 
_pdbx_poly_seq_scheme.pdb_strand_id 
_pdbx_poly_seq_scheme.pdb_ins_code 
_pdbx_poly_seq_scheme.hetero 
A 1 1  MET 1  1  1  MET MET A . n 
A 1 2  LEU 2  2  2  LEU LEU A . n 
A 1 3  THR 3  3  3  THR THR A . n 
A 1 4  GLU 4  4  4  GLU GLU A . n 
A 1 5  LEU 5  5  5  LEU LEU A . n 
A 1 6  GLU 6  6  6  GLU GLU A . n 
A 1 7  LYS 7  7  7  LYS LYS A . n 
A 1 8  ALA 8  8  8  ALA ALA A . n 
A 1 9  LEU 9  9  9  LEU LEU A . n 
A 1 10 ASN 10 10 10 ASN ASN A . n 
A 1 11 SER 11 11 11 SER SER A . n 
A 1 12 ILE 12 12 12 ILE ILE A . n 
A 1 13 ILE 13 13 13 ILE ILE A . n 
A 1 14 ASP 14 14 14 ASP ASP A . n 
A 1 15 VAL 15 15 15 VAL VAL A . n 
A 1 16 TYR 16 16 16 TYR TYR A . n 
A 1 17 HIS 17 17 17 HIS HIS A . n 
A 1 18 LYS 18 18 18 LYS LYS A . n 
A 1 19 TYR 19 19 19 TYR TYR A . n 
A 1 20 SER 20 20 20 SER SER A . n 
A 1 21 LEU 21 21 21 LEU LEU A . n 
A 1 22 ILE 22 22 22 ILE ILE A . n 
A 1 23 LYS 23 23 23 LYS LYS A . n 
A 1 24 GLY 24 24 24 GLY GLY A . n 
A 1 25 ASN 25 25 25 ASN ASN A . n 
A 1 26 PHE 26 26 26 PHE PHE A . n 
A 1 27 HIS 27 27 27 HIS HIS A . n 
A 1 28 ALA 28 28 28 ALA ALA A . n 
A 1 29 VAL 29 29 29 VAL VAL A . n 
A 1 30 TYR 30 30 30 TYR TYR A . n 
A 1 31 ARG 31 31 31 ARG ARG A . n 
A 1 32 ASP 32 32 32 ASP ASP A . n 
A 1 33 ASP 33 33 33 ASP ASP A . n 
A 1 34 LEU 34 34 34 LEU LEU A . n 
A 1 35 LYS 35 35 35 LYS LYS A . n 
A 1 36 LYS 36 36 36 LYS LYS A . n 
A 1 37 LEU 37 37 37 LEU LEU A . n 
A 1 38 LEU 38 38 38 LEU LEU A . n 
A 1 39 GLU 39 39 39 GLU GLU A . n 
A 1 40 THR 40 40 40 THR THR A . n 
A 1 41 GLU 41 41 41 GLU GLU A . n 
A 1 42 CYS 42 42 42 CYS CYS A . n 
A 1 43 PRO 43 43 43 PRO PRO A . n 
A 1 44 GLN 44 44 44 GLN GLN A . n 
A 1 45 TYR 45 45 45 TYR TYR A . n 
A 1 46 ILE 46 46 46 ILE ILE A . n 
A 1 47 ARG 47 47 47 ARG ARG A . n 
A 1 48 LYS 48 48 48 LYS LYS A . n 
A 1 49 LYS 49 49 49 LYS LYS A . n 
A 1 50 GLY 50 50 50 GLY GLY A . n 
A 1 51 ALA 51 51 51 ALA ALA A . n 
A 1 52 ASP 52 52 52 ASP ASP A . n 
A 1 53 VAL 53 53 53 VAL VAL A . n 
A 1 54 TRP 54 54 54 TRP TRP A . n 
A 1 55 PHE 55 55 55 PHE PHE A . n 
A 1 56 LYS 56 56 56 LYS LYS A . n 
A 1 57 GLU 57 57 57 GLU GLU A . n 
A 1 58 LEU 58 58 58 LEU LEU A . n 
A 1 59 ASP 59 59 59 ASP ASP A . n 
A 1 60 ILE 60 60 60 ILE ILE A . n 
A 1 61 ASN 61 61 61 ASN ASN A . n 
A 1 62 THR 62 62 62 THR THR A . n 
A 1 63 ASP 63 63 63 ASP ASP A . n 
A 1 64 GLY 64 64 64 GLY GLY A . n 
A 1 65 ALA 65 65 65 ALA ALA A . n 
A 1 66 VAL 66 66 66 VAL VAL A . n 
A 1 67 ASN 67 67 67 ASN ASN A . n 
A 1 68 PHE 68 68 68 PHE PHE A . n 
A 1 69 GLN 69 69 69 GLN GLN A . n 
A 1 70 GLU 70 70 70 GLU GLU A . n 
A 1 71 PHE 71 71 71 PHE PHE A . n 
A 1 72 LEU 72 72 72 LEU LEU A . n 
A 1 73 ILE 73 73 73 ILE ILE A . n 
A 1 74 LEU 74 74 74 LEU LEU A . n 
A 1 75 VAL 75 75 75 VAL VAL A . n 
A 1 76 ILE 76 76 76 ILE ILE A . n 
A 1 77 LYS 77 77 77 LYS LYS A . n 
A 1 78 MET 78 78 78 MET MET A . n 
A 1 79 GLY 79 79 79 GLY GLY A . n 
A 1 80 VAL 80 80 80 VAL VAL A . n 
A 1 81 ALA 81 81 81 ALA ALA A . n 
A 1 82 ALA 82 82 82 ALA ALA A . n 
A 1 83 HIS 83 83 83 HIS HIS A . n 
A 1 84 LYS 84 84 84 LYS LYS A . n 
A 1 85 LYS 85 85 85 LYS LYS A . n 
A 1 86 SER 86 86 86 SER SER A . n 
A 1 87 HIS 87 87 87 HIS HIS A . n 
A 1 88 GLU 88 88 88 GLU GLU A . n 
A 1 89 GLU 89 89 89 GLU GLU A . n 
A 1 90 SER 90 90 90 SER SER A . n 
A 1 91 HIS 91 91 ?  ?   ?   A . n 
A 1 92 LYS 92 92 ?  ?   ?   A . n 
A 1 93 GLU 93 93 ?  ?   ?   A . n 
B 1 1  MET 1  1  1  MET MET B . n 
B 1 2  LEU 2  2  2  LEU LEU B . n 
B 1 3  THR 3  3  3  THR THR B . n 
B 1 4  GLU 4  4  4  GLU GLU B . n 
B 1 5  LEU 5  5  5  LEU LEU B . n 
B 1 6  GLU 6  6  6  GLU GLU B . n 
B 1 7  LYS 7  7  7  LYS LYS B . n 
B 1 8  ALA 8  8  8  ALA ALA B . n 
B 1 9  LEU 9  9  9  LEU LEU B . n 
B 1 10 ASN 10 10 10 ASN ASN B . n 
B 1 11 SER 11 11 11 SER SER B . n 
B 1 12 ILE 12 12 12 ILE ILE B . n 
B 1 13 ILE 13 13 13 ILE ILE B . n 
B 1 14 ASP 14 14 14 ASP ASP B . n 
B 1 15 VAL 15 15 15 VAL VAL B . n 
B 1 16 TYR 16 16 16 TYR TYR B . n 
B 1 17 HIS 17 17 17 HIS HIS B . n 
B 1 18 LYS 18 18 18 LYS LYS B . n 
B 1 19 TYR 19 19 19 TYR TYR B . n 
B 1 20 SER 20 20 20 SER SER B . n 
B 1 21 LEU 21 21 21 LEU LEU B . n 
B 1 22 ILE 22 22 22 ILE ILE B . n 
B 1 23 LYS 23 23 23 LYS LYS B . n 
B 1 24 GLY 24 24 24 GLY GLY B . n 
B 1 25 ASN 25 25 25 ASN ASN B . n 
B 1 26 PHE 26 26 26 PHE PHE B . n 
B 1 27 HIS 27 27 27 HIS HIS B . n 
B 1 28 ALA 28 28 28 ALA ALA B . n 
B 1 29 VAL 29 29 29 VAL VAL B . n 
B 1 30 TYR 30 30 30 TYR TYR B . n 
B 1 31 ARG 31 31 31 ARG ARG B . n 
B 1 32 ASP 32 32 32 ASP ASP B . n 
B 1 33 ASP 33 33 33 ASP ASP B . n 
B 1 34 LEU 34 34 34 LEU LEU B . n 
B 1 35 LYS 35 35 35 LYS LYS B . n 
B 1 36 LYS 36 36 36 LYS LYS B . n 
B 1 37 LEU 37 37 37 LEU LEU B . n 
B 1 38 LEU 38 38 38 LEU LEU B . n 
B 1 39 GLU 39 39 39 GLU GLU B . n 
B 1 40 THR 40 40 40 THR THR B . n 
B 1 41 GLU 41 41 41 GLU GLU B . n 
B 1 42 CYS 42 42 42 CYS CYS B . n 
B 1 43 PRO 43 43 43 PRO PRO B . n 
B 1 44 GLN 44 44 44 GLN GLN B . n 
B 1 45 TYR 45 45 45 TYR TYR B . n 
B 1 46 ILE 46 46 46 ILE ILE B . n 
B 1 47 ARG 47 47 47 ARG ARG B . n 
B 1 48 LYS 48 48 48 LYS LYS B . n 
B 1 49 LYS 49 49 49 LYS LYS B . n 
B 1 50 GLY 50 50 50 GLY GLY B . n 
B 1 51 ALA 51 51 51 ALA ALA B . n 
B 1 52 ASP 52 52 52 ASP ASP B . n 
B 1 53 VAL 53 53 53 VAL VAL B . n 
B 1 54 TRP 54 54 54 TRP TRP B . n 
B 1 55 PHE 55 55 55 PHE PHE B . n 
B 1 56 LYS 56 56 56 LYS LYS B . n 
B 1 57 GLU 57 57 57 GLU GLU B . n 
B 1 58 LEU 58 58 58 LEU LEU B . n 
B 1 59 ASP 59 59 59 ASP ASP B . n 
B 1 60 ILE 60 60 60 ILE ILE B . n 
B 1 61 ASN 61 61 61 ASN ASN B . n 
B 1 62 THR 62 62 62 THR THR B . n 
B 1 63 ASP 63 63 63 ASP ASP B . n 
B 1 64 GLY 64 64 64 GLY GLY B . n 
B 1 65 ALA 65 65 65 ALA ALA B . n 
B 1 66 VAL 66 66 66 VAL VAL B . n 
B 1 67 ASN 67 67 67 ASN ASN B . n 
B 1 68 PHE 68 68 68 PHE PHE B . n 
B 1 69 GLN 69 69 69 GLN GLN B . n 
B 1 70 GLU 70 70 70 GLU GLU B . n 
B 1 71 PHE 71 71 71 PHE PHE B . n 
B 1 72 LEU 72 72 72 LEU LEU B . n 
B 1 73 ILE 73 73 73 ILE ILE B . n 
B 1 74 LEU 74 74 74 LEU LEU B . n 
B 1 75 VAL 75 75 75 VAL VAL B . n 
B 1 76 ILE 76 76 76 ILE ILE B . n 
B 1 77 LYS 77 77 77 LYS LYS B . n 
B 1 78 MET 78 78 78 MET MET B . n 
B 1 79 GLY 79 79 79 GLY GLY B . n 
B 1 80 VAL 80 80 80 VAL VAL B . n 
B 1 81 ALA 81 81 81 ALA ALA B . n 
B 1 82 ALA 82 82 82 ALA ALA B . n 
B 1 83 HIS 83 83 83 HIS HIS B . n 
B 1 84 LYS 84 84 84 LYS LYS B . n 
B 1 85 LYS 85 85 85 LYS LYS B . n 
B 1 86 SER 86 86 86 SER SER B . n 
B 1 87 HIS 87 87 87 HIS HIS B . n 
B 1 88 GLU 88 88 88 GLU GLU B . n 
B 1 89 GLU 89 89 89 GLU GLU B . n 
B 1 90 SER 90 90 90 SER SER B . n 
B 1 91 HIS 91 91 ?  ?   ?   B . n 
B 1 92 LYS 92 92 ?  ?   ?   B . n 
B 1 93 GLU 93 93 ?  ?   ?   B . n 
# 
loop_
_pdbx_nonpoly_scheme.asym_id 
_pdbx_nonpoly_scheme.entity_id 
_pdbx_nonpoly_scheme.mon_id 
_pdbx_nonpoly_scheme.ndb_seq_num 
_pdbx_nonpoly_scheme.pdb_seq_num 
_pdbx_nonpoly_scheme.auth_seq_num 
_pdbx_nonpoly_scheme.pdb_mon_id 
_pdbx_nonpoly_scheme.auth_mon_id 
_pdbx_nonpoly_scheme.pdb_strand_id 
_pdbx_nonpoly_scheme.pdb_ins_code 
C 2 CA  1  101 101 CA  OC1 A . 
D 2 CA  1  102 102 CA  OC1 A . 
E 2 CA  1  101 101 CA  OC1 B . 
F 2 CA  1  102 102 CA  OC1 B . 
G 3 HOH 1  103 8   HOH HOH A . 
G 3 HOH 2  104 9   HOH HOH A . 
G 3 HOH 3  105 17  HOH HOH A . 
G 3 HOH 4  106 18  HOH HOH A . 
G 3 HOH 5  107 21  HOH HOH A . 
G 3 HOH 6  108 23  HOH HOH A . 
G 3 HOH 7  109 25  HOH HOH A . 
G 3 HOH 8  110 27  HOH HOH A . 
G 3 HOH 9  111 36  HOH HOH A . 
G 3 HOH 10 112 38  HOH HOH A . 
G 3 HOH 11 113 39  HOH HOH A . 
G 3 HOH 12 114 42  HOH HOH A . 
G 3 HOH 13 115 44  HOH HOH A . 
G 3 HOH 14 116 47  HOH HOH A . 
G 3 HOH 15 117 49  HOH HOH A . 
G 3 HOH 16 118 53  HOH HOH A . 
G 3 HOH 17 119 55  HOH HOH A . 
G 3 HOH 18 120 58  HOH HOH A . 
G 3 HOH 19 121 63  HOH HOH A . 
G 3 HOH 20 122 64  HOH HOH A . 
G 3 HOH 21 123 65  HOH HOH A . 
G 3 HOH 22 124 66  HOH HOH A . 
G 3 HOH 23 125 67  HOH HOH A . 
G 3 HOH 24 126 69  HOH HOH A . 
G 3 HOH 25 127 70  HOH HOH A . 
G 3 HOH 26 128 71  HOH HOH A . 
G 3 HOH 27 129 73  HOH HOH A . 
G 3 HOH 28 130 79  HOH HOH A . 
G 3 HOH 29 131 83  HOH HOH A . 
G 3 HOH 30 132 84  HOH HOH A . 
G 3 HOH 31 133 88  HOH HOH A . 
G 3 HOH 32 134 89  HOH HOH A . 
G 3 HOH 33 135 93  HOH HOH A . 
G 3 HOH 34 136 94  HOH HOH A . 
G 3 HOH 35 137 96  HOH HOH A . 
G 3 HOH 36 138 99  HOH HOH A . 
G 3 HOH 37 139 101 HOH HOH A . 
G 3 HOH 38 140 101 HOH OC1 A . 
G 3 HOH 39 141 102 HOH OC1 A . 
H 3 HOH 1  103 1   HOH HOH B . 
H 3 HOH 2  104 3   HOH HOH B . 
H 3 HOH 3  105 4   HOH HOH B . 
H 3 HOH 4  106 6   HOH HOH B . 
H 3 HOH 5  107 7   HOH HOH B . 
H 3 HOH 6  108 11  HOH HOH B . 
H 3 HOH 7  109 12  HOH HOH B . 
H 3 HOH 8  110 13  HOH HOH B . 
H 3 HOH 9  111 14  HOH HOH B . 
H 3 HOH 10 112 15  HOH HOH B . 
H 3 HOH 11 113 19  HOH HOH B . 
H 3 HOH 12 114 20  HOH HOH B . 
H 3 HOH 13 115 22  HOH HOH B . 
H 3 HOH 14 116 24  HOH HOH B . 
H 3 HOH 15 117 26  HOH HOH B . 
H 3 HOH 16 118 28  HOH HOH B . 
H 3 HOH 17 119 29  HOH HOH B . 
H 3 HOH 18 120 30  HOH HOH B . 
H 3 HOH 19 121 31  HOH HOH B . 
H 3 HOH 20 122 32  HOH HOH B . 
H 3 HOH 21 123 33  HOH HOH B . 
H 3 HOH 22 124 34  HOH HOH B . 
H 3 HOH 23 125 35  HOH HOH B . 
H 3 HOH 24 126 37  HOH HOH B . 
H 3 HOH 25 127 40  HOH HOH B . 
H 3 HOH 26 128 41  HOH HOH B . 
H 3 HOH 27 129 43  HOH HOH B . 
H 3 HOH 28 130 45  HOH HOH B . 
H 3 HOH 29 131 46  HOH HOH B . 
H 3 HOH 30 132 48  HOH HOH B . 
H 3 HOH 31 133 50  HOH HOH B . 
H 3 HOH 32 134 51  HOH HOH B . 
H 3 HOH 33 135 52  HOH HOH B . 
H 3 HOH 34 136 54  HOH HOH B . 
H 3 HOH 35 137 56  HOH HOH B . 
H 3 HOH 36 138 57  HOH HOH B . 
H 3 HOH 37 139 59  HOH HOH B . 
H 3 HOH 38 140 60  HOH HOH B . 
H 3 HOH 39 141 61  HOH HOH B . 
H 3 HOH 40 142 62  HOH HOH B . 
H 3 HOH 41 143 68  HOH HOH B . 
H 3 HOH 42 144 72  HOH HOH B . 
H 3 HOH 43 145 74  HOH HOH B . 
H 3 HOH 44 146 75  HOH HOH B . 
H 3 HOH 45 147 76  HOH HOH B . 
H 3 HOH 46 148 77  HOH HOH B . 
H 3 HOH 47 149 78  HOH HOH B . 
H 3 HOH 48 150 80  HOH HOH B . 
H 3 HOH 49 151 81  HOH HOH B . 
H 3 HOH 50 152 82  HOH HOH B . 
H 3 HOH 51 153 85  HOH HOH B . 
H 3 HOH 52 154 86  HOH HOH B . 
H 3 HOH 53 155 87  HOH HOH B . 
H 3 HOH 54 156 90  HOH HOH B . 
H 3 HOH 55 157 91  HOH HOH B . 
H 3 HOH 56 158 92  HOH HOH B . 
H 3 HOH 57 159 95  HOH HOH B . 
H 3 HOH 58 160 97  HOH HOH B . 
H 3 HOH 59 161 98  HOH HOH B . 
H 3 HOH 60 162 100 HOH HOH B . 
H 3 HOH 61 163 102 HOH HOH B . 
H 3 HOH 62 164 103 HOH HOH B . 
H 3 HOH 63 165 101 HOH OC1 B . 
H 3 HOH 64 166 102 HOH OC1 B . 
# 
loop_
_software.name 
_software.classification 
_software.version 
_software.citation_id 
_software.pdbx_ordinal 
SHARP  phasing          .         ? 1 
X-PLOR refinement       3.851     ? 2 
DENZO  'data reduction' .         ? 3 
CCP4   'data scaling'   '(SCALA)' ? 4 
# 
_cell.entry_id           1MR8 
_cell.length_a           52.500 
_cell.length_b           52.500 
_cell.length_c           128.600 
_cell.angle_alpha        90.00 
_cell.angle_beta         90.00 
_cell.angle_gamma        120.00 
_cell.Z_PDB              12 
_cell.pdbx_unique_axis   ? 
# 
_symmetry.entry_id                         1MR8 
_symmetry.space_group_name_H-M             'P 31 2 1' 
_symmetry.pdbx_full_space_group_name_H-M   ? 
_symmetry.cell_setting                     ? 
_symmetry.Int_Tables_number                152 
# 
_exptl.entry_id          1MR8 
_exptl.method            'X-RAY DIFFRACTION' 
_exptl.crystals_number   1 
# 
_exptl_crystal.id                    1 
_exptl_crystal.density_meas          ? 
_exptl_crystal.density_Matthews      2.36 
_exptl_crystal.density_percent_sol   48.0 
_exptl_crystal.description           
'INITIAL DENSITY WAS OBTAINED BY THE MAD USING YTTERBIUM DERIVATIVE, THEN REFINED NATIVE STRUCUURE' 
# 
_exptl_crystal_grow.crystal_id      1 
_exptl_crystal_grow.method          ? 
_exptl_crystal_grow.temp            ? 
_exptl_crystal_grow.temp_details    ? 
_exptl_crystal_grow.pH              6.2 
_exptl_crystal_grow.pdbx_details    '15%(W/V) PEG6000, 0.1M MES, 0.1M MES PH 6.2, 20MM CACL2' 
_exptl_crystal_grow.pdbx_pH_range   . 
# 
_diffrn.id                     1 
_diffrn.ambient_temp           100.0 
_diffrn.ambient_temp_details   ? 
_diffrn.crystal_id             1 
# 
_diffrn_detector.diffrn_id              1 
_diffrn_detector.detector               'IMAGE PLATE' 
_diffrn_detector.type                   FUJI 
_diffrn_detector.pdbx_collection_date   1995-01-01 
_diffrn_detector.details                MIRRORS 
# 
_diffrn_radiation.diffrn_id                        1 
_diffrn_radiation.wavelength_id                    1 
_diffrn_radiation.pdbx_monochromatic_or_laue_m_l   M 
_diffrn_radiation.monochromator                    ? 
_diffrn_radiation.pdbx_diffrn_protocol             'SINGLE WAVELENGTH' 
_diffrn_radiation.pdbx_scattering_type             x-ray 
# 
_diffrn_radiation_wavelength.id           1 
_diffrn_radiation_wavelength.wavelength   1.00 
_diffrn_radiation_wavelength.wt           1.0 
# 
_diffrn_source.diffrn_id                   1 
_diffrn_source.source                      SYNCHROTRON 
_diffrn_source.type                        'PHOTON FACTORY BEAMLINE BL-6B' 
_diffrn_source.pdbx_synchrotron_site       'Photon Factory' 
_diffrn_source.pdbx_synchrotron_beamline   BL-6B 
_diffrn_source.pdbx_wavelength             1.00 
_diffrn_source.pdbx_wavelength_list        ? 
# 
_reflns.entry_id                     1MR8 
_reflns.observed_criterion_sigma_I   ? 
_reflns.observed_criterion_sigma_F   ? 
_reflns.d_resolution_low             37.0 
_reflns.d_resolution_high            1.9 
_reflns.number_obs                   97834 
_reflns.number_all                   ? 
_reflns.percent_possible_obs         96.3 
_reflns.pdbx_Rmerge_I_obs            0.0620000 
_reflns.pdbx_Rsym_value              ? 
_reflns.pdbx_netI_over_sigmaI        10.1 
_reflns.B_iso_Wilson_estimate        12.9 
_reflns.pdbx_redundancy              6.0 
_reflns.R_free_details               ? 
_reflns.limit_h_max                  ? 
_reflns.limit_h_min                  ? 
_reflns.limit_k_max                  ? 
_reflns.limit_k_min                  ? 
_reflns.limit_l_max                  ? 
_reflns.limit_l_min                  ? 
_reflns.observed_criterion_F_max     ? 
_reflns.observed_criterion_F_min     ? 
_reflns.pdbx_ordinal                 1 
_reflns.pdbx_diffrn_id               1 
# 
_reflns_shell.d_res_high             1.9 
_reflns_shell.d_res_low              2.0 
_reflns_shell.percent_possible_all   96.3 
_reflns_shell.Rmerge_I_obs           0.3340000 
_reflns_shell.pdbx_Rsym_value        ? 
_reflns_shell.meanI_over_sigI_obs    2.1 
_reflns_shell.pdbx_redundancy        5.0 
_reflns_shell.percent_possible_obs   ? 
_reflns_shell.number_unique_all      ? 
_reflns_shell.pdbx_ordinal           1 
_reflns_shell.pdbx_diffrn_id         1 
# 
_refine.entry_id                                 1MR8 
_refine.ls_number_reflns_obs                     15822 
_refine.ls_number_reflns_all                     ? 
_refine.pdbx_ls_sigma_I                          ? 
_refine.pdbx_ls_sigma_F                          0.0 
_refine.pdbx_data_cutoff_high_absF               ? 
_refine.pdbx_data_cutoff_low_absF                ? 
_refine.pdbx_data_cutoff_high_rms_absF           ? 
_refine.ls_d_res_low                             20.0 
_refine.ls_d_res_high                            1.9 
_refine.ls_percent_reflns_obs                    93.9 
_refine.ls_R_factor_obs                          0.1930000 
_refine.ls_R_factor_all                          ? 
_refine.ls_R_factor_R_work                       0.1930000 
_refine.ls_R_factor_R_free                       0.2340000 
_refine.ls_R_factor_R_free_error                 0.006 
_refine.ls_R_factor_R_free_error_details         ? 
_refine.ls_percent_reflns_R_free                 10.1 
_refine.ls_number_reflns_R_free                  1602 
_refine.ls_number_parameters                     ? 
_refine.ls_number_restraints                     ? 
_refine.occupancy_min                            ? 
_refine.occupancy_max                            ? 
_refine.B_iso_mean                               26.2 
_refine.aniso_B[1][1]                            ? 
_refine.aniso_B[2][2]                            ? 
_refine.aniso_B[3][3]                            ? 
_refine.aniso_B[1][2]                            ? 
_refine.aniso_B[1][3]                            ? 
_refine.aniso_B[2][3]                            ? 
_refine.solvent_model_details                    ? 
_refine.solvent_model_param_ksol                 ? 
_refine.solvent_model_param_bsol                 ? 
_refine.pdbx_ls_cross_valid_method               THROUGHOUT 
_refine.details                                  'BULK SOLVENT MODEL USED' 
_refine.pdbx_starting_model                      ? 
_refine.pdbx_method_to_determine_struct          MAD 
_refine.pdbx_isotropic_thermal_model             RESTRAINED 
_refine.pdbx_stereochemistry_target_values       ? 
_refine.pdbx_stereochem_target_val_spec_case     ? 
_refine.pdbx_R_Free_selection_details            RANDOM 
_refine.pdbx_overall_ESU_R                       ? 
_refine.pdbx_overall_ESU_R_Free                  ? 
_refine.overall_SU_ML                            ? 
_refine.overall_SU_B                             ? 
_refine.ls_redundancy_reflns_obs                 ? 
_refine.B_iso_min                                ? 
_refine.B_iso_max                                ? 
_refine.pdbx_refine_id                           'X-RAY DIFFRACTION' 
_refine.pdbx_diffrn_id                           1 
_refine.pdbx_TLS_residual_ADP_flag               ? 
_refine.correlation_coeff_Fo_to_Fc               ? 
_refine.correlation_coeff_Fo_to_Fc_free          ? 
_refine.pdbx_solvent_vdw_probe_radii             ? 
_refine.pdbx_solvent_ion_probe_radii             ? 
_refine.pdbx_solvent_shrinkage_radii             ? 
_refine.pdbx_overall_phase_error                 ? 
_refine.overall_SU_R_Cruickshank_DPI             ? 
_refine.pdbx_overall_SU_R_free_Cruickshank_DPI   ? 
_refine.pdbx_overall_SU_R_Blow_DPI               ? 
_refine.pdbx_overall_SU_R_free_Blow_DPI          ? 
# 
_refine_analyze.entry_id                        1MR8 
_refine_analyze.Luzzati_coordinate_error_obs    0.2 
_refine_analyze.Luzzati_sigma_a_obs             0.22 
_refine_analyze.Luzzati_d_res_low_obs           5.0 
_refine_analyze.Luzzati_coordinate_error_free   0.24 
_refine_analyze.Luzzati_sigma_a_free            0.23 
_refine_analyze.Luzzati_d_res_low_free          ? 
_refine_analyze.number_disordered_residues      ? 
_refine_analyze.occupancy_sum_hydrogen          ? 
_refine_analyze.occupancy_sum_non_hydrogen      ? 
_refine_analyze.pdbx_Luzzati_d_res_high_obs     ? 
_refine_analyze.pdbx_refine_id                  'X-RAY DIFFRACTION' 
# 
_refine_hist.pdbx_refine_id                   'X-RAY DIFFRACTION' 
_refine_hist.cycle_id                         LAST 
_refine_hist.pdbx_number_atoms_protein        1470 
_refine_hist.pdbx_number_atoms_nucleic_acid   0 
_refine_hist.pdbx_number_atoms_ligand         4 
_refine_hist.number_atoms_solvent             103 
_refine_hist.number_atoms_total               1577 
_refine_hist.d_res_high                       1.9 
_refine_hist.d_res_low                        20.0 
# 
loop_
_refine_ls_restr.type 
_refine_ls_restr.dev_ideal 
_refine_ls_restr.dev_ideal_target 
_refine_ls_restr.weight 
_refine_ls_restr.number 
_refine_ls_restr.pdbx_refine_id 
_refine_ls_restr.pdbx_restraint_function 
x_bond_d                0.005 ?   ? ? 'X-RAY DIFFRACTION' ? 
x_bond_d_na             ?     ?   ? ? 'X-RAY DIFFRACTION' ? 
x_bond_d_prot           ?     ?   ? ? 'X-RAY DIFFRACTION' ? 
x_angle_d               ?     ?   ? ? 'X-RAY DIFFRACTION' ? 
x_angle_d_na            ?     ?   ? ? 'X-RAY DIFFRACTION' ? 
x_angle_d_prot          ?     ?   ? ? 'X-RAY DIFFRACTION' ? 
x_angle_deg             1.0   ?   ? ? 'X-RAY DIFFRACTION' ? 
x_angle_deg_na          ?     ?   ? ? 'X-RAY DIFFRACTION' ? 
x_angle_deg_prot        ?     ?   ? ? 'X-RAY DIFFRACTION' ? 
x_dihedral_angle_d      23.8  ?   ? ? 'X-RAY DIFFRACTION' ? 
x_dihedral_angle_d_na   ?     ?   ? ? 'X-RAY DIFFRACTION' ? 
x_dihedral_angle_d_prot ?     ?   ? ? 'X-RAY DIFFRACTION' ? 
x_improper_angle_d      0.63  ?   ? ? 'X-RAY DIFFRACTION' ? 
x_improper_angle_d_na   ?     ?   ? ? 'X-RAY DIFFRACTION' ? 
x_improper_angle_d_prot ?     ?   ? ? 'X-RAY DIFFRACTION' ? 
x_mcbond_it             1.95  1.5 ? ? 'X-RAY DIFFRACTION' ? 
x_mcangle_it            3.13  2.0 ? ? 'X-RAY DIFFRACTION' ? 
x_scbond_it             3.77  2.0 ? ? 'X-RAY DIFFRACTION' ? 
x_scangle_it            6.04  2.5 ? ? 'X-RAY DIFFRACTION' ? 
# 
_refine_ls_shell.pdbx_total_number_of_bins_used   6 
_refine_ls_shell.d_res_high                       1.9 
_refine_ls_shell.d_res_low                        2.02 
_refine_ls_shell.number_reflns_R_work             2093 
_refine_ls_shell.R_factor_R_work                  0.2660000 
_refine_ls_shell.percent_reflns_obs               84.5 
_refine_ls_shell.R_factor_R_free                  0.2900000 
_refine_ls_shell.R_factor_R_free_error            0.02 
_refine_ls_shell.percent_reflns_R_free            10.1 
_refine_ls_shell.number_reflns_R_free             235 
_refine_ls_shell.redundancy_reflns_obs            ? 
_refine_ls_shell.number_reflns_all                ? 
_refine_ls_shell.number_reflns_obs                ? 
_refine_ls_shell.pdbx_refine_id                   'X-RAY DIFFRACTION' 
_refine_ls_shell.R_factor_all                     ? 
# 
loop_
_pdbx_xplor_file.serial_no 
_pdbx_xplor_file.param_file 
_pdbx_xplor_file.topol_file 
_pdbx_xplor_file.pdbx_refine_id 
1 PROTEIN_REP.PARAM  TOPHCSDX.PRO      'X-RAY DIFFRACTION' 
2 PARAMETER.ELEMENTS TOPOLOGY.ELEMENTS 'X-RAY DIFFRACTION' 
3 ?                  WATER.TOP         'X-RAY DIFFRACTION' 
# 
_struct_ncs_oper.id             1 
_struct_ncs_oper.code           given 
_struct_ncs_oper.details        ? 
_struct_ncs_oper.matrix[1][1]   -0.82679456 
_struct_ncs_oper.matrix[1][2]   0.00505133 
_struct_ncs_oper.matrix[1][3]   -0.56248227 
_struct_ncs_oper.matrix[2][1]   0.03382004 
_struct_ncs_oper.matrix[2][2]   -0.99770431 
_struct_ncs_oper.matrix[2][3]   -0.05867230 
_struct_ncs_oper.matrix[3][1]   -0.56148667 
_struct_ncs_oper.matrix[3][2]   -0.06753321 
_struct_ncs_oper.matrix[3][3]   0.82472487 
_struct_ncs_oper.vector[1]      1.05673 
_struct_ncs_oper.vector[2]      0.18267 
_struct_ncs_oper.vector[3]      1.01442 
# 
_struct.entry_id                  1MR8 
_struct.title                     'MIGRATION INHIBITORY FACTOR-RELATED PROTEIN 8 FROM HUMAN' 
_struct.pdbx_model_details        ? 
_struct.pdbx_CASP_flag            ? 
_struct.pdbx_model_type_details   ? 
# 
_struct_keywords.entry_id        1MR8 
_struct_keywords.pdbx_keywords   'METAL TRANSPORT' 
_struct_keywords.text            
'CALCIUM-BINDING PROTEIN, MAD, MIGRATION INHIBITORY FACTOR_ RELATED PROTEIN 8, S100 PROTEIN, METAL TRANSPORT' 
# 
loop_
_struct_asym.id 
_struct_asym.pdbx_blank_PDB_chainid_flag 
_struct_asym.pdbx_modified 
_struct_asym.entity_id 
_struct_asym.details 
A N N 1 ? 
B N N 1 ? 
C N N 2 ? 
D N N 2 ? 
E N N 2 ? 
F N N 2 ? 
G N N 3 ? 
H N N 3 ? 
# 
_struct_ref.id                         1 
_struct_ref.db_name                    UNP 
_struct_ref.db_code                    S10A8_HUMAN 
_struct_ref.entity_id                  1 
_struct_ref.pdbx_seq_one_letter_code   ? 
_struct_ref.pdbx_align_begin           ? 
_struct_ref.pdbx_db_accession          P05109 
_struct_ref.pdbx_db_isoform            ? 
# 
loop_
_struct_ref_seq.align_id 
_struct_ref_seq.ref_id 
_struct_ref_seq.pdbx_PDB_id_code 
_struct_ref_seq.pdbx_strand_id 
_struct_ref_seq.seq_align_beg 
_struct_ref_seq.pdbx_seq_align_beg_ins_code 
_struct_ref_seq.seq_align_end 
_struct_ref_seq.pdbx_seq_align_end_ins_code 
_struct_ref_seq.pdbx_db_accession 
_struct_ref_seq.db_align_beg 
_struct_ref_seq.pdbx_db_align_beg_ins_code 
_struct_ref_seq.db_align_end 
_struct_ref_seq.pdbx_db_align_end_ins_code 
_struct_ref_seq.pdbx_auth_seq_align_beg 
_struct_ref_seq.pdbx_auth_seq_align_end 
1 1 1MR8 A 1 ? 93 ? P05109 1 ? 93 ? 1 93 
2 1 1MR8 B 1 ? 93 ? P05109 1 ? 93 ? 1 93 
# 
loop_
_pdbx_struct_assembly.id 
_pdbx_struct_assembly.details 
_pdbx_struct_assembly.method_details 
_pdbx_struct_assembly.oligomeric_details 
_pdbx_struct_assembly.oligomeric_count 
1 author_and_software_defined_assembly PISA     dimeric    2 
2 software_defined_assembly            PISA,PQS tetrameric 4 
# 
loop_
_pdbx_struct_assembly_prop.biol_id 
_pdbx_struct_assembly_prop.type 
_pdbx_struct_assembly_prop.value 
_pdbx_struct_assembly_prop.details 
1 'ABSA (A^2)' 2930  ? 
1 MORE         -80   ? 
1 'SSA (A^2)'  9860  ? 
2 'ABSA (A^2)' 7790  ? 
2 MORE         -176  ? 
2 'SSA (A^2)'  17780 ? 
# 
loop_
_pdbx_struct_assembly_gen.assembly_id 
_pdbx_struct_assembly_gen.oper_expression 
_pdbx_struct_assembly_gen.asym_id_list 
1 1   A,B,C,D,E,F,G,H 
2 1,2 A,B,C,D,E,F,G,H 
# 
loop_
_pdbx_struct_oper_list.id 
_pdbx_struct_oper_list.type 
_pdbx_struct_oper_list.name 
_pdbx_struct_oper_list.symmetry_operation 
_pdbx_struct_oper_list.matrix[1][1] 
_pdbx_struct_oper_list.matrix[1][2] 
_pdbx_struct_oper_list.matrix[1][3] 
_pdbx_struct_oper_list.vector[1] 
_pdbx_struct_oper_list.matrix[2][1] 
_pdbx_struct_oper_list.matrix[2][2] 
_pdbx_struct_oper_list.matrix[2][3] 
_pdbx_struct_oper_list.vector[2] 
_pdbx_struct_oper_list.matrix[3][1] 
_pdbx_struct_oper_list.matrix[3][2] 
_pdbx_struct_oper_list.matrix[3][3] 
_pdbx_struct_oper_list.vector[3] 
1 'identity operation'         1_555 x,y,z         1.0000000000 0.0000000000  0.0000000000 0.0000000000 0.0000000000  1.0000000000  0.0000000000  0.0000000000   0.0000000000 0.0000000000  1.0000000000  0.0000000000   
2 'crystal symmetry operation' 5_555 x-y,-y,-z+2/3 0.4714777079 -0.3205396804 0.8215613697 9.0537729543 -0.3205396804 -0.9301751660 -0.1789650074 -10.6105809472 0.8215613697 -0.1789650074 -0.5413025420 -20.3557980174 
# 
_struct_biol.id   1 
# 
loop_
_struct_conf.conf_type_id 
_struct_conf.id 
_struct_conf.pdbx_PDB_helix_id 
_struct_conf.beg_label_comp_id 
_struct_conf.beg_label_asym_id 
_struct_conf.beg_label_seq_id 
_struct_conf.pdbx_beg_PDB_ins_code 
_struct_conf.end_label_comp_id 
_struct_conf.end_label_asym_id 
_struct_conf.end_label_seq_id 
_struct_conf.pdbx_end_PDB_ins_code 
_struct_conf.beg_auth_comp_id 
_struct_conf.beg_auth_asym_id 
_struct_conf.beg_auth_seq_id 
_struct_conf.end_auth_comp_id 
_struct_conf.end_auth_asym_id 
_struct_conf.end_auth_seq_id 
_struct_conf.pdbx_PDB_helix_class 
_struct_conf.details 
_struct_conf.pdbx_PDB_helix_length 
HELX_P HELX_P1  1  GLU A 4  ? SER A 20 ? GLU A 4  SER A 20 1 ? 17 
HELX_P HELX_P2  2  ARG A 31 ? GLU A 41 ? ARG A 31 GLU A 41 1 ? 11 
HELX_P HELX_P3  3  GLN A 44 ? LYS A 49 ? GLN A 44 LYS A 49 1 ? 6  
HELX_P HELX_P4  4  ALA A 51 ? LEU A 58 ? ALA A 51 LEU A 58 1 ? 8  
HELX_P HELX_P5  5  PHE A 68 ? HIS A 87 ? PHE A 68 HIS A 87 1 ? 20 
HELX_P HELX_P6  6  GLU B 4  ? SER B 20 ? GLU B 4  SER B 20 1 ? 17 
HELX_P HELX_P7  7  ARG B 31 ? GLU B 41 ? ARG B 31 GLU B 41 1 ? 11 
HELX_P HELX_P8  8  GLN B 44 ? LYS B 49 ? GLN B 44 LYS B 49 1 ? 6  
HELX_P HELX_P9  9  ALA B 51 ? LEU B 58 ? ALA B 51 LEU B 58 1 ? 8  
HELX_P HELX_P10 10 PHE B 68 ? SER B 86 ? PHE B 68 SER B 86 1 ? 19 
# 
_struct_conf_type.id          HELX_P 
_struct_conf_type.criteria    ? 
_struct_conf_type.reference   ? 
# 
loop_
_struct_conn.id 
_struct_conn.conn_type_id 
_struct_conn.pdbx_leaving_atom_flag 
_struct_conn.pdbx_PDB_id 
_struct_conn.ptnr1_label_asym_id 
_struct_conn.ptnr1_label_comp_id 
_struct_conn.ptnr1_label_seq_id 
_struct_conn.ptnr1_label_atom_id 
_struct_conn.pdbx_ptnr1_label_alt_id 
_struct_conn.pdbx_ptnr1_PDB_ins_code 
_struct_conn.pdbx_ptnr1_standard_comp_id 
_struct_conn.ptnr1_symmetry 
_struct_conn.ptnr2_label_asym_id 
_struct_conn.ptnr2_label_comp_id 
_struct_conn.ptnr2_label_seq_id 
_struct_conn.ptnr2_label_atom_id 
_struct_conn.pdbx_ptnr2_label_alt_id 
_struct_conn.pdbx_ptnr2_PDB_ins_code 
_struct_conn.ptnr1_auth_asym_id 
_struct_conn.ptnr1_auth_comp_id 
_struct_conn.ptnr1_auth_seq_id 
_struct_conn.ptnr2_auth_asym_id 
_struct_conn.ptnr2_auth_comp_id 
_struct_conn.ptnr2_auth_seq_id 
_struct_conn.ptnr2_symmetry 
_struct_conn.pdbx_ptnr3_label_atom_id 
_struct_conn.pdbx_ptnr3_label_seq_id 
_struct_conn.pdbx_ptnr3_label_comp_id 
_struct_conn.pdbx_ptnr3_label_asym_id 
_struct_conn.pdbx_ptnr3_label_alt_id 
_struct_conn.pdbx_ptnr3_PDB_ins_code 
_struct_conn.details 
_struct_conn.pdbx_dist_value 
_struct_conn.pdbx_value_order 
_struct_conn.pdbx_role 
metalc1  metalc ? ? A SER 20 O   ? ? ? 1_555 D CA  . CA ? ? A SER 20  A CA  102 1_555 ? ? ? ? ? ? ? 2.492 ? ? 
metalc2  metalc ? ? A LYS 23 O   ? ? ? 1_555 D CA  . CA ? ? A LYS 23  A CA  102 1_555 ? ? ? ? ? ? ? 2.479 ? ? 
metalc3  metalc ? ? A ASN 25 O   ? ? ? 1_555 D CA  . CA ? ? A ASN 25  A CA  102 1_555 ? ? ? ? ? ? ? 2.543 ? ? 
metalc4  metalc ? ? A ALA 28 O   ? ? ? 1_555 D CA  . CA ? ? A ALA 28  A CA  102 1_555 ? ? ? ? ? ? ? 2.443 ? ? 
metalc5  metalc ? ? A ASP 59 OD1 ? ? ? 1_555 C CA  . CA ? ? A ASP 59  A CA  101 1_555 ? ? ? ? ? ? ? 2.379 ? ? 
metalc6  metalc ? ? A ASN 61 OD1 ? ? ? 1_555 C CA  . CA ? ? A ASN 61  A CA  101 1_555 ? ? ? ? ? ? ? 2.460 ? ? 
metalc7  metalc ? ? A ASP 63 OD1 ? ? ? 1_555 C CA  . CA ? ? A ASP 63  A CA  101 1_555 ? ? ? ? ? ? ? 2.527 ? ? 
metalc8  metalc ? ? A ALA 65 O   ? ? ? 1_555 C CA  . CA ? ? A ALA 65  A CA  101 1_555 ? ? ? ? ? ? ? 2.392 ? ? 
metalc9  metalc ? ? A GLU 70 OE1 ? ? ? 1_555 C CA  . CA ? ? A GLU 70  A CA  101 1_555 ? ? ? ? ? ? ? 2.629 ? ? 
metalc10 metalc ? ? A GLU 70 OE2 ? ? ? 1_555 C CA  . CA ? ? A GLU 70  A CA  101 1_555 ? ? ? ? ? ? ? 2.603 ? ? 
metalc11 metalc ? ? C CA  .  CA  ? ? ? 1_555 G HOH . O  ? ? A CA  101 A HOH 140 1_555 ? ? ? ? ? ? ? 2.560 ? ? 
metalc12 metalc ? ? D CA  .  CA  ? ? ? 1_555 G HOH . O  ? ? A CA  102 A HOH 141 1_555 ? ? ? ? ? ? ? 2.499 ? ? 
metalc13 metalc ? ? B SER 20 O   ? ? ? 1_555 F CA  . CA ? ? B SER 20  B CA  102 1_555 ? ? ? ? ? ? ? 2.436 ? ? 
metalc14 metalc ? ? B LYS 23 O   ? ? ? 1_555 F CA  . CA ? ? B LYS 23  B CA  102 1_555 ? ? ? ? ? ? ? 2.438 ? ? 
metalc15 metalc ? ? B ASN 25 O   ? ? ? 1_555 F CA  . CA ? ? B ASN 25  B CA  102 1_555 ? ? ? ? ? ? ? 2.600 ? ? 
metalc16 metalc ? ? B ALA 28 O   ? ? ? 1_555 F CA  . CA ? ? B ALA 28  B CA  102 1_555 ? ? ? ? ? ? ? 2.381 ? ? 
metalc17 metalc ? ? B ASP 59 OD1 ? ? ? 1_555 E CA  . CA ? ? B ASP 59  B CA  101 1_555 ? ? ? ? ? ? ? 2.421 ? ? 
metalc18 metalc ? ? B ASN 61 OD1 ? ? ? 1_555 E CA  . CA ? ? B ASN 61  B CA  101 1_555 ? ? ? ? ? ? ? 2.378 ? ? 
metalc19 metalc ? ? B ASP 63 OD1 ? ? ? 1_555 E CA  . CA ? ? B ASP 63  B CA  101 1_555 ? ? ? ? ? ? ? 2.551 ? ? 
metalc20 metalc ? ? B ALA 65 O   ? ? ? 1_555 E CA  . CA ? ? B ALA 65  B CA  101 1_555 ? ? ? ? ? ? ? 2.335 ? ? 
metalc21 metalc ? ? B GLU 70 OE1 ? ? ? 1_555 E CA  . CA ? ? B GLU 70  B CA  101 1_555 ? ? ? ? ? ? ? 2.606 ? ? 
metalc22 metalc ? ? B GLU 70 OE2 ? ? ? 1_555 E CA  . CA ? ? B GLU 70  B CA  101 1_555 ? ? ? ? ? ? ? 2.575 ? ? 
metalc23 metalc ? ? E CA  .  CA  ? ? ? 1_555 H HOH . O  ? ? B CA  101 B HOH 165 1_555 ? ? ? ? ? ? ? 2.609 ? ? 
metalc24 metalc ? ? F CA  .  CA  ? ? ? 1_555 H HOH . O  ? ? B CA  102 B HOH 166 1_555 ? ? ? ? ? ? ? 2.421 ? ? 
# 
_struct_conn_type.id          metalc 
_struct_conn_type.criteria    ? 
_struct_conn_type.reference   ? 
# 
loop_
_pdbx_struct_conn_angle.id 
_pdbx_struct_conn_angle.ptnr1_label_atom_id 
_pdbx_struct_conn_angle.ptnr1_label_alt_id 
_pdbx_struct_conn_angle.ptnr1_label_asym_id 
_pdbx_struct_conn_angle.ptnr1_label_comp_id 
_pdbx_struct_conn_angle.ptnr1_label_seq_id 
_pdbx_struct_conn_angle.ptnr1_auth_atom_id 
_pdbx_struct_conn_angle.ptnr1_auth_asym_id 
_pdbx_struct_conn_angle.ptnr1_auth_comp_id 
_pdbx_struct_conn_angle.ptnr1_auth_seq_id 
_pdbx_struct_conn_angle.ptnr1_PDB_ins_code 
_pdbx_struct_conn_angle.ptnr1_symmetry 
_pdbx_struct_conn_angle.ptnr2_label_atom_id 
_pdbx_struct_conn_angle.ptnr2_label_alt_id 
_pdbx_struct_conn_angle.ptnr2_label_asym_id 
_pdbx_struct_conn_angle.ptnr2_label_comp_id 
_pdbx_struct_conn_angle.ptnr2_label_seq_id 
_pdbx_struct_conn_angle.ptnr2_auth_atom_id 
_pdbx_struct_conn_angle.ptnr2_auth_asym_id 
_pdbx_struct_conn_angle.ptnr2_auth_comp_id 
_pdbx_struct_conn_angle.ptnr2_auth_seq_id 
_pdbx_struct_conn_angle.ptnr2_PDB_ins_code 
_pdbx_struct_conn_angle.ptnr2_symmetry 
_pdbx_struct_conn_angle.ptnr3_label_atom_id 
_pdbx_struct_conn_angle.ptnr3_label_alt_id 
_pdbx_struct_conn_angle.ptnr3_label_asym_id 
_pdbx_struct_conn_angle.ptnr3_label_comp_id 
_pdbx_struct_conn_angle.ptnr3_label_seq_id 
_pdbx_struct_conn_angle.ptnr3_auth_atom_id 
_pdbx_struct_conn_angle.ptnr3_auth_asym_id 
_pdbx_struct_conn_angle.ptnr3_auth_comp_id 
_pdbx_struct_conn_angle.ptnr3_auth_seq_id 
_pdbx_struct_conn_angle.ptnr3_PDB_ins_code 
_pdbx_struct_conn_angle.ptnr3_symmetry 
_pdbx_struct_conn_angle.value 
_pdbx_struct_conn_angle.value_esd 
1  O   ? A SER 20 ? A SER 20 ? 1_555 CA ? D CA . ? A CA 102 ? 1_555 O   ? A LYS 23 ? A LYS 23  ? 1_555 107.5 ? 
2  O   ? A SER 20 ? A SER 20 ? 1_555 CA ? D CA . ? A CA 102 ? 1_555 O   ? A ASN 25 ? A ASN 25  ? 1_555 94.5  ? 
3  O   ? A LYS 23 ? A LYS 23 ? 1_555 CA ? D CA . ? A CA 102 ? 1_555 O   ? A ASN 25 ? A ASN 25  ? 1_555 85.3  ? 
4  O   ? A SER 20 ? A SER 20 ? 1_555 CA ? D CA . ? A CA 102 ? 1_555 O   ? A ALA 28 ? A ALA 28  ? 1_555 95.4  ? 
5  O   ? A LYS 23 ? A LYS 23 ? 1_555 CA ? D CA . ? A CA 102 ? 1_555 O   ? A ALA 28 ? A ALA 28  ? 1_555 156.2 ? 
6  O   ? A ASN 25 ? A ASN 25 ? 1_555 CA ? D CA . ? A CA 102 ? 1_555 O   ? A ALA 28 ? A ALA 28  ? 1_555 86.6  ? 
7  O   ? A SER 20 ? A SER 20 ? 1_555 CA ? D CA . ? A CA 102 ? 1_555 O   ? G HOH .  ? A HOH 141 ? 1_555 92.1  ? 
8  O   ? A LYS 23 ? A LYS 23 ? 1_555 CA ? D CA . ? A CA 102 ? 1_555 O   ? G HOH .  ? A HOH 141 ? 1_555 88.5  ? 
9  O   ? A ASN 25 ? A ASN 25 ? 1_555 CA ? D CA . ? A CA 102 ? 1_555 O   ? G HOH .  ? A HOH 141 ? 1_555 172.0 ? 
10 O   ? A ALA 28 ? A ALA 28 ? 1_555 CA ? D CA . ? A CA 102 ? 1_555 O   ? G HOH .  ? A HOH 141 ? 1_555 97.2  ? 
11 OD1 ? A ASP 59 ? A ASP 59 ? 1_555 CA ? C CA . ? A CA 101 ? 1_555 OD1 ? A ASN 61 ? A ASN 61  ? 1_555 81.5  ? 
12 OD1 ? A ASP 59 ? A ASP 59 ? 1_555 CA ? C CA . ? A CA 101 ? 1_555 OD1 ? A ASP 63 ? A ASP 63  ? 1_555 81.8  ? 
13 OD1 ? A ASN 61 ? A ASN 61 ? 1_555 CA ? C CA . ? A CA 101 ? 1_555 OD1 ? A ASP 63 ? A ASP 63  ? 1_555 77.9  ? 
14 OD1 ? A ASP 59 ? A ASP 59 ? 1_555 CA ? C CA . ? A CA 101 ? 1_555 O   ? A ALA 65 ? A ALA 65  ? 1_555 82.4  ? 
15 OD1 ? A ASN 61 ? A ASN 61 ? 1_555 CA ? C CA . ? A CA 101 ? 1_555 O   ? A ALA 65 ? A ALA 65  ? 1_555 155.4 ? 
16 OD1 ? A ASP 63 ? A ASP 63 ? 1_555 CA ? C CA . ? A CA 101 ? 1_555 O   ? A ALA 65 ? A ALA 65  ? 1_555 81.4  ? 
17 OD1 ? A ASP 59 ? A ASP 59 ? 1_555 CA ? C CA . ? A CA 101 ? 1_555 OE1 ? A GLU 70 ? A GLU 70  ? 1_555 119.1 ? 
18 OD1 ? A ASN 61 ? A ASN 61 ? 1_555 CA ? C CA . ? A CA 101 ? 1_555 OE1 ? A GLU 70 ? A GLU 70  ? 1_555 126.8 ? 
19 OD1 ? A ASP 63 ? A ASP 63 ? 1_555 CA ? C CA . ? A CA 101 ? 1_555 OE1 ? A GLU 70 ? A GLU 70  ? 1_555 147.5 ? 
20 O   ? A ALA 65 ? A ALA 65 ? 1_555 CA ? C CA . ? A CA 101 ? 1_555 OE1 ? A GLU 70 ? A GLU 70  ? 1_555 77.5  ? 
21 OD1 ? A ASP 59 ? A ASP 59 ? 1_555 CA ? C CA . ? A CA 101 ? 1_555 OE2 ? A GLU 70 ? A GLU 70  ? 1_555 98.0  ? 
22 OD1 ? A ASN 61 ? A ASN 61 ? 1_555 CA ? C CA . ? A CA 101 ? 1_555 OE2 ? A GLU 70 ? A GLU 70  ? 1_555 81.0  ? 
23 OD1 ? A ASP 63 ? A ASP 63 ? 1_555 CA ? C CA . ? A CA 101 ? 1_555 OE2 ? A GLU 70 ? A GLU 70  ? 1_555 158.7 ? 
24 O   ? A ALA 65 ? A ALA 65 ? 1_555 CA ? C CA . ? A CA 101 ? 1_555 OE2 ? A GLU 70 ? A GLU 70  ? 1_555 119.7 ? 
25 OE1 ? A GLU 70 ? A GLU 70 ? 1_555 CA ? C CA . ? A CA 101 ? 1_555 OE2 ? A GLU 70 ? A GLU 70  ? 1_555 49.7  ? 
26 OD1 ? A ASP 59 ? A ASP 59 ? 1_555 CA ? C CA . ? A CA 101 ? 1_555 O   ? G HOH .  ? A HOH 140 ? 1_555 159.7 ? 
27 OD1 ? A ASN 61 ? A ASN 61 ? 1_555 CA ? C CA . ? A CA 101 ? 1_555 O   ? G HOH .  ? A HOH 140 ? 1_555 88.6  ? 
28 OD1 ? A ASP 63 ? A ASP 63 ? 1_555 CA ? C CA . ? A CA 101 ? 1_555 O   ? G HOH .  ? A HOH 140 ? 1_555 78.8  ? 
29 O   ? A ALA 65 ? A ALA 65 ? 1_555 CA ? C CA . ? A CA 101 ? 1_555 O   ? G HOH .  ? A HOH 140 ? 1_555 100.3 ? 
30 OE1 ? A GLU 70 ? A GLU 70 ? 1_555 CA ? C CA . ? A CA 101 ? 1_555 O   ? G HOH .  ? A HOH 140 ? 1_555 80.9  ? 
31 OE2 ? A GLU 70 ? A GLU 70 ? 1_555 CA ? C CA . ? A CA 101 ? 1_555 O   ? G HOH .  ? A HOH 140 ? 1_555 97.9  ? 
32 O   ? B SER 20 ? B SER 20 ? 1_555 CA ? F CA . ? B CA 102 ? 1_555 O   ? B LYS 23 ? B LYS 23  ? 1_555 107.8 ? 
33 O   ? B SER 20 ? B SER 20 ? 1_555 CA ? F CA . ? B CA 102 ? 1_555 O   ? B ASN 25 ? B ASN 25  ? 1_555 88.6  ? 
34 O   ? B LYS 23 ? B LYS 23 ? 1_555 CA ? F CA . ? B CA 102 ? 1_555 O   ? B ASN 25 ? B ASN 25  ? 1_555 96.0  ? 
35 O   ? B SER 20 ? B SER 20 ? 1_555 CA ? F CA . ? B CA 102 ? 1_555 O   ? B ALA 28 ? B ALA 28  ? 1_555 102.3 ? 
36 O   ? B LYS 23 ? B LYS 23 ? 1_555 CA ? F CA . ? B CA 102 ? 1_555 O   ? B ALA 28 ? B ALA 28  ? 1_555 149.9 ? 
37 O   ? B ASN 25 ? B ASN 25 ? 1_555 CA ? F CA . ? B CA 102 ? 1_555 O   ? B ALA 28 ? B ALA 28  ? 1_555 83.8  ? 
38 O   ? B SER 20 ? B SER 20 ? 1_555 CA ? F CA . ? B CA 102 ? 1_555 O   ? H HOH .  ? B HOH 166 ? 1_555 88.0  ? 
39 O   ? B LYS 23 ? B LYS 23 ? 1_555 CA ? F CA . ? B CA 102 ? 1_555 O   ? H HOH .  ? B HOH 166 ? 1_555 83.1  ? 
40 O   ? B ASN 25 ? B ASN 25 ? 1_555 CA ? F CA . ? B CA 102 ? 1_555 O   ? H HOH .  ? B HOH 166 ? 1_555 176.0 ? 
41 O   ? B ALA 28 ? B ALA 28 ? 1_555 CA ? F CA . ? B CA 102 ? 1_555 O   ? H HOH .  ? B HOH 166 ? 1_555 98.9  ? 
42 OD1 ? B ASP 59 ? B ASP 59 ? 1_555 CA ? E CA . ? B CA 101 ? 1_555 OD1 ? B ASN 61 ? B ASN 61  ? 1_555 82.9  ? 
43 OD1 ? B ASP 59 ? B ASP 59 ? 1_555 CA ? E CA . ? B CA 101 ? 1_555 OD1 ? B ASP 63 ? B ASP 63  ? 1_555 81.7  ? 
44 OD1 ? B ASN 61 ? B ASN 61 ? 1_555 CA ? E CA . ? B CA 101 ? 1_555 OD1 ? B ASP 63 ? B ASP 63  ? 1_555 81.0  ? 
45 OD1 ? B ASP 59 ? B ASP 59 ? 1_555 CA ? E CA . ? B CA 101 ? 1_555 O   ? B ALA 65 ? B ALA 65  ? 1_555 83.2  ? 
46 OD1 ? B ASN 61 ? B ASN 61 ? 1_555 CA ? E CA . ? B CA 101 ? 1_555 O   ? B ALA 65 ? B ALA 65  ? 1_555 154.7 ? 
47 OD1 ? B ASP 63 ? B ASP 63 ? 1_555 CA ? E CA . ? B CA 101 ? 1_555 O   ? B ALA 65 ? B ALA 65  ? 1_555 76.1  ? 
48 OD1 ? B ASP 59 ? B ASP 59 ? 1_555 CA ? E CA . ? B CA 101 ? 1_555 OE1 ? B GLU 70 ? B GLU 70  ? 1_555 111.3 ? 
49 OD1 ? B ASN 61 ? B ASN 61 ? 1_555 CA ? E CA . ? B CA 101 ? 1_555 OE1 ? B GLU 70 ? B GLU 70  ? 1_555 125.7 ? 
50 OD1 ? B ASP 63 ? B ASP 63 ? 1_555 CA ? E CA . ? B CA 101 ? 1_555 OE1 ? B GLU 70 ? B GLU 70  ? 1_555 150.4 ? 
51 O   ? B ALA 65 ? B ALA 65 ? 1_555 CA ? E CA . ? B CA 101 ? 1_555 OE1 ? B GLU 70 ? B GLU 70  ? 1_555 79.2  ? 
52 OD1 ? B ASP 59 ? B ASP 59 ? 1_555 CA ? E CA . ? B CA 101 ? 1_555 OE2 ? B GLU 70 ? B GLU 70  ? 1_555 97.7  ? 
53 OD1 ? B ASN 61 ? B ASN 61 ? 1_555 CA ? E CA . ? B CA 101 ? 1_555 OE2 ? B GLU 70 ? B GLU 70  ? 1_555 76.8  ? 
54 OD1 ? B ASP 63 ? B ASP 63 ? 1_555 CA ? E CA . ? B CA 101 ? 1_555 OE2 ? B GLU 70 ? B GLU 70  ? 1_555 157.7 ? 
55 O   ? B ALA 65 ? B ALA 65 ? 1_555 CA ? E CA . ? B CA 101 ? 1_555 OE2 ? B GLU 70 ? B GLU 70  ? 1_555 126.1 ? 
56 OE1 ? B GLU 70 ? B GLU 70 ? 1_555 CA ? E CA . ? B CA 101 ? 1_555 OE2 ? B GLU 70 ? B GLU 70  ? 1_555 50.1  ? 
57 OD1 ? B ASP 59 ? B ASP 59 ? 1_555 CA ? E CA . ? B CA 101 ? 1_555 O   ? H HOH .  ? B HOH 165 ? 1_555 158.7 ? 
58 OD1 ? B ASN 61 ? B ASN 61 ? 1_555 CA ? E CA . ? B CA 101 ? 1_555 O   ? H HOH .  ? B HOH 165 ? 1_555 89.9  ? 
59 OD1 ? B ASP 63 ? B ASP 63 ? 1_555 CA ? E CA . ? B CA 101 ? 1_555 O   ? H HOH .  ? B HOH 165 ? 1_555 77.4  ? 
60 O   ? B ALA 65 ? B ALA 65 ? 1_555 CA ? E CA . ? B CA 101 ? 1_555 O   ? H HOH .  ? B HOH 165 ? 1_555 95.5  ? 
61 OE1 ? B GLU 70 ? B GLU 70 ? 1_555 CA ? E CA . ? B CA 101 ? 1_555 O   ? H HOH .  ? B HOH 165 ? 1_555 89.2  ? 
62 OE2 ? B GLU 70 ? B GLU 70 ? 1_555 CA ? E CA . ? B CA 101 ? 1_555 O   ? H HOH .  ? B HOH 165 ? 1_555 100.1 ? 
# 
loop_
_struct_sheet.id 
_struct_sheet.type 
_struct_sheet.number_strands 
_struct_sheet.details 
A ? 2 ? 
B ? 2 ? 
# 
loop_
_struct_sheet_order.sheet_id 
_struct_sheet_order.range_id_1 
_struct_sheet_order.range_id_2 
_struct_sheet_order.offset 
_struct_sheet_order.sense 
A 1 2 ? anti-parallel 
B 1 2 ? anti-parallel 
# 
loop_
_struct_sheet_range.sheet_id 
_struct_sheet_range.id 
_struct_sheet_range.beg_label_comp_id 
_struct_sheet_range.beg_label_asym_id 
_struct_sheet_range.beg_label_seq_id 
_struct_sheet_range.pdbx_beg_PDB_ins_code 
_struct_sheet_range.end_label_comp_id 
_struct_sheet_range.end_label_asym_id 
_struct_sheet_range.end_label_seq_id 
_struct_sheet_range.pdbx_end_PDB_ins_code 
_struct_sheet_range.beg_auth_comp_id 
_struct_sheet_range.beg_auth_asym_id 
_struct_sheet_range.beg_auth_seq_id 
_struct_sheet_range.end_auth_comp_id 
_struct_sheet_range.end_auth_asym_id 
_struct_sheet_range.end_auth_seq_id 
A 1 VAL A 29 ? TYR A 30 ? VAL A 29 TYR A 30 
A 2 ALA A 65 ? VAL A 66 ? ALA A 65 VAL A 66 
B 1 VAL B 29 ? TYR B 30 ? VAL B 29 TYR B 30 
B 2 ALA B 65 ? VAL B 66 ? ALA B 65 VAL B 66 
# 
loop_
_pdbx_struct_sheet_hbond.sheet_id 
_pdbx_struct_sheet_hbond.range_id_1 
_pdbx_struct_sheet_hbond.range_id_2 
_pdbx_struct_sheet_hbond.range_1_label_atom_id 
_pdbx_struct_sheet_hbond.range_1_label_comp_id 
_pdbx_struct_sheet_hbond.range_1_label_asym_id 
_pdbx_struct_sheet_hbond.range_1_label_seq_id 
_pdbx_struct_sheet_hbond.range_1_PDB_ins_code 
_pdbx_struct_sheet_hbond.range_1_auth_atom_id 
_pdbx_struct_sheet_hbond.range_1_auth_comp_id 
_pdbx_struct_sheet_hbond.range_1_auth_asym_id 
_pdbx_struct_sheet_hbond.range_1_auth_seq_id 
_pdbx_struct_sheet_hbond.range_2_label_atom_id 
_pdbx_struct_sheet_hbond.range_2_label_comp_id 
_pdbx_struct_sheet_hbond.range_2_label_asym_id 
_pdbx_struct_sheet_hbond.range_2_label_seq_id 
_pdbx_struct_sheet_hbond.range_2_PDB_ins_code 
_pdbx_struct_sheet_hbond.range_2_auth_atom_id 
_pdbx_struct_sheet_hbond.range_2_auth_comp_id 
_pdbx_struct_sheet_hbond.range_2_auth_asym_id 
_pdbx_struct_sheet_hbond.range_2_auth_seq_id 
A 1 2 O VAL A 29 ? O VAL A 29 N VAL A 66 ? N VAL A 66 
B 1 2 O VAL B 29 ? O VAL B 29 N VAL B 66 ? N VAL B 66 
# 
loop_
_struct_site.id 
_struct_site.pdbx_evidence_code 
_struct_site.pdbx_auth_asym_id 
_struct_site.pdbx_auth_comp_id 
_struct_site.pdbx_auth_seq_id 
_struct_site.pdbx_auth_ins_code 
_struct_site.pdbx_num_residues 
_struct_site.details 
EF1 Author   ? ?  ?   ? 4 'CALCIUM BINDING SITE IN EF HAND'   
EF2 Author   ? ?  ?   ? 4 'CALCIUM BINDING SITE IN EF HAND'   
EF3 Author   ? ?  ?   ? 4 'CALCIUM BINDING SITE IN EF HAND'   
EF4 Author   ? ?  ?   ? 4 'CALCIUM BINDING SITE IN EF HAND'   
AC1 Software A CA 101 ? 6 'BINDING SITE FOR RESIDUE CA A 101' 
AC2 Software A CA 102 ? 6 'BINDING SITE FOR RESIDUE CA A 102' 
AC3 Software B CA 101 ? 6 'BINDING SITE FOR RESIDUE CA B 101' 
AC4 Software B CA 102 ? 5 'BINDING SITE FOR RESIDUE CA B 102' 
# 
loop_
_struct_site_gen.id 
_struct_site_gen.site_id 
_struct_site_gen.pdbx_num_res 
_struct_site_gen.label_comp_id 
_struct_site_gen.label_asym_id 
_struct_site_gen.label_seq_id 
_struct_site_gen.pdbx_auth_ins_code 
_struct_site_gen.auth_comp_id 
_struct_site_gen.auth_asym_id 
_struct_site_gen.auth_seq_id 
_struct_site_gen.label_atom_id 
_struct_site_gen.label_alt_id 
_struct_site_gen.symmetry 
_struct_site_gen.details 
1  EF1 4 SER A 20 ? SER A 20  . ? 1_555 ? 
2  EF1 4 LYS A 23 ? LYS A 23  . ? 1_555 ? 
3  EF1 4 ASN A 25 ? ASN A 25  . ? 1_555 ? 
4  EF1 4 ALA A 28 ? ALA A 28  . ? 1_555 ? 
5  EF2 4 ASP A 59 ? ASP A 59  . ? 1_555 ? 
6  EF2 4 ASN A 61 ? ASN A 61  . ? 1_555 ? 
7  EF2 4 ASP A 63 ? ASP A 63  . ? 1_555 ? 
8  EF2 4 ALA A 65 ? ALA A 65  . ? 1_555 ? 
9  EF3 4 SER B 20 ? SER B 20  . ? 1_555 ? 
10 EF3 4 LYS B 23 ? LYS B 23  . ? 1_555 ? 
11 EF3 4 ASN B 25 ? ASN B 25  . ? 1_555 ? 
12 EF3 4 ALA B 28 ? ALA B 28  . ? 1_555 ? 
13 EF4 4 ASP B 59 ? ASP B 59  . ? 1_555 ? 
14 EF4 4 ASN B 61 ? ASN B 61  . ? 1_555 ? 
15 EF4 4 ASP B 63 ? ASP B 63  . ? 1_555 ? 
16 EF4 4 ALA B 65 ? ALA B 65  . ? 1_555 ? 
17 AC1 6 ASP A 59 ? ASP A 59  . ? 1_555 ? 
18 AC1 6 ASN A 61 ? ASN A 61  . ? 1_555 ? 
19 AC1 6 ASP A 63 ? ASP A 63  . ? 1_555 ? 
20 AC1 6 ALA A 65 ? ALA A 65  . ? 1_555 ? 
21 AC1 6 GLU A 70 ? GLU A 70  . ? 1_555 ? 
22 AC1 6 HOH G .  ? HOH A 140 . ? 1_555 ? 
23 AC2 6 SER A 20 ? SER A 20  . ? 1_555 ? 
24 AC2 6 LYS A 23 ? LYS A 23  . ? 1_555 ? 
25 AC2 6 ASN A 25 ? ASN A 25  . ? 1_555 ? 
26 AC2 6 ALA A 28 ? ALA A 28  . ? 1_555 ? 
27 AC2 6 TYR A 30 ? TYR A 30  . ? 1_555 ? 
28 AC2 6 HOH G .  ? HOH A 141 . ? 1_555 ? 
29 AC3 6 ASP B 59 ? ASP B 59  . ? 1_555 ? 
30 AC3 6 ASN B 61 ? ASN B 61  . ? 1_555 ? 
31 AC3 6 ASP B 63 ? ASP B 63  . ? 1_555 ? 
32 AC3 6 ALA B 65 ? ALA B 65  . ? 1_555 ? 
33 AC3 6 GLU B 70 ? GLU B 70  . ? 1_555 ? 
34 AC3 6 HOH H .  ? HOH B 165 . ? 1_555 ? 
35 AC4 5 SER B 20 ? SER B 20  . ? 1_555 ? 
36 AC4 5 LYS B 23 ? LYS B 23  . ? 1_555 ? 
37 AC4 5 ASN B 25 ? ASN B 25  . ? 1_555 ? 
38 AC4 5 ALA B 28 ? ALA B 28  . ? 1_555 ? 
39 AC4 5 HOH H .  ? HOH B 166 . ? 1_555 ? 
# 
loop_
_pdbx_validate_torsion.id 
_pdbx_validate_torsion.PDB_model_num 
_pdbx_validate_torsion.auth_comp_id 
_pdbx_validate_torsion.auth_asym_id 
_pdbx_validate_torsion.auth_seq_id 
_pdbx_validate_torsion.PDB_ins_code 
_pdbx_validate_torsion.label_alt_id 
_pdbx_validate_torsion.phi 
_pdbx_validate_torsion.psi 
1 1 LYS A 48 ? ? -50.87 -5.78   
2 1 GLU A 89 ? ? -89.84 -157.24 
3 1 LYS B 48 ? ? -47.62 -17.64  
# 
loop_
_pdbx_unobs_or_zero_occ_residues.id 
_pdbx_unobs_or_zero_occ_residues.PDB_model_num 
_pdbx_unobs_or_zero_occ_residues.polymer_flag 
_pdbx_unobs_or_zero_occ_residues.occupancy_flag 
_pdbx_unobs_or_zero_occ_residues.auth_asym_id 
_pdbx_unobs_or_zero_occ_residues.auth_comp_id 
_pdbx_unobs_or_zero_occ_residues.auth_seq_id 
_pdbx_unobs_or_zero_occ_residues.PDB_ins_code 
_pdbx_unobs_or_zero_occ_residues.label_asym_id 
_pdbx_unobs_or_zero_occ_residues.label_comp_id 
_pdbx_unobs_or_zero_occ_residues.label_seq_id 
1 1 Y 1 A HIS 91 ? A HIS 91 
2 1 Y 1 A LYS 92 ? A LYS 92 
3 1 Y 1 A GLU 93 ? A GLU 93 
4 1 Y 1 B HIS 91 ? B HIS 91 
5 1 Y 1 B LYS 92 ? B LYS 92 
6 1 Y 1 B GLU 93 ? B GLU 93 
# 
loop_
_chem_comp_atom.comp_id 
_chem_comp_atom.atom_id 
_chem_comp_atom.type_symbol 
_chem_comp_atom.pdbx_aromatic_flag 
_chem_comp_atom.pdbx_stereo_config 
_chem_comp_atom.pdbx_ordinal 
ALA N    N  N N 1   
ALA CA   C  N S 2   
ALA C    C  N N 3   
ALA O    O  N N 4   
ALA CB   C  N N 5   
ALA OXT  O  N N 6   
ALA H    H  N N 7   
ALA H2   H  N N 8   
ALA HA   H  N N 9   
ALA HB1  H  N N 10  
ALA HB2  H  N N 11  
ALA HB3  H  N N 12  
ALA HXT  H  N N 13  
ARG N    N  N N 14  
ARG CA   C  N S 15  
ARG C    C  N N 16  
ARG O    O  N N 17  
ARG CB   C  N N 18  
ARG CG   C  N N 19  
ARG CD   C  N N 20  
ARG NE   N  N N 21  
ARG CZ   C  N N 22  
ARG NH1  N  N N 23  
ARG NH2  N  N N 24  
ARG OXT  O  N N 25  
ARG H    H  N N 26  
ARG H2   H  N N 27  
ARG HA   H  N N 28  
ARG HB2  H  N N 29  
ARG HB3  H  N N 30  
ARG HG2  H  N N 31  
ARG HG3  H  N N 32  
ARG HD2  H  N N 33  
ARG HD3  H  N N 34  
ARG HE   H  N N 35  
ARG HH11 H  N N 36  
ARG HH12 H  N N 37  
ARG HH21 H  N N 38  
ARG HH22 H  N N 39  
ARG HXT  H  N N 40  
ASN N    N  N N 41  
ASN CA   C  N S 42  
ASN C    C  N N 43  
ASN O    O  N N 44  
ASN CB   C  N N 45  
ASN CG   C  N N 46  
ASN OD1  O  N N 47  
ASN ND2  N  N N 48  
ASN OXT  O  N N 49  
ASN H    H  N N 50  
ASN H2   H  N N 51  
ASN HA   H  N N 52  
ASN HB2  H  N N 53  
ASN HB3  H  N N 54  
ASN HD21 H  N N 55  
ASN HD22 H  N N 56  
ASN HXT  H  N N 57  
ASP N    N  N N 58  
ASP CA   C  N S 59  
ASP C    C  N N 60  
ASP O    O  N N 61  
ASP CB   C  N N 62  
ASP CG   C  N N 63  
ASP OD1  O  N N 64  
ASP OD2  O  N N 65  
ASP OXT  O  N N 66  
ASP H    H  N N 67  
ASP H2   H  N N 68  
ASP HA   H  N N 69  
ASP HB2  H  N N 70  
ASP HB3  H  N N 71  
ASP HD2  H  N N 72  
ASP HXT  H  N N 73  
CA  CA   CA N N 74  
CYS N    N  N N 75  
CYS CA   C  N R 76  
CYS C    C  N N 77  
CYS O    O  N N 78  
CYS CB   C  N N 79  
CYS SG   S  N N 80  
CYS OXT  O  N N 81  
CYS H    H  N N 82  
CYS H2   H  N N 83  
CYS HA   H  N N 84  
CYS HB2  H  N N 85  
CYS HB3  H  N N 86  
CYS HG   H  N N 87  
CYS HXT  H  N N 88  
GLN N    N  N N 89  
GLN CA   C  N S 90  
GLN C    C  N N 91  
GLN O    O  N N 92  
GLN CB   C  N N 93  
GLN CG   C  N N 94  
GLN CD   C  N N 95  
GLN OE1  O  N N 96  
GLN NE2  N  N N 97  
GLN OXT  O  N N 98  
GLN H    H  N N 99  
GLN H2   H  N N 100 
GLN HA   H  N N 101 
GLN HB2  H  N N 102 
GLN HB3  H  N N 103 
GLN HG2  H  N N 104 
GLN HG3  H  N N 105 
GLN HE21 H  N N 106 
GLN HE22 H  N N 107 
GLN HXT  H  N N 108 
GLU N    N  N N 109 
GLU CA   C  N S 110 
GLU C    C  N N 111 
GLU O    O  N N 112 
GLU CB   C  N N 113 
GLU CG   C  N N 114 
GLU CD   C  N N 115 
GLU OE1  O  N N 116 
GLU OE2  O  N N 117 
GLU OXT  O  N N 118 
GLU H    H  N N 119 
GLU H2   H  N N 120 
GLU HA   H  N N 121 
GLU HB2  H  N N 122 
GLU HB3  H  N N 123 
GLU HG2  H  N N 124 
GLU HG3  H  N N 125 
GLU HE2  H  N N 126 
GLU HXT  H  N N 127 
GLY N    N  N N 128 
GLY CA   C  N N 129 
GLY C    C  N N 130 
GLY O    O  N N 131 
GLY OXT  O  N N 132 
GLY H    H  N N 133 
GLY H2   H  N N 134 
GLY HA2  H  N N 135 
GLY HA3  H  N N 136 
GLY HXT  H  N N 137 
HIS N    N  N N 138 
HIS CA   C  N S 139 
HIS C    C  N N 140 
HIS O    O  N N 141 
HIS CB   C  N N 142 
HIS CG   C  Y N 143 
HIS ND1  N  Y N 144 
HIS CD2  C  Y N 145 
HIS CE1  C  Y N 146 
HIS NE2  N  Y N 147 
HIS OXT  O  N N 148 
HIS H    H  N N 149 
HIS H2   H  N N 150 
HIS HA   H  N N 151 
HIS HB2  H  N N 152 
HIS HB3  H  N N 153 
HIS HD1  H  N N 154 
HIS HD2  H  N N 155 
HIS HE1  H  N N 156 
HIS HE2  H  N N 157 
HIS HXT  H  N N 158 
HOH O    O  N N 159 
HOH H1   H  N N 160 
HOH H2   H  N N 161 
ILE N    N  N N 162 
ILE CA   C  N S 163 
ILE C    C  N N 164 
ILE O    O  N N 165 
ILE CB   C  N S 166 
ILE CG1  C  N N 167 
ILE CG2  C  N N 168 
ILE CD1  C  N N 169 
ILE OXT  O  N N 170 
ILE H    H  N N 171 
ILE H2   H  N N 172 
ILE HA   H  N N 173 
ILE HB   H  N N 174 
ILE HG12 H  N N 175 
ILE HG13 H  N N 176 
ILE HG21 H  N N 177 
ILE HG22 H  N N 178 
ILE HG23 H  N N 179 
ILE HD11 H  N N 180 
ILE HD12 H  N N 181 
ILE HD13 H  N N 182 
ILE HXT  H  N N 183 
LEU N    N  N N 184 
LEU CA   C  N S 185 
LEU C    C  N N 186 
LEU O    O  N N 187 
LEU CB   C  N N 188 
LEU CG   C  N N 189 
LEU CD1  C  N N 190 
LEU CD2  C  N N 191 
LEU OXT  O  N N 192 
LEU H    H  N N 193 
LEU H2   H  N N 194 
LEU HA   H  N N 195 
LEU HB2  H  N N 196 
LEU HB3  H  N N 197 
LEU HG   H  N N 198 
LEU HD11 H  N N 199 
LEU HD12 H  N N 200 
LEU HD13 H  N N 201 
LEU HD21 H  N N 202 
LEU HD22 H  N N 203 
LEU HD23 H  N N 204 
LEU HXT  H  N N 205 
LYS N    N  N N 206 
LYS CA   C  N S 207 
LYS C    C  N N 208 
LYS O    O  N N 209 
LYS CB   C  N N 210 
LYS CG   C  N N 211 
LYS CD   C  N N 212 
LYS CE   C  N N 213 
LYS NZ   N  N N 214 
LYS OXT  O  N N 215 
LYS H    H  N N 216 
LYS H2   H  N N 217 
LYS HA   H  N N 218 
LYS HB2  H  N N 219 
LYS HB3  H  N N 220 
LYS HG2  H  N N 221 
LYS HG3  H  N N 222 
LYS HD2  H  N N 223 
LYS HD3  H  N N 224 
LYS HE2  H  N N 225 
LYS HE3  H  N N 226 
LYS HZ1  H  N N 227 
LYS HZ2  H  N N 228 
LYS HZ3  H  N N 229 
LYS HXT  H  N N 230 
MET N    N  N N 231 
MET CA   C  N S 232 
MET C    C  N N 233 
MET O    O  N N 234 
MET CB   C  N N 235 
MET CG   C  N N 236 
MET SD   S  N N 237 
MET CE   C  N N 238 
MET OXT  O  N N 239 
MET H    H  N N 240 
MET H2   H  N N 241 
MET HA   H  N N 242 
MET HB2  H  N N 243 
MET HB3  H  N N 244 
MET HG2  H  N N 245 
MET HG3  H  N N 246 
MET HE1  H  N N 247 
MET HE2  H  N N 248 
MET HE3  H  N N 249 
MET HXT  H  N N 250 
PHE N    N  N N 251 
PHE CA   C  N S 252 
PHE C    C  N N 253 
PHE O    O  N N 254 
PHE CB   C  N N 255 
PHE CG   C  Y N 256 
PHE CD1  C  Y N 257 
PHE CD2  C  Y N 258 
PHE CE1  C  Y N 259 
PHE CE2  C  Y N 260 
PHE CZ   C  Y N 261 
PHE OXT  O  N N 262 
PHE H    H  N N 263 
PHE H2   H  N N 264 
PHE HA   H  N N 265 
PHE HB2  H  N N 266 
PHE HB3  H  N N 267 
PHE HD1  H  N N 268 
PHE HD2  H  N N 269 
PHE HE1  H  N N 270 
PHE HE2  H  N N 271 
PHE HZ   H  N N 272 
PHE HXT  H  N N 273 
PRO N    N  N N 274 
PRO CA   C  N S 275 
PRO C    C  N N 276 
PRO O    O  N N 277 
PRO CB   C  N N 278 
PRO CG   C  N N 279 
PRO CD   C  N N 280 
PRO OXT  O  N N 281 
PRO H    H  N N 282 
PRO HA   H  N N 283 
PRO HB2  H  N N 284 
PRO HB3  H  N N 285 
PRO HG2  H  N N 286 
PRO HG3  H  N N 287 
PRO HD2  H  N N 288 
PRO HD3  H  N N 289 
PRO HXT  H  N N 290 
SER N    N  N N 291 
SER CA   C  N S 292 
SER C    C  N N 293 
SER O    O  N N 294 
SER CB   C  N N 295 
SER OG   O  N N 296 
SER OXT  O  N N 297 
SER H    H  N N 298 
SER H2   H  N N 299 
SER HA   H  N N 300 
SER HB2  H  N N 301 
SER HB3  H  N N 302 
SER HG   H  N N 303 
SER HXT  H  N N 304 
THR N    N  N N 305 
THR CA   C  N S 306 
THR C    C  N N 307 
THR O    O  N N 308 
THR CB   C  N R 309 
THR OG1  O  N N 310 
THR CG2  C  N N 311 
THR OXT  O  N N 312 
THR H    H  N N 313 
THR H2   H  N N 314 
THR HA   H  N N 315 
THR HB   H  N N 316 
THR HG1  H  N N 317 
THR HG21 H  N N 318 
THR HG22 H  N N 319 
THR HG23 H  N N 320 
THR HXT  H  N N 321 
TRP N    N  N N 322 
TRP CA   C  N S 323 
TRP C    C  N N 324 
TRP O    O  N N 325 
TRP CB   C  N N 326 
TRP CG   C  Y N 327 
TRP CD1  C  Y N 328 
TRP CD2  C  Y N 329 
TRP NE1  N  Y N 330 
TRP CE2  C  Y N 331 
TRP CE3  C  Y N 332 
TRP CZ2  C  Y N 333 
TRP CZ3  C  Y N 334 
TRP CH2  C  Y N 335 
TRP OXT  O  N N 336 
TRP H    H  N N 337 
TRP H2   H  N N 338 
TRP HA   H  N N 339 
TRP HB2  H  N N 340 
TRP HB3  H  N N 341 
TRP HD1  H  N N 342 
TRP HE1  H  N N 343 
TRP HE3  H  N N 344 
TRP HZ2  H  N N 345 
TRP HZ3  H  N N 346 
TRP HH2  H  N N 347 
TRP HXT  H  N N 348 
TYR N    N  N N 349 
TYR CA   C  N S 350 
TYR C    C  N N 351 
TYR O    O  N N 352 
TYR CB   C  N N 353 
TYR CG   C  Y N 354 
TYR CD1  C  Y N 355 
TYR CD2  C  Y N 356 
TYR CE1  C  Y N 357 
TYR CE2  C  Y N 358 
TYR CZ   C  Y N 359 
TYR OH   O  N N 360 
TYR OXT  O  N N 361 
TYR H    H  N N 362 
TYR H2   H  N N 363 
TYR HA   H  N N 364 
TYR HB2  H  N N 365 
TYR HB3  H  N N 366 
TYR HD1  H  N N 367 
TYR HD2  H  N N 368 
TYR HE1  H  N N 369 
TYR HE2  H  N N 370 
TYR HH   H  N N 371 
TYR HXT  H  N N 372 
VAL N    N  N N 373 
VAL CA   C  N S 374 
VAL C    C  N N 375 
VAL O    O  N N 376 
VAL CB   C  N N 377 
VAL CG1  C  N N 378 
VAL CG2  C  N N 379 
VAL OXT  O  N N 380 
VAL H    H  N N 381 
VAL H2   H  N N 382 
VAL HA   H  N N 383 
VAL HB   H  N N 384 
VAL HG11 H  N N 385 
VAL HG12 H  N N 386 
VAL HG13 H  N N 387 
VAL HG21 H  N N 388 
VAL HG22 H  N N 389 
VAL HG23 H  N N 390 
VAL HXT  H  N N 391 
# 
loop_
_chem_comp_bond.comp_id 
_chem_comp_bond.atom_id_1 
_chem_comp_bond.atom_id_2 
_chem_comp_bond.value_order 
_chem_comp_bond.pdbx_aromatic_flag 
_chem_comp_bond.pdbx_stereo_config 
_chem_comp_bond.pdbx_ordinal 
ALA N   CA   sing N N 1   
ALA N   H    sing N N 2   
ALA N   H2   sing N N 3   
ALA CA  C    sing N N 4   
ALA CA  CB   sing N N 5   
ALA CA  HA   sing N N 6   
ALA C   O    doub N N 7   
ALA C   OXT  sing N N 8   
ALA CB  HB1  sing N N 9   
ALA CB  HB2  sing N N 10  
ALA CB  HB3  sing N N 11  
ALA OXT HXT  sing N N 12  
ARG N   CA   sing N N 13  
ARG N   H    sing N N 14  
ARG N   H2   sing N N 15  
ARG CA  C    sing N N 16  
ARG CA  CB   sing N N 17  
ARG CA  HA   sing N N 18  
ARG C   O    doub N N 19  
ARG C   OXT  sing N N 20  
ARG CB  CG   sing N N 21  
ARG CB  HB2  sing N N 22  
ARG CB  HB3  sing N N 23  
ARG CG  CD   sing N N 24  
ARG CG  HG2  sing N N 25  
ARG CG  HG3  sing N N 26  
ARG CD  NE   sing N N 27  
ARG CD  HD2  sing N N 28  
ARG CD  HD3  sing N N 29  
ARG NE  CZ   sing N N 30  
ARG NE  HE   sing N N 31  
ARG CZ  NH1  sing N N 32  
ARG CZ  NH2  doub N N 33  
ARG NH1 HH11 sing N N 34  
ARG NH1 HH12 sing N N 35  
ARG NH2 HH21 sing N N 36  
ARG NH2 HH22 sing N N 37  
ARG OXT HXT  sing N N 38  
ASN N   CA   sing N N 39  
ASN N   H    sing N N 40  
ASN N   H2   sing N N 41  
ASN CA  C    sing N N 42  
ASN CA  CB   sing N N 43  
ASN CA  HA   sing N N 44  
ASN C   O    doub N N 45  
ASN C   OXT  sing N N 46  
ASN CB  CG   sing N N 47  
ASN CB  HB2  sing N N 48  
ASN CB  HB3  sing N N 49  
ASN CG  OD1  doub N N 50  
ASN CG  ND2  sing N N 51  
ASN ND2 HD21 sing N N 52  
ASN ND2 HD22 sing N N 53  
ASN OXT HXT  sing N N 54  
ASP N   CA   sing N N 55  
ASP N   H    sing N N 56  
ASP N   H2   sing N N 57  
ASP CA  C    sing N N 58  
ASP CA  CB   sing N N 59  
ASP CA  HA   sing N N 60  
ASP C   O    doub N N 61  
ASP C   OXT  sing N N 62  
ASP CB  CG   sing N N 63  
ASP CB  HB2  sing N N 64  
ASP CB  HB3  sing N N 65  
ASP CG  OD1  doub N N 66  
ASP CG  OD2  sing N N 67  
ASP OD2 HD2  sing N N 68  
ASP OXT HXT  sing N N 69  
CYS N   CA   sing N N 70  
CYS N   H    sing N N 71  
CYS N   H2   sing N N 72  
CYS CA  C    sing N N 73  
CYS CA  CB   sing N N 74  
CYS CA  HA   sing N N 75  
CYS C   O    doub N N 76  
CYS C   OXT  sing N N 77  
CYS CB  SG   sing N N 78  
CYS CB  HB2  sing N N 79  
CYS CB  HB3  sing N N 80  
CYS SG  HG   sing N N 81  
CYS OXT HXT  sing N N 82  
GLN N   CA   sing N N 83  
GLN N   H    sing N N 84  
GLN N   H2   sing N N 85  
GLN CA  C    sing N N 86  
GLN CA  CB   sing N N 87  
GLN CA  HA   sing N N 88  
GLN C   O    doub N N 89  
GLN C   OXT  sing N N 90  
GLN CB  CG   sing N N 91  
GLN CB  HB2  sing N N 92  
GLN CB  HB3  sing N N 93  
GLN CG  CD   sing N N 94  
GLN CG  HG2  sing N N 95  
GLN CG  HG3  sing N N 96  
GLN CD  OE1  doub N N 97  
GLN CD  NE2  sing N N 98  
GLN NE2 HE21 sing N N 99  
GLN NE2 HE22 sing N N 100 
GLN OXT HXT  sing N N 101 
GLU N   CA   sing N N 102 
GLU N   H    sing N N 103 
GLU N   H2   sing N N 104 
GLU CA  C    sing N N 105 
GLU CA  CB   sing N N 106 
GLU CA  HA   sing N N 107 
GLU C   O    doub N N 108 
GLU C   OXT  sing N N 109 
GLU CB  CG   sing N N 110 
GLU CB  HB2  sing N N 111 
GLU CB  HB3  sing N N 112 
GLU CG  CD   sing N N 113 
GLU CG  HG2  sing N N 114 
GLU CG  HG3  sing N N 115 
GLU CD  OE1  doub N N 116 
GLU CD  OE2  sing N N 117 
GLU OE2 HE2  sing N N 118 
GLU OXT HXT  sing N N 119 
GLY N   CA   sing N N 120 
GLY N   H    sing N N 121 
GLY N   H2   sing N N 122 
GLY CA  C    sing N N 123 
GLY CA  HA2  sing N N 124 
GLY CA  HA3  sing N N 125 
GLY C   O    doub N N 126 
GLY C   OXT  sing N N 127 
GLY OXT HXT  sing N N 128 
HIS N   CA   sing N N 129 
HIS N   H    sing N N 130 
HIS N   H2   sing N N 131 
HIS CA  C    sing N N 132 
HIS CA  CB   sing N N 133 
HIS CA  HA   sing N N 134 
HIS C   O    doub N N 135 
HIS C   OXT  sing N N 136 
HIS CB  CG   sing N N 137 
HIS CB  HB2  sing N N 138 
HIS CB  HB3  sing N N 139 
HIS CG  ND1  sing Y N 140 
HIS CG  CD2  doub Y N 141 
HIS ND1 CE1  doub Y N 142 
HIS ND1 HD1  sing N N 143 
HIS CD2 NE2  sing Y N 144 
HIS CD2 HD2  sing N N 145 
HIS CE1 NE2  sing Y N 146 
HIS CE1 HE1  sing N N 147 
HIS NE2 HE2  sing N N 148 
HIS OXT HXT  sing N N 149 
HOH O   H1   sing N N 150 
HOH O   H2   sing N N 151 
ILE N   CA   sing N N 152 
ILE N   H    sing N N 153 
ILE N   H2   sing N N 154 
ILE CA  C    sing N N 155 
ILE CA  CB   sing N N 156 
ILE CA  HA   sing N N 157 
ILE C   O    doub N N 158 
ILE C   OXT  sing N N 159 
ILE CB  CG1  sing N N 160 
ILE CB  CG2  sing N N 161 
ILE CB  HB   sing N N 162 
ILE CG1 CD1  sing N N 163 
ILE CG1 HG12 sing N N 164 
ILE CG1 HG13 sing N N 165 
ILE CG2 HG21 sing N N 166 
ILE CG2 HG22 sing N N 167 
ILE CG2 HG23 sing N N 168 
ILE CD1 HD11 sing N N 169 
ILE CD1 HD12 sing N N 170 
ILE CD1 HD13 sing N N 171 
ILE OXT HXT  sing N N 172 
LEU N   CA   sing N N 173 
LEU N   H    sing N N 174 
LEU N   H2   sing N N 175 
LEU CA  C    sing N N 176 
LEU CA  CB   sing N N 177 
LEU CA  HA   sing N N 178 
LEU C   O    doub N N 179 
LEU C   OXT  sing N N 180 
LEU CB  CG   sing N N 181 
LEU CB  HB2  sing N N 182 
LEU CB  HB3  sing N N 183 
LEU CG  CD1  sing N N 184 
LEU CG  CD2  sing N N 185 
LEU CG  HG   sing N N 186 
LEU CD1 HD11 sing N N 187 
LEU CD1 HD12 sing N N 188 
LEU CD1 HD13 sing N N 189 
LEU CD2 HD21 sing N N 190 
LEU CD2 HD22 sing N N 191 
LEU CD2 HD23 sing N N 192 
LEU OXT HXT  sing N N 193 
LYS N   CA   sing N N 194 
LYS N   H    sing N N 195 
LYS N   H2   sing N N 196 
LYS CA  C    sing N N 197 
LYS CA  CB   sing N N 198 
LYS CA  HA   sing N N 199 
LYS C   O    doub N N 200 
LYS C   OXT  sing N N 201 
LYS CB  CG   sing N N 202 
LYS CB  HB2  sing N N 203 
LYS CB  HB3  sing N N 204 
LYS CG  CD   sing N N 205 
LYS CG  HG2  sing N N 206 
LYS CG  HG3  sing N N 207 
LYS CD  CE   sing N N 208 
LYS CD  HD2  sing N N 209 
LYS CD  HD3  sing N N 210 
LYS CE  NZ   sing N N 211 
LYS CE  HE2  sing N N 212 
LYS CE  HE3  sing N N 213 
LYS NZ  HZ1  sing N N 214 
LYS NZ  HZ2  sing N N 215 
LYS NZ  HZ3  sing N N 216 
LYS OXT HXT  sing N N 217 
MET N   CA   sing N N 218 
MET N   H    sing N N 219 
MET N   H2   sing N N 220 
MET CA  C    sing N N 221 
MET CA  CB   sing N N 222 
MET CA  HA   sing N N 223 
MET C   O    doub N N 224 
MET C   OXT  sing N N 225 
MET CB  CG   sing N N 226 
MET CB  HB2  sing N N 227 
MET CB  HB3  sing N N 228 
MET CG  SD   sing N N 229 
MET CG  HG2  sing N N 230 
MET CG  HG3  sing N N 231 
MET SD  CE   sing N N 232 
MET CE  HE1  sing N N 233 
MET CE  HE2  sing N N 234 
MET CE  HE3  sing N N 235 
MET OXT HXT  sing N N 236 
PHE N   CA   sing N N 237 
PHE N   H    sing N N 238 
PHE N   H2   sing N N 239 
PHE CA  C    sing N N 240 
PHE CA  CB   sing N N 241 
PHE CA  HA   sing N N 242 
PHE C   O    doub N N 243 
PHE C   OXT  sing N N 244 
PHE CB  CG   sing N N 245 
PHE CB  HB2  sing N N 246 
PHE CB  HB3  sing N N 247 
PHE CG  CD1  doub Y N 248 
PHE CG  CD2  sing Y N 249 
PHE CD1 CE1  sing Y N 250 
PHE CD1 HD1  sing N N 251 
PHE CD2 CE2  doub Y N 252 
PHE CD2 HD2  sing N N 253 
PHE CE1 CZ   doub Y N 254 
PHE CE1 HE1  sing N N 255 
PHE CE2 CZ   sing Y N 256 
PHE CE2 HE2  sing N N 257 
PHE CZ  HZ   sing N N 258 
PHE OXT HXT  sing N N 259 
PRO N   CA   sing N N 260 
PRO N   CD   sing N N 261 
PRO N   H    sing N N 262 
PRO CA  C    sing N N 263 
PRO CA  CB   sing N N 264 
PRO CA  HA   sing N N 265 
PRO C   O    doub N N 266 
PRO C   OXT  sing N N 267 
PRO CB  CG   sing N N 268 
PRO CB  HB2  sing N N 269 
PRO CB  HB3  sing N N 270 
PRO CG  CD   sing N N 271 
PRO CG  HG2  sing N N 272 
PRO CG  HG3  sing N N 273 
PRO CD  HD2  sing N N 274 
PRO CD  HD3  sing N N 275 
PRO OXT HXT  sing N N 276 
SER N   CA   sing N N 277 
SER N   H    sing N N 278 
SER N   H2   sing N N 279 
SER CA  C    sing N N 280 
SER CA  CB   sing N N 281 
SER CA  HA   sing N N 282 
SER C   O    doub N N 283 
SER C   OXT  sing N N 284 
SER CB  OG   sing N N 285 
SER CB  HB2  sing N N 286 
SER CB  HB3  sing N N 287 
SER OG  HG   sing N N 288 
SER OXT HXT  sing N N 289 
THR N   CA   sing N N 290 
THR N   H    sing N N 291 
THR N   H2   sing N N 292 
THR CA  C    sing N N 293 
THR CA  CB   sing N N 294 
THR CA  HA   sing N N 295 
THR C   O    doub N N 296 
THR C   OXT  sing N N 297 
THR CB  OG1  sing N N 298 
THR CB  CG2  sing N N 299 
THR CB  HB   sing N N 300 
THR OG1 HG1  sing N N 301 
THR CG2 HG21 sing N N 302 
THR CG2 HG22 sing N N 303 
THR CG2 HG23 sing N N 304 
THR OXT HXT  sing N N 305 
TRP N   CA   sing N N 306 
TRP N   H    sing N N 307 
TRP N   H2   sing N N 308 
TRP CA  C    sing N N 309 
TRP CA  CB   sing N N 310 
TRP CA  HA   sing N N 311 
TRP C   O    doub N N 312 
TRP C   OXT  sing N N 313 
TRP CB  CG   sing N N 314 
TRP CB  HB2  sing N N 315 
TRP CB  HB3  sing N N 316 
TRP CG  CD1  doub Y N 317 
TRP CG  CD2  sing Y N 318 
TRP CD1 NE1  sing Y N 319 
TRP CD1 HD1  sing N N 320 
TRP CD2 CE2  doub Y N 321 
TRP CD2 CE3  sing Y N 322 
TRP NE1 CE2  sing Y N 323 
TRP NE1 HE1  sing N N 324 
TRP CE2 CZ2  sing Y N 325 
TRP CE3 CZ3  doub Y N 326 
TRP CE3 HE3  sing N N 327 
TRP CZ2 CH2  doub Y N 328 
TRP CZ2 HZ2  sing N N 329 
TRP CZ3 CH2  sing Y N 330 
TRP CZ3 HZ3  sing N N 331 
TRP CH2 HH2  sing N N 332 
TRP OXT HXT  sing N N 333 
TYR N   CA   sing N N 334 
TYR N   H    sing N N 335 
TYR N   H2   sing N N 336 
TYR CA  C    sing N N 337 
TYR CA  CB   sing N N 338 
TYR CA  HA   sing N N 339 
TYR C   O    doub N N 340 
TYR C   OXT  sing N N 341 
TYR CB  CG   sing N N 342 
TYR CB  HB2  sing N N 343 
TYR CB  HB3  sing N N 344 
TYR CG  CD1  doub Y N 345 
TYR CG  CD2  sing Y N 346 
TYR CD1 CE1  sing Y N 347 
TYR CD1 HD1  sing N N 348 
TYR CD2 CE2  doub Y N 349 
TYR CD2 HD2  sing N N 350 
TYR CE1 CZ   doub Y N 351 
TYR CE1 HE1  sing N N 352 
TYR CE2 CZ   sing Y N 353 
TYR CE2 HE2  sing N N 354 
TYR CZ  OH   sing N N 355 
TYR OH  HH   sing N N 356 
TYR OXT HXT  sing N N 357 
VAL N   CA   sing N N 358 
VAL N   H    sing N N 359 
VAL N   H2   sing N N 360 
VAL CA  C    sing N N 361 
VAL CA  CB   sing N N 362 
VAL CA  HA   sing N N 363 
VAL C   O    doub N N 364 
VAL C   OXT  sing N N 365 
VAL CB  CG1  sing N N 366 
VAL CB  CG2  sing N N 367 
VAL CB  HB   sing N N 368 
VAL CG1 HG11 sing N N 369 
VAL CG1 HG12 sing N N 370 
VAL CG1 HG13 sing N N 371 
VAL CG2 HG21 sing N N 372 
VAL CG2 HG22 sing N N 373 
VAL CG2 HG23 sing N N 374 
VAL OXT HXT  sing N N 375 
# 
_atom_sites.entry_id                    1MR8 
_atom_sites.fract_transf_matrix[1][1]   0.01084588 
_atom_sites.fract_transf_matrix[1][2]   -0.00446587 
_atom_sites.fract_transf_matrix[1][3]   0.01860600 
_atom_sites.fract_transf_matrix[2][1]   -0.01098517 
_atom_sites.fract_transf_matrix[2][2]   -0.00181355 
_atom_sites.fract_transf_matrix[2][3]   0.01896769 
_atom_sites.fract_transf_matrix[3][1]   -0.00094595 
_atom_sites.fract_transf_matrix[3][2]   -0.00761210 
_atom_sites.fract_transf_matrix[3][3]   -0.00127566 
_atom_sites.fract_transf_vector[1]      0.484850 
_atom_sites.fract_transf_vector[2]      0.233158 
_atom_sites.fract_transf_vector[3]      0.284245 
# 
loop_
_atom_type.symbol 
C  
CA 
N  
O  
S  
# 
loop_
_atom_site.group_PDB 
_atom_site.id 
_atom_site.type_symbol 
_atom_site.label_atom_id 
_atom_site.label_alt_id 
_atom_site.label_comp_id 
_atom_site.label_asym_id 
_atom_site.label_entity_id 
_atom_site.label_seq_id 
_atom_site.pdbx_PDB_ins_code 
_atom_site.Cartn_x 
_atom_site.Cartn_y 
_atom_site.Cartn_z 
_atom_site.occupancy 
_atom_site.B_iso_or_equiv 
_atom_site.pdbx_formal_charge 
_atom_site.auth_seq_id 
_atom_site.auth_comp_id 
_atom_site.auth_asym_id 
_atom_site.auth_atom_id 
_atom_site.pdbx_PDB_model_num 
ATOM   1    N  N   . MET A 1 1  ? 11.035  -2.117  17.998  1.00 60.69  ? 1   MET A N   1 
ATOM   2    C  CA  . MET A 1 1  ? 9.729   -1.415  17.845  1.00 60.18  ? 1   MET A CA  1 
ATOM   3    C  C   . MET A 1 1  ? 9.395   -1.224  16.366  1.00 57.07  ? 1   MET A C   1 
ATOM   4    O  O   . MET A 1 1  ? 10.290  -1.021  15.544  1.00 57.53  ? 1   MET A O   1 
ATOM   5    C  CB  . MET A 1 1  ? 9.790   -0.055  18.547  1.00 64.50  ? 1   MET A CB  1 
ATOM   6    C  CG  . MET A 1 1  ? 8.567   0.835   18.321  1.00 71.05  ? 1   MET A CG  1 
ATOM   7    S  SD  . MET A 1 1  ? 8.994   2.487   17.670  1.00 78.64  ? 1   MET A SD  1 
ATOM   8    C  CE  . MET A 1 1  ? 10.452  2.888   18.653  1.00 75.56  ? 1   MET A CE  1 
ATOM   9    N  N   . LEU A 1 2  ? 8.110   -1.306  16.027  1.00 52.95  ? 2   LEU A N   1 
ATOM   10   C  CA  . LEU A 1 2  ? 7.685   -1.128  14.645  1.00 48.77  ? 2   LEU A CA  1 
ATOM   11   C  C   . LEU A 1 2  ? 6.925   0.179   14.484  1.00 44.38  ? 2   LEU A C   1 
ATOM   12   O  O   . LEU A 1 2  ? 6.104   0.551   15.323  1.00 42.89  ? 2   LEU A O   1 
ATOM   13   C  CB  . LEU A 1 2  ? 6.798   -2.289  14.190  1.00 50.20  ? 2   LEU A CB  1 
ATOM   14   C  CG  . LEU A 1 2  ? 6.499   -3.394  15.197  1.00 53.20  ? 2   LEU A CG  1 
ATOM   15   C  CD1 . LEU A 1 2  ? 4.997   -3.473  15.435  1.00 54.23  ? 2   LEU A CD1 1 
ATOM   16   C  CD2 . LEU A 1 2  ? 7.030   -4.718  14.662  1.00 55.40  ? 2   LEU A CD2 1 
ATOM   17   N  N   . THR A 1 3  ? 7.207   0.873   13.390  1.00 39.46  ? 3   THR A N   1 
ATOM   18   C  CA  . THR A 1 3  ? 6.564   2.141   13.099  1.00 35.30  ? 3   THR A CA  1 
ATOM   19   C  C   . THR A 1 3  ? 5.109   1.920   12.704  1.00 33.93  ? 3   THR A C   1 
ATOM   20   O  O   . THR A 1 3  ? 4.673   0.784   12.503  1.00 33.08  ? 3   THR A O   1 
ATOM   21   C  CB  . THR A 1 3  ? 7.288   2.863   11.954  1.00 34.11  ? 3   THR A CB  1 
ATOM   22   O  OG1 . THR A 1 3  ? 7.333   2.011   10.802  1.00 32.41  ? 3   THR A OG1 1 
ATOM   23   C  CG2 . THR A 1 3  ? 8.709   3.205   12.368  1.00 33.17  ? 3   THR A CG2 1 
ATOM   24   N  N   . GLU A 1 4  ? 4.363   3.013   12.599  1.00 31.97  ? 4   GLU A N   1 
ATOM   25   C  CA  . GLU A 1 4  ? 2.957   2.954   12.223  1.00 31.13  ? 4   GLU A CA  1 
ATOM   26   C  C   . GLU A 1 4  ? 2.815   2.393   10.811  1.00 26.68  ? 4   GLU A C   1 
ATOM   27   O  O   . GLU A 1 4  ? 1.899   1.624   10.524  1.00 23.10  ? 4   GLU A O   1 
ATOM   28   C  CB  . GLU A 1 4  ? 2.336   4.354   12.294  1.00 38.21  ? 4   GLU A CB  1 
ATOM   29   C  CG  . GLU A 1 4  ? 0.920   4.392   12.860  1.00 49.73  ? 4   GLU A CG  1 
ATOM   30   C  CD  . GLU A 1 4  ? 0.836   3.891   14.300  1.00 57.59  ? 4   GLU A CD  1 
ATOM   31   O  OE1 . GLU A 1 4  ? 1.887   3.802   14.974  1.00 61.75  ? 4   GLU A OE1 1 
ATOM   32   O  OE2 . GLU A 1 4  ? -0.288  3.584   14.756  1.00 59.67  ? 4   GLU A OE2 1 
ATOM   33   N  N   . LEU A 1 5  ? 3.728   2.786   9.930   1.00 22.97  ? 5   LEU A N   1 
ATOM   34   C  CA  . LEU A 1 5  ? 3.711   2.319   8.549   1.00 22.87  ? 5   LEU A CA  1 
ATOM   35   C  C   . LEU A 1 5  ? 3.972   0.811   8.491   1.00 22.20  ? 5   LEU A C   1 
ATOM   36   O  O   . LEU A 1 5  ? 3.334   0.091   7.726   1.00 21.56  ? 5   LEU A O   1 
ATOM   37   C  CB  . LEU A 1 5  ? 4.784   3.046   7.735   1.00 23.56  ? 5   LEU A CB  1 
ATOM   38   C  CG  . LEU A 1 5  ? 4.393   4.302   6.955   1.00 25.18  ? 5   LEU A CG  1 
ATOM   39   C  CD1 . LEU A 1 5  ? 5.646   4.913   6.338   1.00 24.44  ? 5   LEU A CD1 1 
ATOM   40   C  CD2 . LEU A 1 5  ? 3.388   3.957   5.873   1.00 24.25  ? 5   LEU A CD2 1 
ATOM   41   N  N   . GLU A 1 6  ? 4.918   0.341   9.301   1.00 20.85  ? 6   GLU A N   1 
ATOM   42   C  CA  . GLU A 1 6  ? 5.258   -1.080  9.335   1.00 22.96  ? 6   GLU A CA  1 
ATOM   43   C  C   . GLU A 1 6  ? 4.078   -1.910  9.799   1.00 22.09  ? 6   GLU A C   1 
ATOM   44   O  O   . GLU A 1 6  ? 3.808   -2.976  9.254   1.00 21.40  ? 6   GLU A O   1 
ATOM   45   C  CB  . GLU A 1 6  ? 6.440   -1.326  10.267  1.00 23.87  ? 6   GLU A CB  1 
ATOM   46   C  CG  . GLU A 1 6  ? 7.774   -1.344  9.555   1.00 31.61  ? 6   GLU A CG  1 
ATOM   47   C  CD  . GLU A 1 6  ? 8.937   -1.305  10.517  1.00 37.14  ? 6   GLU A CD  1 
ATOM   48   O  OE1 . GLU A 1 6  ? 9.062   -0.306  11.259  1.00 37.87  ? 6   GLU A OE1 1 
ATOM   49   O  OE2 . GLU A 1 6  ? 9.724   -2.277  10.533  1.00 39.07  ? 6   GLU A OE2 1 
ATOM   50   N  N   . LYS A 1 7  ? 3.378   -1.417  10.811  1.00 21.25  ? 7   LYS A N   1 
ATOM   51   C  CA  . LYS A 1 7  ? 2.220   -2.116  11.341  1.00 20.52  ? 7   LYS A CA  1 
ATOM   52   C  C   . LYS A 1 7  ? 1.119   -2.211  10.284  1.00 20.37  ? 7   LYS A C   1 
ATOM   53   O  O   . LYS A 1 7  ? 0.494   -3.259  10.125  1.00 19.34  ? 7   LYS A O   1 
ATOM   54   C  CB  . LYS A 1 7  ? 1.695   -1.392  12.585  1.00 22.55  ? 7   LYS A CB  1 
ATOM   55   C  CG  . LYS A 1 7  ? 2.334   -1.862  13.876  1.00 26.06  ? 7   LYS A CG  1 
ATOM   56   C  CD  . LYS A 1 7  ? 2.984   -0.715  14.623  1.00 32.17  ? 7   LYS A CD  1 
ATOM   57   C  CE  . LYS A 1 7  ? 1.997   -0.038  15.557  1.00 32.42  ? 7   LYS A CE  1 
ATOM   58   N  NZ  . LYS A 1 7  ? 2.523   1.255   16.077  1.00 40.67  ? 7   LYS A NZ  1 
ATOM   59   N  N   . ALA A 1 8  ? 0.885   -1.114  9.564   1.00 19.62  ? 8   ALA A N   1 
ATOM   60   C  CA  . ALA A 1 8  ? -0.144  -1.089  8.523   1.00 17.71  ? 8   ALA A CA  1 
ATOM   61   C  C   . ALA A 1 8  ? 0.182   -2.077  7.411   1.00 17.54  ? 8   ALA A C   1 
ATOM   62   O  O   . ALA A 1 8  ? -0.696  -2.781  6.913   1.00 16.92  ? 8   ALA A O   1 
ATOM   63   C  CB  . ALA A 1 8  ? -0.270  0.303   7.943   1.00 15.33  ? 8   ALA A CB  1 
ATOM   64   N  N   . LEU A 1 9  ? 1.447   -2.117  7.014   1.00 15.78  ? 9   LEU A N   1 
ATOM   65   C  CA  . LEU A 1 9  ? 1.874   -3.024  5.961   1.00 18.16  ? 9   LEU A CA  1 
ATOM   66   C  C   . LEU A 1 9  ? 1.750   -4.475  6.424   1.00 17.58  ? 9   LEU A C   1 
ATOM   67   O  O   . LEU A 1 9  ? 1.344   -5.348  5.661   1.00 19.72  ? 9   LEU A O   1 
ATOM   68   C  CB  . LEU A 1 9  ? 3.318   -2.720  5.558   1.00 17.17  ? 9   LEU A CB  1 
ATOM   69   C  CG  . LEU A 1 9  ? 3.496   -1.498  4.654   1.00 19.09  ? 9   LEU A CG  1 
ATOM   70   C  CD1 . LEU A 1 9  ? 4.973   -1.242  4.451   1.00 22.23  ? 9   LEU A CD1 1 
ATOM   71   C  CD2 . LEU A 1 9  ? 2.803   -1.733  3.318   1.00 17.23  ? 9   LEU A CD2 1 
ATOM   72   N  N   . ASN A 1 10 ? 2.101   -4.725  7.680   1.00 16.23  ? 10  ASN A N   1 
ATOM   73   C  CA  . ASN A 1 10 ? 2.012   -6.066  8.237   1.00 17.48  ? 10  ASN A CA  1 
ATOM   74   C  C   . ASN A 1 10 ? 0.573   -6.542  8.220   1.00 17.52  ? 10  ASN A C   1 
ATOM   75   O  O   . ASN A 1 10 ? 0.301   -7.698  7.922   1.00 18.52  ? 10  ASN A O   1 
ATOM   76   C  CB  . ASN A 1 10 ? 2.539   -6.088  9.671   1.00 19.89  ? 10  ASN A CB  1 
ATOM   77   C  CG  . ASN A 1 10 ? 4.049   -6.152  9.729   1.00 26.17  ? 10  ASN A CG  1 
ATOM   78   O  OD1 . ASN A 1 10 ? 4.709   -6.376  8.712   1.00 29.64  ? 10  ASN A OD1 1 
ATOM   79   N  ND2 . ASN A 1 10 ? 4.610   -5.954  10.920  1.00 27.53  ? 10  ASN A ND2 1 
ATOM   80   N  N   . SER A 1 11 ? -0.353  -5.647  8.541   1.00 17.03  ? 11  SER A N   1 
ATOM   81   C  CA  . SER A 1 11 ? -1.763  -6.006  8.546   1.00 18.50  ? 11  SER A CA  1 
ATOM   82   C  C   . SER A 1 11 ? -2.206  -6.343  7.123   1.00 17.38  ? 11  SER A C   1 
ATOM   83   O  O   . SER A 1 11 ? -2.997  -7.259  6.909   1.00 15.11  ? 11  SER A O   1 
ATOM   84   C  CB  . SER A 1 11 ? -2.600  -4.852  9.108   1.00 20.10  ? 11  SER A CB  1 
ATOM   85   O  OG  . SER A 1 11 ? -3.923  -4.885  8.593   1.00 32.22  ? 11  SER A OG  1 
ATOM   86   N  N   . ILE A 1 12 ? -1.686  -5.600  6.152   1.00 17.70  ? 12  ILE A N   1 
ATOM   87   C  CA  . ILE A 1 12 ? -2.030  -5.834  4.759   1.00 17.65  ? 12  ILE A CA  1 
ATOM   88   C  C   . ILE A 1 12 ? -1.490  -7.195  4.336   1.00 18.97  ? 12  ILE A C   1 
ATOM   89   O  O   . ILE A 1 12 ? -2.176  -7.957  3.655   1.00 19.77  ? 12  ILE A O   1 
ATOM   90   C  CB  . ILE A 1 12 ? -1.442  -4.732  3.850   1.00 16.92  ? 12  ILE A CB  1 
ATOM   91   C  CG1 . ILE A 1 12 ? -2.265  -3.454  4.010   1.00 16.91  ? 12  ILE A CG1 1 
ATOM   92   C  CG2 . ILE A 1 12 ? -1.460  -5.175  2.383   1.00 14.30  ? 12  ILE A CG2 1 
ATOM   93   C  CD1 . ILE A 1 12 ? -1.679  -2.263  3.285   1.00 19.36  ? 12  ILE A CD1 1 
ATOM   94   N  N   . ILE A 1 13 ? -0.264  -7.498  4.750   1.00 16.91  ? 13  ILE A N   1 
ATOM   95   C  CA  . ILE A 1 13 ? 0.357   -8.777  4.423   1.00 18.16  ? 13  ILE A CA  1 
ATOM   96   C  C   . ILE A 1 13 ? -0.380  -9.923  5.125   1.00 19.90  ? 13  ILE A C   1 
ATOM   97   O  O   . ILE A 1 13 ? -0.478  -11.033 4.595   1.00 18.56  ? 13  ILE A O   1 
ATOM   98   C  CB  . ILE A 1 13 ? 1.847   -8.775  4.833   1.00 18.06  ? 13  ILE A CB  1 
ATOM   99   C  CG1 . ILE A 1 13 ? 2.660   -8.011  3.786   1.00 16.80  ? 13  ILE A CG1 1 
ATOM   100  C  CG2 . ILE A 1 13 ? 2.372   -10.203 4.964   1.00 20.81  ? 13  ILE A CG2 1 
ATOM   101  C  CD1 . ILE A 1 13 ? 3.918   -7.372  4.335   1.00 16.77  ? 13  ILE A CD1 1 
ATOM   102  N  N   . ASP A 1 14 ? -0.909  -9.648  6.313   1.00 18.83  ? 14  ASP A N   1 
ATOM   103  C  CA  . ASP A 1 14 ? -1.643  -10.655 7.066   1.00 20.91  ? 14  ASP A CA  1 
ATOM   104  C  C   . ASP A 1 14 ? -2.942  -10.995 6.348   1.00 21.22  ? 14  ASP A C   1 
ATOM   105  O  O   . ASP A 1 14 ? -3.391  -12.143 6.370   1.00 21.89  ? 14  ASP A O   1 
ATOM   106  C  CB  . ASP A 1 14 ? -1.958  -10.146 8.472   1.00 25.42  ? 14  ASP A CB  1 
ATOM   107  C  CG  . ASP A 1 14 ? -0.818  -10.378 9.443   1.00 30.59  ? 14  ASP A CG  1 
ATOM   108  O  OD1 . ASP A 1 14 ? 0.180   -11.018 9.045   1.00 32.90  ? 14  ASP A OD1 1 
ATOM   109  O  OD2 . ASP A 1 14 ? -0.921  -9.919  10.603  1.00 34.29  ? 14  ASP A OD2 1 
ATOM   110  N  N   . VAL A 1 15 ? -3.544  -9.993  5.714   1.00 18.94  ? 15  VAL A N   1 
ATOM   111  C  CA  . VAL A 1 15 ? -4.787  -10.199 4.984   1.00 19.90  ? 15  VAL A CA  1 
ATOM   112  C  C   . VAL A 1 15 ? -4.549  -11.118 3.781   1.00 20.06  ? 15  VAL A C   1 
ATOM   113  O  O   . VAL A 1 15 ? -5.358  -12.005 3.497   1.00 19.18  ? 15  VAL A O   1 
ATOM   114  C  CB  . VAL A 1 15 ? -5.383  -8.854  4.502   1.00 20.70  ? 15  VAL A CB  1 
ATOM   115  C  CG1 . VAL A 1 15 ? -6.579  -9.100  3.592   1.00 22.52  ? 15  VAL A CG1 1 
ATOM   116  C  CG2 . VAL A 1 15 ? -5.812  -8.022  5.707   1.00 19.59  ? 15  VAL A CG2 1 
ATOM   117  N  N   . TYR A 1 16 ? -3.439  -10.912 3.079   1.00 17.63  ? 16  TYR A N   1 
ATOM   118  C  CA  . TYR A 1 16 ? -3.125  -11.750 1.929   1.00 18.28  ? 16  TYR A CA  1 
ATOM   119  C  C   . TYR A 1 16 ? -2.954  -13.221 2.334   1.00 20.36  ? 16  TYR A C   1 
ATOM   120  O  O   . TYR A 1 16 ? -3.541  -14.117 1.720   1.00 22.05  ? 16  TYR A O   1 
ATOM   121  C  CB  . TYR A 1 16 ? -1.843  -11.276 1.243   1.00 14.39  ? 16  TYR A CB  1 
ATOM   122  C  CG  . TYR A 1 16 ? -1.499  -12.122 0.037   1.00 13.42  ? 16  TYR A CG  1 
ATOM   123  C  CD1 . TYR A 1 16 ? -2.273  -12.056 -1.122  1.00 13.28  ? 16  TYR A CD1 1 
ATOM   124  C  CD2 . TYR A 1 16 ? -0.433  -13.021 0.068   1.00 11.51  ? 16  TYR A CD2 1 
ATOM   125  C  CE1 . TYR A 1 16 ? -1.997  -12.870 -2.225  1.00 16.58  ? 16  TYR A CE1 1 
ATOM   126  C  CE2 . TYR A 1 16 ? -0.147  -13.842 -1.032  1.00 15.05  ? 16  TYR A CE2 1 
ATOM   127  C  CZ  . TYR A 1 16 ? -0.937  -13.760 -2.172  1.00 15.83  ? 16  TYR A CZ  1 
ATOM   128  O  OH  . TYR A 1 16 ? -0.678  -14.567 -3.258  1.00 16.31  ? 16  TYR A OH  1 
ATOM   129  N  N   . HIS A 1 17 ? -2.147  -13.458 3.365   1.00 19.87  ? 17  HIS A N   1 
ATOM   130  C  CA  . HIS A 1 17 ? -1.874  -14.809 3.859   1.00 22.15  ? 17  HIS A CA  1 
ATOM   131  C  C   . HIS A 1 17 ? -3.127  -15.586 4.248   1.00 21.62  ? 17  HIS A C   1 
ATOM   132  O  O   . HIS A 1 17 ? -3.225  -16.795 4.038   1.00 22.36  ? 17  HIS A O   1 
ATOM   133  C  CB  . HIS A 1 17 ? -0.937  -14.730 5.062   1.00 22.05  ? 17  HIS A CB  1 
ATOM   134  C  CG  . HIS A 1 17 ? 0.502   -14.582 4.690   1.00 25.14  ? 17  HIS A CG  1 
ATOM   135  N  ND1 . HIS A 1 17 ? 1.482   -14.266 5.606   1.00 28.94  ? 17  HIS A ND1 1 
ATOM   136  C  CD2 . HIS A 1 17 ? 1.127   -14.698 3.494   1.00 26.85  ? 17  HIS A CD2 1 
ATOM   137  C  CE1 . HIS A 1 17 ? 2.648   -14.196 4.992   1.00 29.65  ? 17  HIS A CE1 1 
ATOM   138  N  NE2 . HIS A 1 17 ? 2.462   -14.453 3.710   1.00 28.57  ? 17  HIS A NE2 1 
ATOM   139  N  N   . LYS A 1 18 ? -4.078  -14.872 4.827   1.00 20.78  ? 18  LYS A N   1 
ATOM   140  C  CA  . LYS A 1 18 ? -5.333  -15.449 5.264   1.00 20.61  ? 18  LYS A CA  1 
ATOM   141  C  C   . LYS A 1 18 ? -6.057  -16.105 4.096   1.00 19.24  ? 18  LYS A C   1 
ATOM   142  O  O   . LYS A 1 18 ? -6.834  -17.043 4.282   1.00 21.81  ? 18  LYS A O   1 
ATOM   143  C  CB  . LYS A 1 18 ? -6.189  -14.341 5.883   1.00 25.37  ? 18  LYS A CB  1 
ATOM   144  C  CG  . LYS A 1 18 ? -7.634  -14.689 6.177   1.00 30.65  ? 18  LYS A CG  1 
ATOM   145  C  CD  . LYS A 1 18 ? -8.318  -13.495 6.843   1.00 37.27  ? 18  LYS A CD  1 
ATOM   146  C  CE  . LYS A 1 18 ? -9.791  -13.399 6.477   1.00 42.59  ? 18  LYS A CE  1 
ATOM   147  N  NZ  . LYS A 1 18 ? -10.672 -13.471 7.681   1.00 47.29  ? 18  LYS A NZ  1 
ATOM   148  N  N   . TYR A 1 19 ? -5.796  -15.623 2.887   1.00 13.54  ? 19  TYR A N   1 
ATOM   149  C  CA  . TYR A 1 19 ? -6.455  -16.186 1.719   1.00 14.07  ? 19  TYR A CA  1 
ATOM   150  C  C   . TYR A 1 19 ? -5.560  -17.088 0.890   1.00 12.89  ? 19  TYR A C   1 
ATOM   151  O  O   . TYR A 1 19 ? -6.031  -18.069 0.309   1.00 12.57  ? 19  TYR A O   1 
ATOM   152  C  CB  . TYR A 1 19 ? -7.034  -15.065 0.857   1.00 11.72  ? 19  TYR A CB  1 
ATOM   153  C  CG  . TYR A 1 19 ? -8.181  -14.379 1.548   1.00 15.72  ? 19  TYR A CG  1 
ATOM   154  C  CD1 . TYR A 1 19 ? -9.478  -14.876 1.445   1.00 17.22  ? 19  TYR A CD1 1 
ATOM   155  C  CD2 . TYR A 1 19 ? -7.960  -13.275 2.372   1.00 15.00  ? 19  TYR A CD2 1 
ATOM   156  C  CE1 . TYR A 1 19 ? -10.533 -14.298 2.153   1.00 18.33  ? 19  TYR A CE1 1 
ATOM   157  C  CE2 . TYR A 1 19 ? -9.002  -12.685 3.084   1.00 19.74  ? 19  TYR A CE2 1 
ATOM   158  C  CZ  . TYR A 1 19 ? -10.287 -13.205 2.972   1.00 23.29  ? 19  TYR A CZ  1 
ATOM   159  O  OH  . TYR A 1 19 ? -11.319 -12.646 3.696   1.00 23.17  ? 19  TYR A OH  1 
ATOM   160  N  N   . SER A 1 20 ? -4.271  -16.771 0.838   1.00 12.18  ? 20  SER A N   1 
ATOM   161  C  CA  . SER A 1 20 ? -3.350  -17.589 0.072   1.00 12.32  ? 20  SER A CA  1 
ATOM   162  C  C   . SER A 1 20 ? -3.123  -18.934 0.763   1.00 14.90  ? 20  SER A C   1 
ATOM   163  O  O   . SER A 1 20 ? -2.726  -19.907 0.130   1.00 15.58  ? 20  SER A O   1 
ATOM   164  C  CB  . SER A 1 20 ? -2.015  -16.863 -0.105  1.00 9.10   ? 20  SER A CB  1 
ATOM   165  O  OG  . SER A 1 20 ? -1.260  -16.883 1.087   1.00 11.69  ? 20  SER A OG  1 
ATOM   166  N  N   . LEU A 1 21 ? -3.375  -19.000 2.063   1.00 14.18  ? 21  LEU A N   1 
ATOM   167  C  CA  . LEU A 1 21 ? -3.164  -20.252 2.783   1.00 15.26  ? 21  LEU A CA  1 
ATOM   168  C  C   . LEU A 1 21 ? -4.372  -21.186 2.747   1.00 15.57  ? 21  LEU A C   1 
ATOM   169  O  O   . LEU A 1 21 ? -4.347  -22.250 3.360   1.00 15.26  ? 21  LEU A O   1 
ATOM   170  C  CB  . LEU A 1 21 ? -2.781  -19.966 4.234   1.00 15.63  ? 21  LEU A CB  1 
ATOM   171  C  CG  . LEU A 1 21 ? -1.280  -19.799 4.478   1.00 20.48  ? 21  LEU A CG  1 
ATOM   172  C  CD1 . LEU A 1 21 ? -1.066  -18.992 5.742   1.00 23.94  ? 21  LEU A CD1 1 
ATOM   173  C  CD2 . LEU A 1 21 ? -0.615  -21.164 4.602   1.00 21.61  ? 21  LEU A CD2 1 
ATOM   174  N  N   . ILE A 1 22 ? -5.417  -20.793 2.022   1.00 13.72  ? 22  ILE A N   1 
ATOM   175  C  CA  . ILE A 1 22 ? -6.638  -21.587 1.916   1.00 14.52  ? 22  ILE A CA  1 
ATOM   176  C  C   . ILE A 1 22 ? -6.452  -22.949 1.233   1.00 16.77  ? 22  ILE A C   1 
ATOM   177  O  O   . ILE A 1 22 ? -6.902  -23.976 1.747   1.00 16.08  ? 22  ILE A O   1 
ATOM   178  C  CB  . ILE A 1 22 ? -7.737  -20.828 1.132   1.00 16.90  ? 22  ILE A CB  1 
ATOM   179  C  CG1 . ILE A 1 22 ? -8.174  -19.572 1.887   1.00 18.43  ? 22  ILE A CG1 1 
ATOM   180  C  CG2 . ILE A 1 22 ? -8.934  -21.734 0.910   1.00 18.35  ? 22  ILE A CG2 1 
ATOM   181  C  CD1 . ILE A 1 22 ? -8.648  -19.829 3.284   1.00 25.73  ? 22  ILE A CD1 1 
ATOM   182  N  N   . LYS A 1 23 ? -5.795  -22.966 0.079   1.00 15.80  ? 23  LYS A N   1 
ATOM   183  C  CA  . LYS A 1 23 ? -5.620  -24.219 -0.649  1.00 14.46  ? 23  LYS A CA  1 
ATOM   184  C  C   . LYS A 1 23 ? -4.571  -24.124 -1.744  1.00 15.84  ? 23  LYS A C   1 
ATOM   185  O  O   . LYS A 1 23 ? -4.009  -23.065 -1.979  1.00 13.68  ? 23  LYS A O   1 
ATOM   186  C  CB  . LYS A 1 23 ? -6.949  -24.621 -1.282  1.00 12.63  ? 23  LYS A CB  1 
ATOM   187  C  CG  . LYS A 1 23 ? -7.408  -23.660 -2.375  1.00 13.14  ? 23  LYS A CG  1 
ATOM   188  C  CD  . LYS A 1 23 ? -8.767  -24.047 -2.921  1.00 14.58  ? 23  LYS A CD  1 
ATOM   189  C  CE  . LYS A 1 23 ? -9.208  -23.104 -4.027  1.00 17.94  ? 23  LYS A CE  1 
ATOM   190  N  NZ  . LYS A 1 23 ? -10.117 -22.047 -3.503  1.00 20.67  ? 23  LYS A NZ  1 
ATOM   191  N  N   . GLY A 1 24 ? -4.316  -25.249 -2.410  1.00 13.87  ? 24  GLY A N   1 
ATOM   192  C  CA  . GLY A 1 24 ? -3.359  -25.288 -3.510  1.00 15.14  ? 24  GLY A CA  1 
ATOM   193  C  C   . GLY A 1 24 ? -1.996  -24.718 -3.188  1.00 15.46  ? 24  GLY A C   1 
ATOM   194  O  O   . GLY A 1 24 ? -1.417  -25.043 -2.152  1.00 15.46  ? 24  GLY A O   1 
ATOM   195  N  N   . ASN A 1 25 ? -1.462  -23.890 -4.086  1.00 12.86  ? 25  ASN A N   1 
ATOM   196  C  CA  . ASN A 1 25 ? -0.161  -23.263 -3.841  1.00 12.48  ? 25  ASN A CA  1 
ATOM   197  C  C   . ASN A 1 25 ? -0.433  -22.215 -2.759  1.00 10.36  ? 25  ASN A C   1 
ATOM   198  O  O   . ASN A 1 25 ? -1.255  -21.323 -2.952  1.00 11.36  ? 25  ASN A O   1 
ATOM   199  C  CB  . ASN A 1 25 ? 0.362   -22.596 -5.121  1.00 13.76  ? 25  ASN A CB  1 
ATOM   200  C  CG  . ASN A 1 25 ? 1.710   -21.916 -4.918  1.00 17.99  ? 25  ASN A CG  1 
ATOM   201  O  OD1 . ASN A 1 25 ? 1.834   -20.971 -4.135  1.00 19.54  ? 25  ASN A OD1 1 
ATOM   202  N  ND2 . ASN A 1 25 ? 2.725   -22.396 -5.626  1.00 18.19  ? 25  ASN A ND2 1 
ATOM   203  N  N   . PHE A 1 26 ? 0.254   -22.324 -1.626  1.00 9.25   ? 26  PHE A N   1 
ATOM   204  C  CA  . PHE A 1 26 ? 0.027   -21.421 -0.500  1.00 11.56  ? 26  PHE A CA  1 
ATOM   205  C  C   . PHE A 1 26 ? 0.589   -19.997 -0.628  1.00 12.96  ? 26  PHE A C   1 
ATOM   206  O  O   . PHE A 1 26 ? 0.550   -19.216 0.323   1.00 12.47  ? 26  PHE A O   1 
ATOM   207  C  CB  . PHE A 1 26 ? 0.523   -22.095 0.782   1.00 8.30   ? 26  PHE A CB  1 
ATOM   208  C  CG  . PHE A 1 26 ? -0.254  -23.343 1.140   1.00 11.85  ? 26  PHE A CG  1 
ATOM   209  C  CD1 . PHE A 1 26 ? -1.647  -23.324 1.177   1.00 10.01  ? 26  PHE A CD1 1 
ATOM   210  C  CD2 . PHE A 1 26 ? 0.405   -24.536 1.437   1.00 13.22  ? 26  PHE A CD2 1 
ATOM   211  C  CE1 . PHE A 1 26 ? -2.375  -24.476 1.503   1.00 12.49  ? 26  PHE A CE1 1 
ATOM   212  C  CE2 . PHE A 1 26 ? -0.313  -25.694 1.764   1.00 11.48  ? 26  PHE A CE2 1 
ATOM   213  C  CZ  . PHE A 1 26 ? -1.703  -25.663 1.798   1.00 10.78  ? 26  PHE A CZ  1 
ATOM   214  N  N   . HIS A 1 27 ? 1.095   -19.668 -1.812  1.00 13.82  ? 27  HIS A N   1 
ATOM   215  C  CA  . HIS A 1 27 ? 1.623   -18.341 -2.092  1.00 14.05  ? 27  HIS A CA  1 
ATOM   216  C  C   . HIS A 1 27 ? 0.817   -17.774 -3.248  1.00 14.59  ? 27  HIS A C   1 
ATOM   217  O  O   . HIS A 1 27 ? 1.285   -16.905 -3.982  1.00 16.24  ? 27  HIS A O   1 
ATOM   218  C  CB  . HIS A 1 27 ? 3.095   -18.418 -2.489  1.00 14.81  ? 27  HIS A CB  1 
ATOM   219  C  CG  . HIS A 1 27 ? 4.007   -18.764 -1.353  1.00 20.12  ? 27  HIS A CG  1 
ATOM   220  N  ND1 . HIS A 1 27 ? 5.235   -19.364 -1.537  1.00 21.63  ? 27  HIS A ND1 1 
ATOM   221  C  CD2 . HIS A 1 27 ? 3.867   -18.601 -0.015  1.00 23.48  ? 27  HIS A CD2 1 
ATOM   222  C  CE1 . HIS A 1 27 ? 5.811   -19.554 -0.364  1.00 21.13  ? 27  HIS A CE1 1 
ATOM   223  N  NE2 . HIS A 1 27 ? 5.002   -19.100 0.576   1.00 17.51  ? 27  HIS A NE2 1 
ATOM   224  N  N   . ALA A 1 28 ? -0.403  -18.276 -3.413  1.00 12.38  ? 28  ALA A N   1 
ATOM   225  C  CA  . ALA A 1 28 ? -1.259  -17.821 -4.497  1.00 15.18  ? 28  ALA A CA  1 
ATOM   226  C  C   . ALA A 1 28 ? -2.713  -17.736 -4.060  1.00 15.50  ? 28  ALA A C   1 
ATOM   227  O  O   . ALA A 1 28 ? -3.150  -18.487 -3.205  1.00 15.28  ? 28  ALA A O   1 
ATOM   228  C  CB  . ALA A 1 28 ? -1.130  -18.766 -5.690  1.00 12.80  ? 28  ALA A CB  1 
ATOM   229  N  N   . VAL A 1 29 ? -3.459  -16.805 -4.642  1.00 15.34  ? 29  VAL A N   1 
ATOM   230  C  CA  . VAL A 1 29 ? -4.873  -16.652 -4.324  1.00 13.59  ? 29  VAL A CA  1 
ATOM   231  C  C   . VAL A 1 29 ? -5.644  -16.970 -5.602  1.00 13.03  ? 29  VAL A C   1 
ATOM   232  O  O   . VAL A 1 29 ? -5.373  -16.401 -6.654  1.00 11.89  ? 29  VAL A O   1 
ATOM   233  C  CB  . VAL A 1 29 ? -5.183  -15.208 -3.856  1.00 13.40  ? 29  VAL A CB  1 
ATOM   234  C  CG1 . VAL A 1 29 ? -6.681  -14.949 -3.877  1.00 11.15  ? 29  VAL A CG1 1 
ATOM   235  C  CG2 . VAL A 1 29 ? -4.629  -15.004 -2.456  1.00 13.46  ? 29  VAL A CG2 1 
ATOM   236  N  N   . TYR A 1 30 ? -6.592  -17.892 -5.514  1.00 11.28  ? 30  TYR A N   1 
ATOM   237  C  CA  . TYR A 1 30 ? -7.365  -18.274 -6.682  1.00 10.99  ? 30  TYR A CA  1 
ATOM   238  C  C   . TYR A 1 30 ? -8.648  -17.454 -6.819  1.00 13.58  ? 30  TYR A C   1 
ATOM   239  O  O   . TYR A 1 30 ? -9.007  -16.676 -5.931  1.00 12.62  ? 30  TYR A O   1 
ATOM   240  C  CB  . TYR A 1 30 ? -7.665  -19.776 -6.622  1.00 11.41  ? 30  TYR A CB  1 
ATOM   241  C  CG  . TYR A 1 30 ? -6.399  -20.614 -6.518  1.00 11.09  ? 30  TYR A CG  1 
ATOM   242  C  CD1 . TYR A 1 30 ? -5.585  -20.822 -7.632  1.00 13.48  ? 30  TYR A CD1 1 
ATOM   243  C  CD2 . TYR A 1 30 ? -5.995  -21.161 -5.299  1.00 11.23  ? 30  TYR A CD2 1 
ATOM   244  C  CE1 . TYR A 1 30 ? -4.395  -21.554 -7.539  1.00 9.68   ? 30  TYR A CE1 1 
ATOM   245  C  CE2 . TYR A 1 30 ? -4.807  -21.896 -5.193  1.00 8.95   ? 30  TYR A CE2 1 
ATOM   246  C  CZ  . TYR A 1 30 ? -4.011  -22.086 -6.319  1.00 10.38  ? 30  TYR A CZ  1 
ATOM   247  O  OH  . TYR A 1 30 ? -2.828  -22.789 -6.227  1.00 10.70  ? 30  TYR A OH  1 
ATOM   248  N  N   . ARG A 1 31 ? -9.327  -17.631 -7.945  1.00 15.21  ? 31  ARG A N   1 
ATOM   249  C  CA  . ARG A 1 31 ? -10.559 -16.908 -8.246  1.00 19.78  ? 31  ARG A CA  1 
ATOM   250  C  C   . ARG A 1 31 ? -11.585 -16.836 -7.107  1.00 20.03  ? 31  ARG A C   1 
ATOM   251  O  O   . ARG A 1 31 ? -12.024 -15.742 -6.727  1.00 17.66  ? 31  ARG A O   1 
ATOM   252  C  CB  . ARG A 1 31 ? -11.214 -17.517 -9.493  1.00 25.43  ? 31  ARG A CB  1 
ATOM   253  C  CG  . ARG A 1 31 ? -12.401 -16.737 -10.044 1.00 36.24  ? 31  ARG A CG  1 
ATOM   254  C  CD  . ARG A 1 31 ? -12.886 -17.326 -11.366 1.00 43.84  ? 31  ARG A CD  1 
ATOM   255  N  NE  . ARG A 1 31 ? -12.569 -16.457 -12.496 1.00 55.75  ? 31  ARG A NE  1 
ATOM   256  C  CZ  . ARG A 1 31 ? -11.588 -16.681 -13.369 1.00 61.77  ? 31  ARG A CZ  1 
ATOM   257  N  NH1 . ARG A 1 31 ? -10.815 -17.756 -13.250 1.00 63.61  ? 31  ARG A NH1 1 
ATOM   258  N  NH2 . ARG A 1 31 ? -11.376 -15.827 -14.363 1.00 63.75  ? 31  ARG A NH2 1 
ATOM   259  N  N   . ASP A 1 32 ? -11.974 -17.992 -6.567  1.00 16.09  ? 32  ASP A N   1 
ATOM   260  C  CA  . ASP A 1 32 ? -12.957 -18.034 -5.489  1.00 16.38  ? 32  ASP A CA  1 
ATOM   261  C  C   . ASP A 1 32 ? -12.392 -17.480 -4.188  1.00 15.29  ? 32  ASP A C   1 
ATOM   262  O  O   . ASP A 1 32 ? -13.134 -16.932 -3.368  1.00 16.89  ? 32  ASP A O   1 
ATOM   263  C  CB  . ASP A 1 32 ? -13.478 -19.468 -5.288  1.00 18.56  ? 32  ASP A CB  1 
ATOM   264  C  CG  . ASP A 1 32 ? -12.366 -20.475 -4.996  1.00 24.11  ? 32  ASP A CG  1 
ATOM   265  O  OD1 . ASP A 1 32 ? -11.242 -20.325 -5.524  1.00 24.70  ? 32  ASP A OD1 1 
ATOM   266  O  OD2 . ASP A 1 32 ? -12.622 -21.430 -4.233  1.00 28.56  ? 32  ASP A OD2 1 
ATOM   267  N  N   . ASP A 1 33 ? -11.082 -17.616 -3.998  1.00 13.21  ? 33  ASP A N   1 
ATOM   268  C  CA  . ASP A 1 33 ? -10.433 -17.095 -2.800  1.00 13.69  ? 33  ASP A CA  1 
ATOM   269  C  C   . ASP A 1 33 ? -10.508 -15.571 -2.841  1.00 16.01  ? 33  ASP A C   1 
ATOM   270  O  O   . ASP A 1 33 ? -10.764 -14.912 -1.828  1.00 14.18  ? 33  ASP A O   1 
ATOM   271  C  CB  . ASP A 1 33 ? -8.969  -17.519 -2.755  1.00 13.34  ? 33  ASP A CB  1 
ATOM   272  C  CG  . ASP A 1 33 ? -8.798  -19.017 -2.608  1.00 15.34  ? 33  ASP A CG  1 
ATOM   273  O  OD1 . ASP A 1 33 ? -9.680  -19.663 -2.004  1.00 14.62  ? 33  ASP A OD1 1 
ATOM   274  O  OD2 . ASP A 1 33 ? -7.780  -19.544 -3.094  1.00 15.28  ? 33  ASP A OD2 1 
ATOM   275  N  N   . LEU A 1 34 ? -10.276 -15.017 -4.026  1.00 15.58  ? 34  LEU A N   1 
ATOM   276  C  CA  . LEU A 1 34 ? -10.317 -13.572 -4.209  1.00 17.66  ? 34  LEU A CA  1 
ATOM   277  C  C   . LEU A 1 34 ? -11.722 -13.020 -3.975  1.00 18.86  ? 34  LEU A C   1 
ATOM   278  O  O   . LEU A 1 34 ? -11.886 -11.965 -3.357  1.00 20.29  ? 34  LEU A O   1 
ATOM   279  C  CB  . LEU A 1 34 ? -9.841  -13.195 -5.616  1.00 17.20  ? 34  LEU A CB  1 
ATOM   280  C  CG  . LEU A 1 34 ? -9.656  -11.689 -5.861  1.00 18.48  ? 34  LEU A CG  1 
ATOM   281  C  CD1 . LEU A 1 34 ? -8.449  -11.186 -5.086  1.00 15.12  ? 34  LEU A CD1 1 
ATOM   282  C  CD2 . LEU A 1 34 ? -9.488  -11.423 -7.346  1.00 18.27  ? 34  LEU A CD2 1 
ATOM   283  N  N   . LYS A 1 35 ? -12.736 -13.725 -4.472  1.00 18.09  ? 35  LYS A N   1 
ATOM   284  C  CA  . LYS A 1 35 ? -14.112 -13.274 -4.289  1.00 19.91  ? 35  LYS A CA  1 
ATOM   285  C  C   . LYS A 1 35 ? -14.412 -13.127 -2.806  1.00 20.84  ? 35  LYS A C   1 
ATOM   286  O  O   . LYS A 1 35 ? -15.076 -12.177 -2.384  1.00 20.59  ? 35  LYS A O   1 
ATOM   287  C  CB  . LYS A 1 35 ? -15.096 -14.261 -4.911  1.00 21.66  ? 35  LYS A CB  1 
ATOM   288  C  CG  . LYS A 1 35 ? -16.515 -13.734 -4.958  1.00 25.08  ? 35  LYS A CG  1 
ATOM   289  C  CD  . LYS A 1 35 ? -17.423 -14.626 -5.785  1.00 32.00  ? 35  LYS A CD  1 
ATOM   290  C  CE  . LYS A 1 35 ? -18.668 -15.010 -4.999  1.00 36.59  ? 35  LYS A CE  1 
ATOM   291  N  NZ  . LYS A 1 35 ? -19.855 -14.199 -5.398  1.00 41.08  ? 35  LYS A NZ  1 
ATOM   292  N  N   . LYS A 1 36 ? -13.917 -14.076 -2.020  1.00 20.07  ? 36  LYS A N   1 
ATOM   293  C  CA  . LYS A 1 36 ? -14.117 -14.057 -0.577  1.00 19.98  ? 36  LYS A CA  1 
ATOM   294  C  C   . LYS A 1 36 ? -13.419 -12.835 -0.008  1.00 19.49  ? 36  LYS A C   1 
ATOM   295  O  O   . LYS A 1 36 ? -13.989 -12.099 0.796   1.00 18.52  ? 36  LYS A O   1 
ATOM   296  C  CB  . LYS A 1 36 ? -13.524 -15.316 0.062   1.00 21.39  ? 36  LYS A CB  1 
ATOM   297  C  CG  . LYS A 1 36 ? -14.530 -16.424 0.328   1.00 29.54  ? 36  LYS A CG  1 
ATOM   298  C  CD  . LYS A 1 36 ? -14.745 -17.288 -0.908  1.00 35.59  ? 36  LYS A CD  1 
ATOM   299  C  CE  . LYS A 1 36 ? -16.070 -16.952 -1.587  1.00 40.87  ? 36  LYS A CE  1 
ATOM   300  N  NZ  . LYS A 1 36 ? -16.115 -17.387 -3.012  1.00 39.43  ? 36  LYS A NZ  1 
ATOM   301  N  N   . LEU A 1 37 ? -12.179 -12.626 -0.436  1.00 16.71  ? 37  LEU A N   1 
ATOM   302  C  CA  . LEU A 1 37 ? -11.389 -11.503 0.041   1.00 18.63  ? 37  LEU A CA  1 
ATOM   303  C  C   . LEU A 1 37 ? -12.050 -10.154 -0.247  1.00 18.74  ? 37  LEU A C   1 
ATOM   304  O  O   . LEU A 1 37 ? -12.110 -9.293  0.630   1.00 19.53  ? 37  LEU A O   1 
ATOM   305  C  CB  . LEU A 1 37 ? -9.991  -11.537 -0.582  1.00 15.79  ? 37  LEU A CB  1 
ATOM   306  C  CG  . LEU A 1 37 ? -9.006  -10.496 -0.029  1.00 20.22  ? 37  LEU A CG  1 
ATOM   307  C  CD1 . LEU A 1 37 ? -7.579  -10.996 -0.182  1.00 18.02  ? 37  LEU A CD1 1 
ATOM   308  C  CD2 . LEU A 1 37 ? -9.184  -9.168  -0.764  1.00 15.93  ? 37  LEU A CD2 1 
ATOM   309  N  N   . LEU A 1 38 ? -12.548 -9.979  -1.467  1.00 19.04  ? 38  LEU A N   1 
ATOM   310  C  CA  . LEU A 1 38 ? -13.187 -8.726  -1.860  1.00 22.22  ? 38  LEU A CA  1 
ATOM   311  C  C   . LEU A 1 38 ? -14.456 -8.390  -1.081  1.00 24.98  ? 38  LEU A C   1 
ATOM   312  O  O   . LEU A 1 38 ? -14.599 -7.276  -0.578  1.00 26.01  ? 38  LEU A O   1 
ATOM   313  C  CB  . LEU A 1 38 ? -13.509 -8.743  -3.356  1.00 22.42  ? 38  LEU A CB  1 
ATOM   314  C  CG  . LEU A 1 38 ? -12.303 -8.623  -4.296  1.00 25.37  ? 38  LEU A CG  1 
ATOM   315  C  CD1 . LEU A 1 38 ? -12.720 -8.985  -5.712  1.00 27.29  ? 38  LEU A CD1 1 
ATOM   316  C  CD2 . LEU A 1 38 ? -11.743 -7.207  -4.256  1.00 27.09  ? 38  LEU A CD2 1 
ATOM   317  N  N   . GLU A 1 39 ? -15.377 -9.341  -0.974  1.00 25.99  ? 39  GLU A N   1 
ATOM   318  C  CA  . GLU A 1 39 ? -16.622 -9.080  -0.258  1.00 28.03  ? 39  GLU A CA  1 
ATOM   319  C  C   . GLU A 1 39 ? -16.482 -9.083  1.262   1.00 27.95  ? 39  GLU A C   1 
ATOM   320  O  O   . GLU A 1 39 ? -17.433 -8.775  1.977   1.00 30.48  ? 39  GLU A O   1 
ATOM   321  C  CB  . GLU A 1 39 ? -17.698 -10.082 -0.684  1.00 31.59  ? 39  GLU A CB  1 
ATOM   322  C  CG  . GLU A 1 39 ? -17.350 -11.528 -0.423  1.00 36.51  ? 39  GLU A CG  1 
ATOM   323  C  CD  . GLU A 1 39 ? -18.324 -12.487 -1.093  1.00 41.47  ? 39  GLU A CD  1 
ATOM   324  O  OE1 . GLU A 1 39 ? -19.011 -12.069 -2.053  1.00 39.70  ? 39  GLU A OE1 1 
ATOM   325  O  OE2 . GLU A 1 39 ? -18.401 -13.659 -0.661  1.00 41.07  ? 39  GLU A OE2 1 
ATOM   326  N  N   . THR A 1 40 ? -15.290 -9.404  1.754   1.00 26.82  ? 40  THR A N   1 
ATOM   327  C  CA  . THR A 1 40 ? -15.056 -9.452  3.194   1.00 26.88  ? 40  THR A CA  1 
ATOM   328  C  C   . THR A 1 40 ? -14.102 -8.386  3.728   1.00 27.04  ? 40  THR A C   1 
ATOM   329  O  O   . THR A 1 40 ? -14.245 -7.931  4.862   1.00 26.91  ? 40  THR A O   1 
ATOM   330  C  CB  . THR A 1 40 ? -14.509 -10.833 3.607   1.00 28.08  ? 40  THR A CB  1 
ATOM   331  O  OG1 . THR A 1 40 ? -15.452 -11.849 3.240   1.00 30.99  ? 40  THR A OG1 1 
ATOM   332  C  CG2 . THR A 1 40 ? -14.271 -10.885 5.102   1.00 27.19  ? 40  THR A CG2 1 
ATOM   333  N  N   . GLU A 1 41 ? -13.132 -7.981  2.916   1.00 26.82  ? 41  GLU A N   1 
ATOM   334  C  CA  . GLU A 1 41 ? -12.158 -6.991  3.360   1.00 27.70  ? 41  GLU A CA  1 
ATOM   335  C  C   . GLU A 1 41 ? -12.162 -5.692  2.567   1.00 27.68  ? 41  GLU A C   1 
ATOM   336  O  O   . GLU A 1 41 ? -11.377 -4.790  2.854   1.00 30.06  ? 41  GLU A O   1 
ATOM   337  C  CB  . GLU A 1 41 ? -10.752 -7.601  3.317   1.00 27.39  ? 41  GLU A CB  1 
ATOM   338  C  CG  . GLU A 1 41 ? -10.712 -9.099  3.582   1.00 32.15  ? 41  GLU A CG  1 
ATOM   339  C  CD  . GLU A 1 41 ? -10.514 -9.426  5.055   1.00 35.09  ? 41  GLU A CD  1 
ATOM   340  O  OE1 . GLU A 1 41 ? -10.241 -8.490  5.841   1.00 34.69  ? 41  GLU A OE1 1 
ATOM   341  O  OE2 . GLU A 1 41 ? -10.631 -10.615 5.428   1.00 32.06  ? 41  GLU A OE2 1 
ATOM   342  N  N   . CYS A 1 42 ? -13.035 -5.588  1.573   1.00 26.12  ? 42  CYS A N   1 
ATOM   343  C  CA  . CYS A 1 42 ? -13.077 -4.386  0.754   1.00 28.51  ? 42  CYS A CA  1 
ATOM   344  C  C   . CYS A 1 42 ? -14.406 -3.644  0.817   1.00 33.86  ? 42  CYS A C   1 
ATOM   345  O  O   . CYS A 1 42 ? -15.466 -4.260  0.954   1.00 32.61  ? 42  CYS A O   1 
ATOM   346  C  CB  . CYS A 1 42 ? -12.754 -4.739  -0.700  1.00 25.33  ? 42  CYS A CB  1 
ATOM   347  S  SG  . CYS A 1 42 ? -11.116 -5.454  -0.916  1.00 25.13  ? 42  CYS A SG  1 
ATOM   348  N  N   . PRO A 1 43 ? -14.360 -2.300  0.709   1.00 38.26  ? 43  PRO A N   1 
ATOM   349  C  CA  . PRO A 1 43 ? -15.553 -1.444  0.752   1.00 39.65  ? 43  PRO A CA  1 
ATOM   350  C  C   . PRO A 1 43 ? -16.479 -1.596  -0.450  1.00 41.37  ? 43  PRO A C   1 
ATOM   351  O  O   . PRO A 1 43 ? -16.094 -2.115  -1.499  1.00 40.13  ? 43  PRO A O   1 
ATOM   352  C  CB  . PRO A 1 43 ? -14.982 -0.027  0.856   1.00 39.80  ? 43  PRO A CB  1 
ATOM   353  C  CG  . PRO A 1 43 ? -13.628 -0.122  0.250   1.00 38.83  ? 43  PRO A CG  1 
ATOM   354  C  CD  . PRO A 1 43 ? -13.124 -1.510  0.543   1.00 38.92  ? 43  PRO A CD  1 
ATOM   355  N  N   . GLN A 1 44 ? -17.708 -1.128  -0.280  1.00 43.71  ? 44  GLN A N   1 
ATOM   356  C  CA  . GLN A 1 44 ? -18.717 -1.191  -1.323  1.00 47.30  ? 44  GLN A CA  1 
ATOM   357  C  C   . GLN A 1 44 ? -18.227 -0.605  -2.643  1.00 47.02  ? 44  GLN A C   1 
ATOM   358  O  O   . GLN A 1 44 ? -18.383 -1.225  -3.696  1.00 46.42  ? 44  GLN A O   1 
ATOM   359  C  CB  . GLN A 1 44 ? -19.981 -0.442  -0.877  1.00 53.60  ? 44  GLN A CB  1 
ATOM   360  C  CG  . GLN A 1 44 ? -19.763 0.551   0.278   1.00 62.08  ? 44  GLN A CG  1 
ATOM   361  C  CD  . GLN A 1 44 ? -19.231 1.912   -0.177  1.00 65.01  ? 44  GLN A CD  1 
ATOM   362  O  OE1 . GLN A 1 44 ? -18.445 2.551   0.528   1.00 66.53  ? 44  GLN A OE1 1 
ATOM   363  N  NE2 . GLN A 1 44 ? -19.663 2.358   -1.353  1.00 66.34  ? 44  GLN A NE2 1 
ATOM   364  N  N   . TYR A 1 45 ? -17.629 0.585   -2.584  1.00 46.71  ? 45  TYR A N   1 
ATOM   365  C  CA  . TYR A 1 45 ? -17.157 1.248   -3.795  1.00 46.14  ? 45  TYR A CA  1 
ATOM   366  C  C   . TYR A 1 45 ? -16.068 0.491   -4.549  1.00 46.38  ? 45  TYR A C   1 
ATOM   367  O  O   . TYR A 1 45 ? -15.694 0.875   -5.659  1.00 47.62  ? 45  TYR A O   1 
ATOM   368  C  CB  . TYR A 1 45 ? -16.713 2.694   -3.494  1.00 42.85  ? 45  TYR A CB  1 
ATOM   369  C  CG  . TYR A 1 45 ? -15.471 2.866   -2.641  1.00 41.30  ? 45  TYR A CG  1 
ATOM   370  C  CD1 . TYR A 1 45 ? -14.203 2.951   -3.223  1.00 40.14  ? 45  TYR A CD1 1 
ATOM   371  C  CD2 . TYR A 1 45 ? -15.568 3.012   -1.258  1.00 40.18  ? 45  TYR A CD2 1 
ATOM   372  C  CE1 . TYR A 1 45 ? -13.064 3.183   -2.447  1.00 38.44  ? 45  TYR A CE1 1 
ATOM   373  C  CE2 . TYR A 1 45 ? -14.436 3.243   -0.473  1.00 37.79  ? 45  TYR A CE2 1 
ATOM   374  C  CZ  . TYR A 1 45 ? -13.191 3.328   -1.074  1.00 37.69  ? 45  TYR A CZ  1 
ATOM   375  O  OH  . TYR A 1 45 ? -12.077 3.560   -0.302  1.00 37.70  ? 45  TYR A OH  1 
ATOM   376  N  N   . ILE A 1 46 ? -15.571 -0.592  -3.956  1.00 45.43  ? 46  ILE A N   1 
ATOM   377  C  CA  . ILE A 1 46 ? -14.551 -1.415  -4.606  1.00 43.40  ? 46  ILE A CA  1 
ATOM   378  C  C   . ILE A 1 46 ? -15.189 -2.750  -5.001  1.00 40.87  ? 46  ILE A C   1 
ATOM   379  O  O   . ILE A 1 46 ? -14.961 -3.262  -6.098  1.00 39.45  ? 46  ILE A O   1 
ATOM   380  C  CB  . ILE A 1 46 ? -13.332 -1.660  -3.670  1.00 43.26  ? 46  ILE A CB  1 
ATOM   381  C  CG1 . ILE A 1 46 ? -12.277 -0.576  -3.905  1.00 43.35  ? 46  ILE A CG1 1 
ATOM   382  C  CG2 . ILE A 1 46 ? -12.706 -3.020  -3.946  1.00 41.74  ? 46  ILE A CG2 1 
ATOM   383  C  CD1 . ILE A 1 46 ? -11.779 0.078   -2.642  1.00 46.77  ? 46  ILE A CD1 1 
ATOM   384  N  N   . ARG A 1 47 ? -16.002 -3.290  -4.100  1.00 40.10  ? 47  ARG A N   1 
ATOM   385  C  CA  . ARG A 1 47 ? -16.687 -4.553  -4.326  1.00 40.38  ? 47  ARG A CA  1 
ATOM   386  C  C   . ARG A 1 47 ? -17.554 -4.497  -5.573  1.00 41.07  ? 47  ARG A C   1 
ATOM   387  O  O   . ARG A 1 47 ? -17.475 -5.367  -6.435  1.00 41.20  ? 47  ARG A O   1 
ATOM   388  C  CB  . ARG A 1 47 ? -17.576 -4.891  -3.130  1.00 41.06  ? 47  ARG A CB  1 
ATOM   389  C  CG  . ARG A 1 47 ? -16.845 -5.432  -1.922  1.00 44.23  ? 47  ARG A CG  1 
ATOM   390  C  CD  . ARG A 1 47 ? -17.820 -6.082  -0.955  1.00 46.77  ? 47  ARG A CD  1 
ATOM   391  N  NE  . ARG A 1 47 ? -18.675 -5.096  -0.299  1.00 53.50  ? 47  ARG A NE  1 
ATOM   392  C  CZ  . ARG A 1 47 ? -19.892 -4.764  -0.718  1.00 57.00  ? 47  ARG A CZ  1 
ATOM   393  N  NH1 . ARG A 1 47 ? -20.406 -5.337  -1.800  1.00 59.21  ? 47  ARG A NH1 1 
ATOM   394  N  NH2 . ARG A 1 47 ? -20.598 -3.857  -0.056  1.00 57.38  ? 47  ARG A NH2 1 
ATOM   395  N  N   . LYS A 1 48 ? -18.378 -3.459  -5.659  1.00 42.68  ? 48  LYS A N   1 
ATOM   396  C  CA  . LYS A 1 48 ? -19.309 -3.282  -6.771  1.00 46.43  ? 48  LYS A CA  1 
ATOM   397  C  C   . LYS A 1 48 ? -18.741 -3.387  -8.189  1.00 44.92  ? 48  LYS A C   1 
ATOM   398  O  O   . LYS A 1 48 ? -19.494 -3.355  -9.162  1.00 46.15  ? 48  LYS A O   1 
ATOM   399  C  CB  . LYS A 1 48 ? -20.046 -1.948  -6.615  1.00 51.32  ? 48  LYS A CB  1 
ATOM   400  C  CG  . LYS A 1 48 ? -19.525 -0.835  -7.507  1.00 58.89  ? 48  LYS A CG  1 
ATOM   401  C  CD  . LYS A 1 48 ? -18.404 -0.067  -6.827  1.00 64.67  ? 48  LYS A CD  1 
ATOM   402  C  CE  . LYS A 1 48 ? -18.142 1.264   -7.524  1.00 69.18  ? 48  LYS A CE  1 
ATOM   403  N  NZ  . LYS A 1 48 ? -19.286 2.216   -7.391  1.00 71.83  ? 48  LYS A NZ  1 
ATOM   404  N  N   . LYS A 1 49 ? -17.426 -3.513  -8.319  1.00 42.18  ? 49  LYS A N   1 
ATOM   405  C  CA  . LYS A 1 49 ? -16.823 -3.631  -9.644  1.00 38.83  ? 49  LYS A CA  1 
ATOM   406  C  C   . LYS A 1 49 ? -17.006 -5.045  -10.197 1.00 36.22  ? 49  LYS A C   1 
ATOM   407  O  O   . LYS A 1 49 ? -17.086 -5.242  -11.410 1.00 36.00  ? 49  LYS A O   1 
ATOM   408  C  CB  . LYS A 1 49 ? -15.332 -3.289  -9.574  1.00 40.44  ? 49  LYS A CB  1 
ATOM   409  C  CG  . LYS A 1 49 ? -14.585 -3.486  -10.881 1.00 41.68  ? 49  LYS A CG  1 
ATOM   410  C  CD  . LYS A 1 49 ? -13.553 -2.392  -11.087 1.00 43.56  ? 49  LYS A CD  1 
ATOM   411  C  CE  . LYS A 1 49 ? -12.208 -2.962  -11.495 1.00 42.87  ? 49  LYS A CE  1 
ATOM   412  N  NZ  . LYS A 1 49 ? -11.159 -1.904  -11.492 1.00 43.40  ? 49  LYS A NZ  1 
ATOM   413  N  N   . GLY A 1 50 ? -17.083 -6.024  -9.301  1.00 33.41  ? 50  GLY A N   1 
ATOM   414  C  CA  . GLY A 1 50 ? -17.240 -7.406  -9.721  1.00 32.21  ? 50  GLY A CA  1 
ATOM   415  C  C   . GLY A 1 50 ? -15.961 -8.188  -9.469  1.00 30.37  ? 50  GLY A C   1 
ATOM   416  O  O   . GLY A 1 50 ? -14.878 -7.769  -9.883  1.00 28.65  ? 50  GLY A O   1 
ATOM   417  N  N   . ALA A 1 51 ? -16.081 -9.327  -8.793  1.00 30.21  ? 51  ALA A N   1 
ATOM   418  C  CA  . ALA A 1 51 ? -14.921 -10.156 -8.475  1.00 29.39  ? 51  ALA A CA  1 
ATOM   419  C  C   . ALA A 1 51 ? -14.233 -10.748 -9.707  1.00 28.59  ? 51  ALA A C   1 
ATOM   420  O  O   . ALA A 1 51 ? -13.028 -11.002 -9.692  1.00 27.73  ? 51  ALA A O   1 
ATOM   421  C  CB  . ALA A 1 51 ? -15.329 -11.276 -7.518  1.00 31.42  ? 51  ALA A CB  1 
ATOM   422  N  N   . ASP A 1 52 ? -14.992 -10.972 -10.772 1.00 28.36  ? 52  ASP A N   1 
ATOM   423  C  CA  . ASP A 1 52 ? -14.415 -11.535 -11.980 1.00 31.54  ? 52  ASP A CA  1 
ATOM   424  C  C   . ASP A 1 52 ? -13.658 -10.480 -12.769 1.00 29.09  ? 52  ASP A C   1 
ATOM   425  O  O   . ASP A 1 52 ? -12.620 -10.767 -13.367 1.00 28.50  ? 52  ASP A O   1 
ATOM   426  C  CB  . ASP A 1 52 ? -15.510 -12.167 -12.837 1.00 41.84  ? 52  ASP A CB  1 
ATOM   427  C  CG  . ASP A 1 52 ? -15.880 -13.561 -12.361 1.00 52.13  ? 52  ASP A CG  1 
ATOM   428  O  OD1 . ASP A 1 52 ? -14.958 -14.344 -12.033 1.00 56.26  ? 52  ASP A OD1 1 
ATOM   429  O  OD2 . ASP A 1 52 ? -17.091 -13.872 -12.308 1.00 60.22  ? 52  ASP A OD2 1 
ATOM   430  N  N   . VAL A 1 53 ? -14.181 -9.257  -12.768 1.00 26.62  ? 53  VAL A N   1 
ATOM   431  C  CA  . VAL A 1 53 ? -13.532 -8.148  -13.458 1.00 24.77  ? 53  VAL A CA  1 
ATOM   432  C  C   . VAL A 1 53 ? -12.204 -7.886  -12.745 1.00 22.99  ? 53  VAL A C   1 
ATOM   433  O  O   . VAL A 1 53 ? -11.158 -7.748  -13.378 1.00 22.98  ? 53  VAL A O   1 
ATOM   434  C  CB  . VAL A 1 53 ? -14.402 -6.873  -13.399 1.00 26.42  ? 53  VAL A CB  1 
ATOM   435  C  CG1 . VAL A 1 53 ? -13.600 -5.659  -13.856 1.00 24.56  ? 53  VAL A CG1 1 
ATOM   436  C  CG2 . VAL A 1 53 ? -15.637 -7.058  -14.260 1.00 26.35  ? 53  VAL A CG2 1 
ATOM   437  N  N   . TRP A 1 54 ? -12.261 -7.830  -11.418 1.00 20.12  ? 54  TRP A N   1 
ATOM   438  C  CA  . TRP A 1 54 ? -11.076 -7.600  -10.606 1.00 22.01  ? 54  TRP A CA  1 
ATOM   439  C  C   . TRP A 1 54 ? -10.022 -8.675  -10.847 1.00 22.01  ? 54  TRP A C   1 
ATOM   440  O  O   . TRP A 1 54 ? -8.838  -8.375  -11.000 1.00 22.10  ? 54  TRP A O   1 
ATOM   441  C  CB  . TRP A 1 54 ? -11.452 -7.572  -9.128  1.00 21.29  ? 54  TRP A CB  1 
ATOM   442  C  CG  . TRP A 1 54 ? -11.656 -6.192  -8.629  1.00 26.66  ? 54  TRP A CG  1 
ATOM   443  C  CD1 . TRP A 1 54 ? -12.794 -5.677  -8.080  1.00 26.83  ? 54  TRP A CD1 1 
ATOM   444  C  CD2 . TRP A 1 54 ? -10.700 -5.126  -8.654  1.00 26.98  ? 54  TRP A CD2 1 
ATOM   445  N  NE1 . TRP A 1 54 ? -12.607 -4.353  -7.759  1.00 26.88  ? 54  TRP A NE1 1 
ATOM   446  C  CE2 . TRP A 1 54 ? -11.330 -3.990  -8.100  1.00 29.85  ? 54  TRP A CE2 1 
ATOM   447  C  CE3 . TRP A 1 54 ? -9.372  -5.024  -9.089  1.00 26.88  ? 54  TRP A CE3 1 
ATOM   448  C  CZ2 . TRP A 1 54 ? -10.673 -2.758  -7.973  1.00 29.67  ? 54  TRP A CZ2 1 
ATOM   449  C  CZ3 . TRP A 1 54 ? -8.720  -3.802  -8.962  1.00 29.13  ? 54  TRP A CZ3 1 
ATOM   450  C  CH2 . TRP A 1 54 ? -9.373  -2.685  -8.408  1.00 28.33  ? 54  TRP A CH2 1 
ATOM   451  N  N   . PHE A 1 55 ? -10.455 -9.931  -10.882 1.00 21.69  ? 55  PHE A N   1 
ATOM   452  C  CA  . PHE A 1 55 ? -9.523  -11.026 -11.102 1.00 22.68  ? 55  PHE A CA  1 
ATOM   453  C  C   . PHE A 1 55 ? -8.845  -10.869 -12.453 1.00 21.24  ? 55  PHE A C   1 
ATOM   454  O  O   . PHE A 1 55 ? -7.622  -10.957 -12.558 1.00 21.63  ? 55  PHE A O   1 
ATOM   455  C  CB  . PHE A 1 55 ? -10.239 -12.382 -11.040 1.00 22.63  ? 55  PHE A CB  1 
ATOM   456  C  CG  . PHE A 1 55 ? -9.297  -13.553 -10.960 1.00 20.35  ? 55  PHE A CG  1 
ATOM   457  C  CD1 . PHE A 1 55 ? -8.772  -13.957 -9.736  1.00 20.46  ? 55  PHE A CD1 1 
ATOM   458  C  CD2 . PHE A 1 55 ? -8.908  -14.232 -12.112 1.00 23.85  ? 55  PHE A CD2 1 
ATOM   459  C  CE1 . PHE A 1 55 ? -7.872  -15.017 -9.659  1.00 21.81  ? 55  PHE A CE1 1 
ATOM   460  C  CE2 . PHE A 1 55 ? -8.007  -15.297 -12.047 1.00 22.68  ? 55  PHE A CE2 1 
ATOM   461  C  CZ  . PHE A 1 55 ? -7.486  -15.688 -10.818 1.00 19.55  ? 55  PHE A CZ  1 
ATOM   462  N  N   . LYS A 1 56 ? -9.646  -10.632 -13.484 1.00 22.15  ? 56  LYS A N   1 
ATOM   463  C  CA  . LYS A 1 56 ? -9.106  -10.462 -14.825 1.00 24.42  ? 56  LYS A CA  1 
ATOM   464  C  C   . LYS A 1 56 ? -8.075  -9.344  -14.808 1.00 21.92  ? 56  LYS A C   1 
ATOM   465  O  O   . LYS A 1 56 ? -7.027  -9.432  -15.439 1.00 22.36  ? 56  LYS A O   1 
ATOM   466  C  CB  . LYS A 1 56 ? -10.227 -10.106 -15.800 1.00 30.61  ? 56  LYS A CB  1 
ATOM   467  C  CG  . LYS A 1 56 ? -10.426 -11.114 -16.917 1.00 41.25  ? 56  LYS A CG  1 
ATOM   468  C  CD  . LYS A 1 56 ? -10.873 -12.466 -16.372 1.00 49.69  ? 56  LYS A CD  1 
ATOM   469  C  CE  . LYS A 1 56 ? -9.957  -13.586 -16.853 1.00 53.60  ? 56  LYS A CE  1 
ATOM   470  N  NZ  . LYS A 1 56 ? -8.871  -13.892 -15.872 1.00 58.52  ? 56  LYS A NZ  1 
ATOM   471  N  N   . GLU A 1 57 ? -8.378  -8.299  -14.055 1.00 19.74  ? 57  GLU A N   1 
ATOM   472  C  CA  . GLU A 1 57 ? -7.502  -7.144  -13.960 1.00 19.18  ? 57  GLU A CA  1 
ATOM   473  C  C   . GLU A 1 57 ? -6.215  -7.399  -13.179 1.00 17.22  ? 57  GLU A C   1 
ATOM   474  O  O   . GLU A 1 57 ? -5.159  -6.865  -13.524 1.00 17.26  ? 57  GLU A O   1 
ATOM   475  C  CB  . GLU A 1 57 ? -8.272  -5.987  -13.320 1.00 22.95  ? 57  GLU A CB  1 
ATOM   476  C  CG  . GLU A 1 57 ? -7.505  -4.689  -13.226 1.00 28.40  ? 57  GLU A CG  1 
ATOM   477  C  CD  . GLU A 1 57 ? -8.392  -3.531  -12.813 1.00 32.44  ? 57  GLU A CD  1 
ATOM   478  O  OE1 . GLU A 1 57 ? -9.611  -3.600  -13.072 1.00 33.32  ? 57  GLU A OE1 1 
ATOM   479  O  OE2 . GLU A 1 57 ? -7.871  -2.558  -12.230 1.00 35.82  ? 57  GLU A OE2 1 
ATOM   480  N  N   . LEU A 1 58 ? -6.302  -8.211  -12.132 1.00 13.56  ? 58  LEU A N   1 
ATOM   481  C  CA  . LEU A 1 58 ? -5.141  -8.499  -11.298 1.00 12.48  ? 58  LEU A CA  1 
ATOM   482  C  C   . LEU A 1 58 ? -4.255  -9.637  -11.789 1.00 13.09  ? 58  LEU A C   1 
ATOM   483  O  O   . LEU A 1 58 ? -3.058  -9.648  -11.510 1.00 10.50  ? 58  LEU A O   1 
ATOM   484  C  CB  . LEU A 1 58 ? -5.590  -8.782  -9.863  1.00 11.83  ? 58  LEU A CB  1 
ATOM   485  C  CG  . LEU A 1 58 ? -6.339  -7.634  -9.169  1.00 15.62  ? 58  LEU A CG  1 
ATOM   486  C  CD1 . LEU A 1 58 ? -6.777  -8.087  -7.790  1.00 15.75  ? 58  LEU A CD1 1 
ATOM   487  C  CD2 . LEU A 1 58 ? -5.440  -6.403  -9.060  1.00 14.15  ? 58  LEU A CD2 1 
ATOM   488  N  N   . ASP A 1 59 ? -4.831  -10.596 -12.510 1.00 13.06  ? 59  ASP A N   1 
ATOM   489  C  CA  . ASP A 1 59 ? -4.046  -11.719 -13.022 1.00 13.00  ? 59  ASP A CA  1 
ATOM   490  C  C   . ASP A 1 59 ? -3.352  -11.312 -14.318 1.00 12.07  ? 59  ASP A C   1 
ATOM   491  O  O   . ASP A 1 59 ? -3.790  -11.660 -15.411 1.00 13.95  ? 59  ASP A O   1 
ATOM   492  C  CB  . ASP A 1 59 ? -4.947  -12.938 -13.260 1.00 13.04  ? 59  ASP A CB  1 
ATOM   493  C  CG  . ASP A 1 59 ? -4.151  -14.188 -13.602 1.00 15.60  ? 59  ASP A CG  1 
ATOM   494  O  OD1 . ASP A 1 59 ? -2.913  -14.166 -13.451 1.00 10.04  ? 59  ASP A OD1 1 
ATOM   495  O  OD2 . ASP A 1 59 ? -4.762  -15.193 -14.025 1.00 17.13  ? 59  ASP A OD2 1 
ATOM   496  N  N   . ILE A 1 60 ? -2.259  -10.572 -14.179 1.00 13.02  ? 60  ILE A N   1 
ATOM   497  C  CA  . ILE A 1 60 ? -1.500  -10.067 -15.318 1.00 14.44  ? 60  ILE A CA  1 
ATOM   498  C  C   . ILE A 1 60 ? -0.928  -11.121 -16.274 1.00 14.92  ? 60  ILE A C   1 
ATOM   499  O  O   . ILE A 1 60 ? -1.074  -10.992 -17.494 1.00 13.15  ? 60  ILE A O   1 
ATOM   500  C  CB  . ILE A 1 60 ? -0.332  -9.168  -14.848 1.00 15.72  ? 60  ILE A CB  1 
ATOM   501  C  CG1 . ILE A 1 60 ? -0.842  -8.098  -13.869 1.00 16.67  ? 60  ILE A CG1 1 
ATOM   502  C  CG2 . ILE A 1 60 ? 0.334   -8.523  -16.054 1.00 18.29  ? 60  ILE A CG2 1 
ATOM   503  C  CD1 . ILE A 1 60 ? -1.867  -7.161  -14.459 1.00 15.98  ? 60  ILE A CD1 1 
ATOM   504  N  N   . ASN A 1 61 ? -0.264  -12.140 -15.729 1.00 14.38  ? 61  ASN A N   1 
ATOM   505  C  CA  . ASN A 1 61 ? 0.333   -13.187 -16.562 1.00 12.07  ? 61  ASN A CA  1 
ATOM   506  C  C   . ASN A 1 61 ? -0.659  -14.287 -16.958 1.00 14.32  ? 61  ASN A C   1 
ATOM   507  O  O   . ASN A 1 61 ? -0.312  -15.210 -17.697 1.00 12.62  ? 61  ASN A O   1 
ATOM   508  C  CB  . ASN A 1 61 ? 1.563   -13.795 -15.863 1.00 11.37  ? 61  ASN A CB  1 
ATOM   509  C  CG  . ASN A 1 61 ? 1.201   -14.649 -14.656 1.00 14.14  ? 61  ASN A CG  1 
ATOM   510  O  OD1 . ASN A 1 61 ? 0.189   -14.424 -14.003 1.00 14.94  ? 61  ASN A OD1 1 
ATOM   511  N  ND2 . ASN A 1 61 ? 2.038   -15.635 -14.357 1.00 11.06  ? 61  ASN A ND2 1 
ATOM   512  N  N   . THR A 1 62 ? -1.894  -14.156 -16.476 1.00 12.07  ? 62  THR A N   1 
ATOM   513  C  CA  . THR A 1 62 ? -2.972  -15.094 -16.758 1.00 14.35  ? 62  THR A CA  1 
ATOM   514  C  C   . THR A 1 62 ? -2.649  -16.562 -16.454 1.00 17.24  ? 62  THR A C   1 
ATOM   515  O  O   . THR A 1 62 ? -2.880  -17.449 -17.281 1.00 17.38  ? 62  THR A O   1 
ATOM   516  C  CB  . THR A 1 62 ? -3.455  -14.967 -18.229 1.00 15.07  ? 62  THR A CB  1 
ATOM   517  O  OG1 . THR A 1 62 ? -2.391  -15.308 -19.126 1.00 18.02  ? 62  THR A OG1 1 
ATOM   518  C  CG2 . THR A 1 62 ? -3.902  -13.547 -18.517 1.00 14.51  ? 62  THR A CG2 1 
ATOM   519  N  N   . ASP A 1 63 ? -2.119  -16.824 -15.262 1.00 14.42  ? 63  ASP A N   1 
ATOM   520  C  CA  . ASP A 1 63 ? -1.810  -18.192 -14.871 1.00 13.05  ? 63  ASP A CA  1 
ATOM   521  C  C   . ASP A 1 63 ? -2.898  -18.742 -13.940 1.00 14.13  ? 63  ASP A C   1 
ATOM   522  O  O   . ASP A 1 63 ? -2.734  -19.799 -13.331 1.00 17.11  ? 63  ASP A O   1 
ATOM   523  C  CB  . ASP A 1 63 ? -0.418  -18.278 -14.213 1.00 10.40  ? 63  ASP A CB  1 
ATOM   524  C  CG  . ASP A 1 63 ? -0.275  -17.370 -13.010 1.00 10.08  ? 63  ASP A CG  1 
ATOM   525  O  OD1 . ASP A 1 63 ? -1.287  -16.795 -12.575 1.00 10.64  ? 63  ASP A OD1 1 
ATOM   526  O  OD2 . ASP A 1 63 ? 0.852   -17.240 -12.497 1.00 10.72  ? 63  ASP A OD2 1 
ATOM   527  N  N   . GLY A 1 64 ? -4.008  -18.011 -13.841 1.00 12.34  ? 64  GLY A N   1 
ATOM   528  C  CA  . GLY A 1 64 ? -5.125  -18.435 -13.014 1.00 11.94  ? 64  GLY A CA  1 
ATOM   529  C  C   . GLY A 1 64 ? -5.050  -18.125 -11.530 1.00 14.45  ? 64  GLY A C   1 
ATOM   530  O  O   . GLY A 1 64 ? -5.866  -18.615 -10.750 1.00 14.34  ? 64  GLY A O   1 
ATOM   531  N  N   . ALA A 1 65 ? -4.085  -17.315 -11.116 1.00 11.85  ? 65  ALA A N   1 
ATOM   532  C  CA  . ALA A 1 65 ? -3.977  -16.993 -9.700  1.00 10.30  ? 65  ALA A CA  1 
ATOM   533  C  C   . ALA A 1 65 ? -3.424  -15.600 -9.506  1.00 10.50  ? 65  ALA A C   1 
ATOM   534  O  O   . ALA A 1 65 ? -2.863  -15.011 -10.423 1.00 10.09  ? 65  ALA A O   1 
ATOM   535  C  CB  . ALA A 1 65 ? -3.081  -18.004 -8.998  1.00 11.98  ? 65  ALA A CB  1 
ATOM   536  N  N   . VAL A 1 66 ? -3.602  -15.075 -8.302  1.00 10.64  ? 66  VAL A N   1 
ATOM   537  C  CA  . VAL A 1 66 ? -3.105  -13.753 -7.959  1.00 10.07  ? 66  VAL A CA  1 
ATOM   538  C  C   . VAL A 1 66 ? -2.032  -13.962 -6.902  1.00 10.17  ? 66  VAL A C   1 
ATOM   539  O  O   . VAL A 1 66 ? -2.326  -14.471 -5.813  1.00 10.91  ? 66  VAL A O   1 
ATOM   540  C  CB  . VAL A 1 66 ? -4.236  -12.867 -7.376  1.00 10.82  ? 66  VAL A CB  1 
ATOM   541  C  CG1 . VAL A 1 66 ? -3.662  -11.565 -6.817  1.00 11.20  ? 66  VAL A CG1 1 
ATOM   542  C  CG2 . VAL A 1 66 ? -5.263  -12.568 -8.452  1.00 9.82   ? 66  VAL A CG2 1 
ATOM   543  N  N   . ASN A 1 67 ? -0.788  -13.610 -7.223  1.00 10.12  ? 67  ASN A N   1 
ATOM   544  C  CA  . ASN A 1 67 ? 0.279   -13.753 -6.244  1.00 11.28  ? 67  ASN A CA  1 
ATOM   545  C  C   . ASN A 1 67 ? 0.395   -12.447 -5.453  1.00 12.44  ? 67  ASN A C   1 
ATOM   546  O  O   . ASN A 1 67 ? -0.388  -11.522 -5.669  1.00 12.71  ? 67  ASN A O   1 
ATOM   547  C  CB  . ASN A 1 67 ? 1.613   -14.148 -6.909  1.00 11.07  ? 67  ASN A CB  1 
ATOM   548  C  CG  . ASN A 1 67 ? 2.069   -13.164 -7.974  1.00 18.96  ? 67  ASN A CG  1 
ATOM   549  O  OD1 . ASN A 1 67 ? 1.645   -12.011 -8.005  1.00 20.16  ? 67  ASN A OD1 1 
ATOM   550  N  ND2 . ASN A 1 67 ? 2.959   -13.624 -8.853  1.00 13.97  ? 67  ASN A ND2 1 
ATOM   551  N  N   . PHE A 1 68 ? 1.348   -12.360 -4.535  1.00 13.61  ? 68  PHE A N   1 
ATOM   552  C  CA  . PHE A 1 68 ? 1.476   -11.151 -3.725  1.00 16.00  ? 68  PHE A CA  1 
ATOM   553  C  C   . PHE A 1 68 ? 1.676   -9.865  -4.524  1.00 16.98  ? 68  PHE A C   1 
ATOM   554  O  O   . PHE A 1 68 ? 0.967   -8.872  -4.316  1.00 14.80  ? 68  PHE A O   1 
ATOM   555  C  CB  . PHE A 1 68 ? 2.616   -11.293 -2.718  1.00 15.84  ? 68  PHE A CB  1 
ATOM   556  C  CG  . PHE A 1 68 ? 2.705   -10.140 -1.760  1.00 17.58  ? 68  PHE A CG  1 
ATOM   557  C  CD1 . PHE A 1 68 ? 1.651   -9.862  -0.895  1.00 18.03  ? 68  PHE A CD1 1 
ATOM   558  C  CD2 . PHE A 1 68 ? 3.820   -9.307  -1.754  1.00 20.28  ? 68  PHE A CD2 1 
ATOM   559  C  CE1 . PHE A 1 68 ? 1.699   -8.766  -0.034  1.00 20.90  ? 68  PHE A CE1 1 
ATOM   560  C  CE2 . PHE A 1 68 ? 3.881   -8.207  -0.898  1.00 18.83  ? 68  PHE A CE2 1 
ATOM   561  C  CZ  . PHE A 1 68 ? 2.817   -7.937  -0.038  1.00 20.06  ? 68  PHE A CZ  1 
ATOM   562  N  N   . GLN A 1 69 ? 2.646   -9.876  -5.429  1.00 17.09  ? 69  GLN A N   1 
ATOM   563  C  CA  . GLN A 1 69 ? 2.912   -8.698  -6.236  1.00 21.83  ? 69  GLN A CA  1 
ATOM   564  C  C   . GLN A 1 69 ? 1.647   -8.222  -6.945  1.00 21.45  ? 69  GLN A C   1 
ATOM   565  O  O   . GLN A 1 69 ? 1.370   -7.022  -7.000  1.00 21.33  ? 69  GLN A O   1 
ATOM   566  C  CB  . GLN A 1 69 ? 4.006   -8.999  -7.261  1.00 28.81  ? 69  GLN A CB  1 
ATOM   567  C  CG  . GLN A 1 69 ? 5.339   -9.446  -6.657  1.00 43.36  ? 69  GLN A CG  1 
ATOM   568  C  CD  . GLN A 1 69 ? 5.931   -8.433  -5.682  1.00 53.47  ? 69  GLN A CD  1 
ATOM   569  O  OE1 . GLN A 1 69 ? 5.507   -7.276  -5.630  1.00 59.65  ? 69  GLN A OE1 1 
ATOM   570  N  NE2 . GLN A 1 69 ? 6.922   -8.869  -4.903  1.00 57.67  ? 69  GLN A NE2 1 
ATOM   571  N  N   . GLU A 1 70 ? 0.870   -9.161  -7.475  1.00 17.46  ? 70  GLU A N   1 
ATOM   572  C  CA  . GLU A 1 70 ? -0.359  -8.812  -8.180  1.00 15.64  ? 70  GLU A CA  1 
ATOM   573  C  C   . GLU A 1 70 ? -1.417  -8.272  -7.223  1.00 14.34  ? 70  GLU A C   1 
ATOM   574  O  O   . GLU A 1 70 ? -2.237  -7.417  -7.582  1.00 15.49  ? 70  GLU A O   1 
ATOM   575  C  CB  . GLU A 1 70 ? -0.893  -10.034 -8.929  1.00 14.21  ? 70  GLU A CB  1 
ATOM   576  C  CG  . GLU A 1 70 ? -0.053  -10.395 -10.143 1.00 11.94  ? 70  GLU A CG  1 
ATOM   577  C  CD  . GLU A 1 70 ? -0.443  -11.725 -10.738 1.00 13.58  ? 70  GLU A CD  1 
ATOM   578  O  OE1 . GLU A 1 70 ? -0.884  -12.606 -9.971  1.00 13.41  ? 70  GLU A OE1 1 
ATOM   579  O  OE2 . GLU A 1 70 ? -0.310  -11.886 -11.969 1.00 9.57   ? 70  GLU A OE2 1 
ATOM   580  N  N   . PHE A 1 71 ? -1.393  -8.783  -6.001  1.00 12.35  ? 71  PHE A N   1 
ATOM   581  C  CA  . PHE A 1 71 ? -2.329  -8.350  -4.981  1.00 12.16  ? 71  PHE A CA  1 
ATOM   582  C  C   . PHE A 1 71 ? -2.030  -6.886  -4.648  1.00 10.97  ? 71  PHE A C   1 
ATOM   583  O  O   . PHE A 1 71 ? -2.941  -6.090  -4.432  1.00 11.59  ? 71  PHE A O   1 
ATOM   584  C  CB  . PHE A 1 71 ? -2.158  -9.226  -3.743  1.00 10.74  ? 71  PHE A CB  1 
ATOM   585  C  CG  . PHE A 1 71 ? -2.840  -8.690  -2.526  1.00 11.14  ? 71  PHE A CG  1 
ATOM   586  C  CD1 . PHE A 1 71 ? -4.221  -8.608  -2.471  1.00 12.33  ? 71  PHE A CD1 1 
ATOM   587  C  CD2 . PHE A 1 71 ? -2.096  -8.276  -1.428  1.00 15.08  ? 71  PHE A CD2 1 
ATOM   588  C  CE1 . PHE A 1 71 ? -4.860  -8.123  -1.336  1.00 15.99  ? 71  PHE A CE1 1 
ATOM   589  C  CE2 . PHE A 1 71 ? -2.725  -7.787  -0.284  1.00 17.26  ? 71  PHE A CE2 1 
ATOM   590  C  CZ  . PHE A 1 71 ? -4.114  -7.712  -0.243  1.00 13.33  ? 71  PHE A CZ  1 
ATOM   591  N  N   . LEU A 1 72 ? -0.744  -6.544  -4.629  1.00 15.26  ? 72  LEU A N   1 
ATOM   592  C  CA  . LEU A 1 72 ? -0.306  -5.181  -4.326  1.00 14.49  ? 72  LEU A CA  1 
ATOM   593  C  C   . LEU A 1 72 ? -0.910  -4.172  -5.293  1.00 16.81  ? 72  LEU A C   1 
ATOM   594  O  O   . LEU A 1 72 ? -1.031  -2.989  -4.968  1.00 18.03  ? 72  LEU A O   1 
ATOM   595  C  CB  . LEU A 1 72 ? 1.219   -5.089  -4.378  1.00 14.04  ? 72  LEU A CB  1 
ATOM   596  C  CG  . LEU A 1 72 ? 1.982   -5.604  -3.154  1.00 18.35  ? 72  LEU A CG  1 
ATOM   597  C  CD1 . LEU A 1 72 ? 3.463   -5.305  -3.314  1.00 19.36  ? 72  LEU A CD1 1 
ATOM   598  C  CD2 . LEU A 1 72 ? 1.440   -4.951  -1.896  1.00 19.04  ? 72  LEU A CD2 1 
ATOM   599  N  N   . ILE A 1 73 ? -1.283  -4.621  -6.487  1.00 15.32  ? 73  ILE A N   1 
ATOM   600  C  CA  . ILE A 1 73 ? -1.897  -3.714  -7.443  1.00 14.44  ? 73  ILE A CA  1 
ATOM   601  C  C   . ILE A 1 73 ? -3.244  -3.265  -6.894  1.00 16.09  ? 73  ILE A C   1 
ATOM   602  O  O   . ILE A 1 73 ? -3.610  -2.096  -7.002  1.00 15.53  ? 73  ILE A O   1 
ATOM   603  C  CB  . ILE A 1 73 ? -2.136  -4.382  -8.809  1.00 15.07  ? 73  ILE A CB  1 
ATOM   604  C  CG1 . ILE A 1 73 ? -0.804  -4.591  -9.526  1.00 15.43  ? 73  ILE A CG1 1 
ATOM   605  C  CG2 . ILE A 1 73 ? -3.032  -3.504  -9.673  1.00 14.98  ? 73  ILE A CG2 1 
ATOM   606  C  CD1 . ILE A 1 73 ? -0.917  -5.492  -10.735 1.00 19.98  ? 73  ILE A CD1 1 
ATOM   607  N  N   . LEU A 1 74 ? -3.984  -4.202  -6.307  1.00 17.05  ? 74  LEU A N   1 
ATOM   608  C  CA  . LEU A 1 74 ? -5.292  -3.891  -5.741  1.00 17.79  ? 74  LEU A CA  1 
ATOM   609  C  C   . LEU A 1 74 ? -5.112  -2.944  -4.572  1.00 16.13  ? 74  LEU A C   1 
ATOM   610  O  O   . LEU A 1 74 ? -5.888  -2.005  -4.394  1.00 16.70  ? 74  LEU A O   1 
ATOM   611  C  CB  . LEU A 1 74 ? -5.989  -5.163  -5.249  1.00 18.61  ? 74  LEU A CB  1 
ATOM   612  C  CG  . LEU A 1 74 ? -7.298  -4.956  -4.479  1.00 17.71  ? 74  LEU A CG  1 
ATOM   613  C  CD1 . LEU A 1 74 ? -8.348  -4.368  -5.408  1.00 16.93  ? 74  LEU A CD1 1 
ATOM   614  C  CD2 . LEU A 1 74 ? -7.780  -6.288  -3.904  1.00 17.34  ? 74  LEU A CD2 1 
ATOM   615  N  N   . VAL A 1 75 ? -4.081  -3.200  -3.777  1.00 14.83  ? 75  VAL A N   1 
ATOM   616  C  CA  . VAL A 1 75 ? -3.803  -2.364  -2.621  1.00 18.24  ? 75  VAL A CA  1 
ATOM   617  C  C   . VAL A 1 75 ? -3.513  -0.922  -3.041  1.00 17.28  ? 75  VAL A C   1 
ATOM   618  O  O   . VAL A 1 75 ? -3.984  0.023   -2.405  1.00 18.55  ? 75  VAL A O   1 
ATOM   619  C  CB  . VAL A 1 75 ? -2.608  -2.916  -1.812  1.00 20.26  ? 75  VAL A CB  1 
ATOM   620  C  CG1 . VAL A 1 75 ? -2.257  -1.953  -0.675  1.00 21.62  ? 75  VAL A CG1 1 
ATOM   621  C  CG2 . VAL A 1 75 ? -2.954  -4.303  -1.251  1.00 18.62  ? 75  VAL A CG2 1 
ATOM   622  N  N   . ILE A 1 76 ? -2.747  -0.760  -4.117  1.00 15.28  ? 76  ILE A N   1 
ATOM   623  C  CA  . ILE A 1 76 ? -2.400  0.562   -4.628  1.00 15.44  ? 76  ILE A CA  1 
ATOM   624  C  C   . ILE A 1 76 ? -3.626  1.269   -5.185  1.00 14.36  ? 76  ILE A C   1 
ATOM   625  O  O   . ILE A 1 76 ? -3.855  2.451   -4.925  1.00 11.66  ? 76  ILE A O   1 
ATOM   626  C  CB  . ILE A 1 76 ? -1.354  0.468   -5.746  1.00 15.30  ? 76  ILE A CB  1 
ATOM   627  C  CG1 . ILE A 1 76 ? -0.029  -0.027  -5.176  1.00 16.25  ? 76  ILE A CG1 1 
ATOM   628  C  CG2 . ILE A 1 76 ? -1.164  1.829   -6.401  1.00 15.94  ? 76  ILE A CG2 1 
ATOM   629  C  CD1 . ILE A 1 76 ? 0.921   -0.550  -6.238  1.00 25.19  ? 76  ILE A CD1 1 
ATOM   630  N  N   . LYS A 1 77 ? -4.416  0.535   -5.959  1.00 12.25  ? 77  LYS A N   1 
ATOM   631  C  CA  . LYS A 1 77 ? -5.624  1.096   -6.545  1.00 15.20  ? 77  LYS A CA  1 
ATOM   632  C  C   . LYS A 1 77 ? -6.593  1.535   -5.453  1.00 16.26  ? 77  LYS A C   1 
ATOM   633  O  O   . LYS A 1 77 ? -7.306  2.531   -5.603  1.00 14.15  ? 77  LYS A O   1 
ATOM   634  C  CB  . LYS A 1 77 ? -6.298  0.069   -7.449  1.00 17.86  ? 77  LYS A CB  1 
ATOM   635  C  CG  . LYS A 1 77 ? -6.119  0.344   -8.921  1.00 24.81  ? 77  LYS A CG  1 
ATOM   636  C  CD  . LYS A 1 77 ? -5.097  -0.595  -9.521  1.00 32.73  ? 77  LYS A CD  1 
ATOM   637  C  CE  . LYS A 1 77 ? -5.518  -1.058  -10.912 1.00 37.38  ? 77  LYS A CE  1 
ATOM   638  N  NZ  . LYS A 1 77 ? -6.050  0.057   -11.746 1.00 38.61  ? 77  LYS A NZ  1 
ATOM   639  N  N   . MET A 1 78 ? -6.623  0.789   -4.354  1.00 16.08  ? 78  MET A N   1 
ATOM   640  C  CA  . MET A 1 78 ? -7.508  1.121   -3.245  1.00 17.61  ? 78  MET A CA  1 
ATOM   641  C  C   . MET A 1 78 ? -7.010  2.372   -2.524  1.00 15.53  ? 78  MET A C   1 
ATOM   642  O  O   . MET A 1 78 ? -7.804  3.207   -2.100  1.00 16.78  ? 78  MET A O   1 
ATOM   643  C  CB  . MET A 1 78 ? -7.595  -0.048  -2.266  1.00 18.30  ? 78  MET A CB  1 
ATOM   644  C  CG  . MET A 1 78 ? -8.499  -1.172  -2.745  1.00 24.33  ? 78  MET A CG  1 
ATOM   645  S  SD  . MET A 1 78 ? -8.738  -2.457  -1.498  1.00 30.21  ? 78  MET A SD  1 
ATOM   646  C  CE  . MET A 1 78 ? -9.050  -1.475  -0.036  1.00 22.39  ? 78  MET A CE  1 
ATOM   647  N  N   . GLY A 1 79 ? -5.696  2.492   -2.384  1.00 13.06  ? 79  GLY A N   1 
ATOM   648  C  CA  . GLY A 1 79 ? -5.135  3.657   -1.733  1.00 15.36  ? 79  GLY A CA  1 
ATOM   649  C  C   . GLY A 1 79 ? -5.453  4.899   -2.547  1.00 16.11  ? 79  GLY A C   1 
ATOM   650  O  O   . GLY A 1 79 ? -5.895  5.914   -2.014  1.00 19.66  ? 79  GLY A O   1 
ATOM   651  N  N   . VAL A 1 80 ? -5.236  4.808   -3.854  1.00 15.39  ? 80  VAL A N   1 
ATOM   652  C  CA  . VAL A 1 80 ? -5.499  5.914   -4.767  1.00 15.75  ? 80  VAL A CA  1 
ATOM   653  C  C   . VAL A 1 80 ? -6.967  6.322   -4.723  1.00 16.89  ? 80  VAL A C   1 
ATOM   654  O  O   . VAL A 1 80 ? -7.294  7.507   -4.745  1.00 16.21  ? 80  VAL A O   1 
ATOM   655  C  CB  . VAL A 1 80 ? -5.120  5.522   -6.210  1.00 16.28  ? 80  VAL A CB  1 
ATOM   656  C  CG1 . VAL A 1 80 ? -5.818  6.428   -7.212  1.00 17.94  ? 80  VAL A CG1 1 
ATOM   657  C  CG2 . VAL A 1 80 ? -3.612  5.601   -6.377  1.00 17.69  ? 80  VAL A CG2 1 
ATOM   658  N  N   . ALA A 1 81 ? -7.851  5.332   -4.655  1.00 16.95  ? 81  ALA A N   1 
ATOM   659  C  CA  . ALA A 1 81 ? -9.286  5.587   -4.613  1.00 16.35  ? 81  ALA A CA  1 
ATOM   660  C  C   . ALA A 1 81 ? -9.692  6.194   -3.281  1.00 16.61  ? 81  ALA A C   1 
ATOM   661  O  O   . ALA A 1 81 ? -10.511 7.111   -3.229  1.00 19.10  ? 81  ALA A O   1 
ATOM   662  C  CB  . ALA A 1 81 ? -10.050 4.290   -4.844  1.00 17.73  ? 81  ALA A CB  1 
ATOM   663  N  N   . ALA A 1 82 ? -9.130  5.665   -2.201  1.00 15.52  ? 82  ALA A N   1 
ATOM   664  C  CA  . ALA A 1 82 ? -9.439  6.160   -0.866  1.00 18.10  ? 82  ALA A CA  1 
ATOM   665  C  C   . ALA A 1 82 ? -9.023  7.624   -0.757  1.00 19.93  ? 82  ALA A C   1 
ATOM   666  O  O   . ALA A 1 82 ? -9.785  8.460   -0.276  1.00 20.27  ? 82  ALA A O   1 
ATOM   667  C  CB  . ALA A 1 82 ? -8.710  5.327   0.182   1.00 15.53  ? 82  ALA A CB  1 
ATOM   668  N  N   . HIS A 1 83 ? -7.813  7.920   -1.219  1.00 18.57  ? 83  HIS A N   1 
ATOM   669  C  CA  . HIS A 1 83 ? -7.275  9.274   -1.186  1.00 20.25  ? 83  HIS A CA  1 
ATOM   670  C  C   . HIS A 1 83 ? -8.142  10.259  -1.976  1.00 22.13  ? 83  HIS A C   1 
ATOM   671  O  O   . HIS A 1 83 ? -8.443  11.360  -1.508  1.00 22.01  ? 83  HIS A O   1 
ATOM   672  C  CB  . HIS A 1 83 ? -5.852  9.263   -1.751  1.00 20.43  ? 83  HIS A CB  1 
ATOM   673  C  CG  . HIS A 1 83 ? -5.253  10.626  -1.922  1.00 22.51  ? 83  HIS A CG  1 
ATOM   674  N  ND1 . HIS A 1 83 ? -5.173  11.256  -3.146  1.00 23.82  ? 83  HIS A ND1 1 
ATOM   675  C  CD2 . HIS A 1 83 ? -4.686  11.468  -1.026  1.00 23.58  ? 83  HIS A CD2 1 
ATOM   676  C  CE1 . HIS A 1 83 ? -4.581  12.427  -2.997  1.00 24.28  ? 83  HIS A CE1 1 
ATOM   677  N  NE2 . HIS A 1 83 ? -4.275  12.582  -1.721  1.00 24.84  ? 83  HIS A NE2 1 
ATOM   678  N  N   . LYS A 1 84 ? -8.535  9.855   -3.176  1.00 23.50  ? 84  LYS A N   1 
ATOM   679  C  CA  . LYS A 1 84 ? -9.355  10.684  -4.047  1.00 27.40  ? 84  LYS A CA  1 
ATOM   680  C  C   . LYS A 1 84 ? -10.747 10.924  -3.467  1.00 28.88  ? 84  LYS A C   1 
ATOM   681  O  O   . LYS A 1 84 ? -11.334 11.991  -3.651  1.00 26.19  ? 84  LYS A O   1 
ATOM   682  C  CB  . LYS A 1 84 ? -9.473  10.017  -5.417  1.00 32.56  ? 84  LYS A CB  1 
ATOM   683  C  CG  . LYS A 1 84 ? -10.334 10.771  -6.405  1.00 42.18  ? 84  LYS A CG  1 
ATOM   684  C  CD  . LYS A 1 84 ? -9.737  10.701  -7.799  1.00 50.92  ? 84  LYS A CD  1 
ATOM   685  C  CE  . LYS A 1 84 ? -10.644 9.939   -8.749  1.00 54.39  ? 84  LYS A CE  1 
ATOM   686  N  NZ  . LYS A 1 84 ? -9.906  9.480   -9.962  1.00 59.66  ? 84  LYS A NZ  1 
ATOM   687  N  N   . LYS A 1 85 ? -11.272 9.925   -2.768  1.00 30.27  ? 85  LYS A N   1 
ATOM   688  C  CA  . LYS A 1 85 ? -12.595 10.025  -2.167  1.00 34.77  ? 85  LYS A CA  1 
ATOM   689  C  C   . LYS A 1 85 ? -12.624 11.031  -1.021  1.00 36.32  ? 85  LYS A C   1 
ATOM   690  O  O   . LYS A 1 85 ? -13.638 11.684  -0.783  1.00 35.26  ? 85  LYS A O   1 
ATOM   691  C  CB  . LYS A 1 85 ? -13.042 8.656   -1.645  1.00 37.80  ? 85  LYS A CB  1 
ATOM   692  C  CG  . LYS A 1 85 ? -13.845 7.831   -2.644  1.00 42.99  ? 85  LYS A CG  1 
ATOM   693  C  CD  . LYS A 1 85 ? -15.236 7.506   -2.112  1.00 44.41  ? 85  LYS A CD  1 
ATOM   694  C  CE  . LYS A 1 85 ? -15.958 6.502   -3.004  1.00 47.50  ? 85  LYS A CE  1 
ATOM   695  N  NZ  . LYS A 1 85 ? -15.629 6.674   -4.449  1.00 49.18  ? 85  LYS A NZ  1 
ATOM   696  N  N   . SER A 1 86 ? -11.501 11.152  -0.319  1.00 38.38  ? 86  SER A N   1 
ATOM   697  C  CA  . SER A 1 86 ? -11.390 12.057  0.820   1.00 42.16  ? 86  SER A CA  1 
ATOM   698  C  C   . SER A 1 86 ? -11.547 13.546  0.492   1.00 45.57  ? 86  SER A C   1 
ATOM   699  O  O   . SER A 1 86 ? -12.000 14.319  1.335   1.00 44.53  ? 86  SER A O   1 
ATOM   700  C  CB  . SER A 1 86 ? -10.052 11.830  1.530   1.00 42.53  ? 86  SER A CB  1 
ATOM   701  O  OG  . SER A 1 86 ? -8.983  12.462  0.839   1.00 43.81  ? 86  SER A OG  1 
ATOM   702  N  N   . HIS A 1 87 ? -11.174 13.951  -0.718  1.00 50.64  ? 87  HIS A N   1 
ATOM   703  C  CA  . HIS A 1 87 ? -11.290 15.355  -1.104  1.00 56.73  ? 87  HIS A CA  1 
ATOM   704  C  C   . HIS A 1 87 ? -12.056 15.534  -2.408  1.00 62.57  ? 87  HIS A C   1 
ATOM   705  O  O   . HIS A 1 87 ? -11.717 16.394  -3.222  1.00 63.75  ? 87  HIS A O   1 
ATOM   706  C  CB  . HIS A 1 87 ? -9.900  15.990  -1.233  1.00 54.56  ? 87  HIS A CB  1 
ATOM   707  C  CG  . HIS A 1 87 ? -9.035  15.346  -2.269  1.00 53.90  ? 87  HIS A CG  1 
ATOM   708  N  ND1 . HIS A 1 87 ? -8.132  14.348  -1.970  1.00 54.72  ? 87  HIS A ND1 1 
ATOM   709  C  CD2 . HIS A 1 87 ? -8.945  15.546  -3.605  1.00 55.44  ? 87  HIS A CD2 1 
ATOM   710  C  CE1 . HIS A 1 87 ? -7.525  13.962  -3.078  1.00 55.07  ? 87  HIS A CE1 1 
ATOM   711  N  NE2 . HIS A 1 87 ? -7.999  14.671  -4.083  1.00 55.58  ? 87  HIS A NE2 1 
ATOM   712  N  N   . GLU A 1 88 ? -13.092 14.723  -2.601  1.00 69.56  ? 88  GLU A N   1 
ATOM   713  C  CA  . GLU A 1 88 ? -13.910 14.793  -3.808  1.00 77.37  ? 88  GLU A CA  1 
ATOM   714  C  C   . GLU A 1 88 ? -15.283 15.390  -3.511  1.00 81.03  ? 88  GLU A C   1 
ATOM   715  O  O   . GLU A 1 88 ? -15.938 14.999  -2.549  1.00 80.23  ? 88  GLU A O   1 
ATOM   716  C  CB  . GLU A 1 88 ? -14.079 13.398  -4.413  1.00 81.27  ? 88  GLU A CB  1 
ATOM   717  C  CG  . GLU A 1 88 ? -13.836 13.347  -5.912  1.00 87.99  ? 88  GLU A CG  1 
ATOM   718  C  CD  . GLU A 1 88 ? -12.829 14.385  -6.377  1.00 91.62  ? 88  GLU A CD  1 
ATOM   719  O  OE1 . GLU A 1 88 ? -11.664 14.329  -5.925  1.00 93.80  ? 88  GLU A OE1 1 
ATOM   720  O  OE2 . GLU A 1 88 ? -13.203 15.257  -7.191  1.00 94.22  ? 88  GLU A OE2 1 
ATOM   721  N  N   . GLU A 1 89 ? -15.719 16.328  -4.348  1.00 86.07  ? 89  GLU A N   1 
ATOM   722  C  CA  . GLU A 1 89 ? -17.011 16.984  -4.162  1.00 91.40  ? 89  GLU A CA  1 
ATOM   723  C  C   . GLU A 1 89 ? -18.159 16.272  -4.866  1.00 94.04  ? 89  GLU A C   1 
ATOM   724  O  O   . GLU A 1 89 ? -18.089 15.076  -5.152  1.00 94.31  ? 89  GLU A O   1 
ATOM   725  C  CB  . GLU A 1 89 ? -16.947 18.430  -4.663  1.00 93.46  ? 89  GLU A CB  1 
ATOM   726  C  CG  . GLU A 1 89 ? -15.869 19.271  -4.007  1.00 97.24  ? 89  GLU A CG  1 
ATOM   727  C  CD  . GLU A 1 89 ? -14.548 19.200  -4.748  1.00 99.95  ? 89  GLU A CD  1 
ATOM   728  O  OE1 . GLU A 1 89 ? -14.490 18.530  -5.804  1.00 100.00 ? 89  GLU A OE1 1 
ATOM   729  O  OE2 . GLU A 1 89 ? -13.565 19.815  -4.277  1.00 100.00 ? 89  GLU A OE2 1 
ATOM   730  N  N   . SER A 1 90 ? -19.221 17.027  -5.136  1.00 96.68  ? 90  SER A N   1 
ATOM   731  C  CA  . SER A 1 90 ? -20.408 16.506  -5.807  1.00 98.67  ? 90  SER A CA  1 
ATOM   732  C  C   . SER A 1 90 ? -21.213 17.659  -6.410  1.00 99.53  ? 90  SER A C   1 
ATOM   733  O  O   . SER A 1 90 ? -22.456 17.544  -6.473  1.00 100.00 ? 90  SER A O   1 
ATOM   734  C  CB  . SER A 1 90 ? -21.277 15.724  -4.815  1.00 98.78  ? 90  SER A CB  1 
ATOM   735  O  OG  . SER A 1 90 ? -21.437 14.375  -5.221  1.00 99.03  ? 90  SER A OG  1 
ATOM   736  N  N   . MET B 1 1  ? -18.954 0.396   9.659   1.00 57.70  ? 1   MET B N   1 
ATOM   737  C  CA  . MET B 1 1  ? -17.589 0.423   10.264  1.00 56.47  ? 1   MET B CA  1 
ATOM   738  C  C   . MET B 1 1  ? -16.503 0.330   9.196   1.00 52.30  ? 1   MET B C   1 
ATOM   739  O  O   . MET B 1 1  ? -16.733 0.667   8.034   1.00 53.07  ? 1   MET B O   1 
ATOM   740  C  CB  . MET B 1 1  ? -17.432 -0.727  11.258  1.00 60.52  ? 1   MET B CB  1 
ATOM   741  C  CG  . MET B 1 1  ? -18.190 -1.985  10.876  1.00 66.97  ? 1   MET B CG  1 
ATOM   742  S  SD  . MET B 1 1  ? -17.980 -3.315  12.074  1.00 76.35  ? 1   MET B SD  1 
ATOM   743  C  CE  . MET B 1 1  ? -16.371 -2.907  12.800  1.00 74.81  ? 1   MET B CE  1 
ATOM   744  N  N   . LEU B 1 2  ? -15.319 -0.130  9.590   1.00 46.76  ? 2   LEU B N   1 
ATOM   745  C  CA  . LEU B 1 2  ? -14.203 -0.253  8.657   1.00 41.31  ? 2   LEU B CA  1 
ATOM   746  C  C   . LEU B 1 2  ? -13.551 -1.636  8.668   1.00 37.69  ? 2   LEU B C   1 
ATOM   747  O  O   . LEU B 1 2  ? -13.408 -2.265  9.719   1.00 37.39  ? 2   LEU B O   1 
ATOM   748  C  CB  . LEU B 1 2  ? -13.146 0.808   8.970   1.00 39.21  ? 2   LEU B CB  1 
ATOM   749  C  CG  . LEU B 1 2  ? -13.435 2.251   8.556   1.00 39.95  ? 2   LEU B CG  1 
ATOM   750  C  CD1 . LEU B 1 2  ? -12.183 3.087   8.781   1.00 41.10  ? 2   LEU B CD1 1 
ATOM   751  C  CD2 . LEU B 1 2  ? -13.860 2.312   7.097   1.00 39.28  ? 2   LEU B CD2 1 
ATOM   752  N  N   . THR B 1 3  ? -13.148 -2.098  7.487   1.00 34.11  ? 3   THR B N   1 
ATOM   753  C  CA  . THR B 1 3  ? -12.499 -3.395  7.360   1.00 32.28  ? 3   THR B CA  1 
ATOM   754  C  C   . THR B 1 3  ? -11.031 -3.248  7.727   1.00 32.78  ? 3   THR B C   1 
ATOM   755  O  O   . THR B 1 3  ? -10.535 -2.134  7.889   1.00 32.94  ? 3   THR B O   1 
ATOM   756  C  CB  . THR B 1 3  ? -12.602 -3.937  5.926   1.00 30.36  ? 3   THR B CB  1 
ATOM   757  O  OG1 . THR B 1 3  ? -11.922 -3.054  5.030   1.00 28.91  ? 3   THR B OG1 1 
ATOM   758  C  CG2 . THR B 1 3  ? -14.056 -4.042  5.501   1.00 30.93  ? 3   THR B CG2 1 
ATOM   759  N  N   . GLU B 1 4  ? -10.342 -4.373  7.860   1.00 31.79  ? 4   GLU B N   1 
ATOM   760  C  CA  . GLU B 1 4  ? -8.929  -4.371  8.215   1.00 31.80  ? 4   GLU B CA  1 
ATOM   761  C  C   . GLU B 1 4  ? -8.080  -3.671  7.155   1.00 28.98  ? 4   GLU B C   1 
ATOM   762  O  O   . GLU B 1 4  ? -7.078  -3.028  7.473   1.00 26.76  ? 4   GLU B O   1 
ATOM   763  C  CB  . GLU B 1 4  ? -8.442  -5.810  8.389   1.00 37.41  ? 4   GLU B CB  1 
ATOM   764  C  CG  . GLU B 1 4  ? -7.004  -5.922  8.848   1.00 45.08  ? 4   GLU B CG  1 
ATOM   765  C  CD  . GLU B 1 4  ? -6.878  -5.825  10.349  1.00 51.02  ? 4   GLU B CD  1 
ATOM   766  O  OE1 . GLU B 1 4  ? -7.927  -5.775  11.031  1.00 53.85  ? 4   GLU B OE1 1 
ATOM   767  O  OE2 . GLU B 1 4  ? -5.731  -5.797  10.846  1.00 54.41  ? 4   GLU B OE2 1 
ATOM   768  N  N   . LEU B 1 5  ? -8.484  -3.806  5.896   1.00 26.07  ? 5   LEU B N   1 
ATOM   769  C  CA  . LEU B 1 5  ? -7.763  -3.196  4.784   1.00 26.63  ? 5   LEU B CA  1 
ATOM   770  C  C   . LEU B 1 5  ? -7.972  -1.683  4.733   1.00 24.59  ? 5   LEU B C   1 
ATOM   771  O  O   . LEU B 1 5  ? -7.035  -0.932  4.467   1.00 21.00  ? 5   LEU B O   1 
ATOM   772  C  CB  . LEU B 1 5  ? -8.209  -3.819  3.459   1.00 25.80  ? 5   LEU B CB  1 
ATOM   773  C  CG  . LEU B 1 5  ? -7.373  -4.994  2.946   1.00 27.95  ? 5   LEU B CG  1 
ATOM   774  C  CD1 . LEU B 1 5  ? -7.776  -5.291  1.511   1.00 27.37  ? 5   LEU B CD1 1 
ATOM   775  C  CD2 . LEU B 1 5  ? -5.884  -4.668  3.035   1.00 24.97  ? 5   LEU B CD2 1 
ATOM   776  N  N   . GLU B 1 6  ? -9.207  -1.249  4.973   1.00 24.86  ? 6   GLU B N   1 
ATOM   777  C  CA  . GLU B 1 6  ? -9.545  0.172   4.971   1.00 25.99  ? 6   GLU B CA  1 
ATOM   778  C  C   . GLU B 1 6  ? -8.764  0.870   6.072   1.00 21.24  ? 6   GLU B C   1 
ATOM   779  O  O   . GLU B 1 6  ? -8.228  1.952   5.872   1.00 21.17  ? 6   GLU B O   1 
ATOM   780  C  CB  . GLU B 1 6  ? -11.039 0.370   5.219   1.00 29.35  ? 6   GLU B CB  1 
ATOM   781  C  CG  . GLU B 1 6  ? -11.918 -0.045  4.058   1.00 39.40  ? 6   GLU B CG  1 
ATOM   782  C  CD  . GLU B 1 6  ? -13.354 -0.297  4.481   1.00 44.94  ? 6   GLU B CD  1 
ATOM   783  O  OE1 . GLU B 1 6  ? -13.613 -0.392  5.697   1.00 47.19  ? 6   GLU B OE1 1 
ATOM   784  O  OE2 . GLU B 1 6  ? -14.226 -0.401  3.597   1.00 51.21  ? 6   GLU B OE2 1 
ATOM   785  N  N   . LYS B 1 7  ? -8.709  0.234   7.236   1.00 18.62  ? 7   LYS B N   1 
ATOM   786  C  CA  . LYS B 1 7  ? -7.990  0.783   8.367   1.00 20.11  ? 7   LYS B CA  1 
ATOM   787  C  C   . LYS B 1 7  ? -6.517  0.929   8.012   1.00 19.91  ? 7   LYS B C   1 
ATOM   788  O  O   . LYS B 1 7  ? -5.903  1.963   8.275   1.00 17.81  ? 7   LYS B O   1 
ATOM   789  C  CB  . LYS B 1 7  ? -8.127  -0.139  9.577   1.00 26.81  ? 7   LYS B CB  1 
ATOM   790  C  CG  . LYS B 1 7  ? -9.317  0.168   10.472  1.00 33.96  ? 7   LYS B CG  1 
ATOM   791  C  CD  . LYS B 1 7  ? -9.529  -0.939  11.502  1.00 40.00  ? 7   LYS B CD  1 
ATOM   792  C  CE  . LYS B 1 7  ? -10.833 -1.689  11.237  1.00 46.25  ? 7   LYS B CE  1 
ATOM   793  N  NZ  . LYS B 1 7  ? -11.195 -2.645  12.325  1.00 51.02  ? 7   LYS B NZ  1 
ATOM   794  N  N   . ALA B 1 8  ? -5.957  -0.110  7.403   1.00 18.23  ? 8   ALA B N   1 
ATOM   795  C  CA  . ALA B 1 8  ? -4.551  -0.105  7.026   1.00 19.03  ? 8   ALA B CA  1 
ATOM   796  C  C   . ALA B 1 8  ? -4.231  0.992   6.015   1.00 18.70  ? 8   ALA B C   1 
ATOM   797  O  O   . ALA B 1 8  ? -3.201  1.660   6.118   1.00 19.98  ? 8   ALA B O   1 
ATOM   798  C  CB  . ALA B 1 8  ? -4.150  -1.471  6.467   1.00 18.90  ? 8   ALA B CB  1 
ATOM   799  N  N   . LEU B 1 9  ? -5.112  1.189   5.044   1.00 14.43  ? 9   LEU B N   1 
ATOM   800  C  CA  . LEU B 1 9  ? -4.880  2.216   4.040   1.00 15.62  ? 9   LEU B CA  1 
ATOM   801  C  C   . LEU B 1 9  ? -5.047  3.626   4.619   1.00 17.04  ? 9   LEU B C   1 
ATOM   802  O  O   . LEU B 1 9  ? -4.300  4.532   4.262   1.00 14.28  ? 9   LEU B O   1 
ATOM   803  C  CB  . LEU B 1 9  ? -5.817  2.009   2.848   1.00 17.50  ? 9   LEU B CB  1 
ATOM   804  C  CG  . LEU B 1 9  ? -5.357  0.915   1.875   1.00 22.66  ? 9   LEU B CG  1 
ATOM   805  C  CD1 . LEU B 1 9  ? -6.336  0.816   0.715   1.00 25.61  ? 9   LEU B CD1 1 
ATOM   806  C  CD2 . LEU B 1 9  ? -3.949  1.224   1.368   1.00 22.31  ? 9   LEU B CD2 1 
ATOM   807  N  N   . ASN B 1 10 ? -6.024  3.808   5.502   1.00 14.47  ? 10  ASN B N   1 
ATOM   808  C  CA  . ASN B 1 10 ? -6.248  5.107   6.134   1.00 15.35  ? 10  ASN B CA  1 
ATOM   809  C  C   . ASN B 1 10 ? -5.007  5.481   6.939   1.00 16.73  ? 10  ASN B C   1 
ATOM   810  O  O   . ASN B 1 10 ? -4.547  6.624   6.911   1.00 17.28  ? 10  ASN B O   1 
ATOM   811  C  CB  . ASN B 1 10 ? -7.446  5.038   7.075   1.00 15.14  ? 10  ASN B CB  1 
ATOM   812  C  CG  . ASN B 1 10 ? -8.746  5.287   6.364   1.00 18.14  ? 10  ASN B CG  1 
ATOM   813  O  OD1 . ASN B 1 10 ? -8.761  5.681   5.199   1.00 17.91  ? 10  ASN B OD1 1 
ATOM   814  N  ND2 . ASN B 1 10 ? -9.854  5.064   7.061   1.00 23.94  ? 10  ASN B ND2 1 
ATOM   815  N  N   . SER B 1 11 ? -4.467  4.503   7.657   1.00 14.98  ? 11  SER B N   1 
ATOM   816  C  CA  . SER B 1 11 ? -3.282  4.732   8.464   1.00 15.92  ? 11  SER B CA  1 
ATOM   817  C  C   . SER B 1 11 ? -2.107  5.177   7.602   1.00 16.10  ? 11  SER B C   1 
ATOM   818  O  O   . SER B 1 11 ? -1.315  6.029   8.011   1.00 15.80  ? 11  SER B O   1 
ATOM   819  C  CB  . SER B 1 11 ? -2.914  3.461   9.224   1.00 17.97  ? 11  SER B CB  1 
ATOM   820  O  OG  . SER B 1 11 ? -1.609  3.568   9.756   1.00 26.11  ? 11  SER B OG  1 
ATOM   821  N  N   . ILE B 1 12 ? -1.998  4.602   6.407   1.00 11.50  ? 12  ILE B N   1 
ATOM   822  C  CA  . ILE B 1 12 ? -0.920  4.941   5.486   1.00 13.48  ? 12  ILE B CA  1 
ATOM   823  C  C   . ILE B 1 12 ? -1.100  6.379   4.976   1.00 14.94  ? 12  ILE B C   1 
ATOM   824  O  O   . ILE B 1 12 ? -0.139  7.148   4.904   1.00 15.23  ? 12  ILE B O   1 
ATOM   825  C  CB  . ILE B 1 12 ? -0.887  3.940   4.289   1.00 14.92  ? 12  ILE B CB  1 
ATOM   826  C  CG1 . ILE B 1 12 ? -0.190  2.642   4.721   1.00 15.94  ? 12  ILE B CG1 1 
ATOM   827  C  CG2 . ILE B 1 12 ? -0.137  4.530   3.104   1.00 12.39  ? 12  ILE B CG2 1 
ATOM   828  C  CD1 . ILE B 1 12 ? -0.394  1.486   3.760   1.00 19.63  ? 12  ILE B CD1 1 
ATOM   829  N  N   . ILE B 1 13 ? -2.337  6.730   4.633   1.00 12.32  ? 13  ILE B N   1 
ATOM   830  C  CA  . ILE B 1 13 ? -2.662  8.068   4.143   1.00 14.81  ? 13  ILE B CA  1 
ATOM   831  C  C   . ILE B 1 13 ? -2.439  9.109   5.244   1.00 16.53  ? 13  ILE B C   1 
ATOM   832  O  O   . ILE B 1 13 ? -1.969  10.217  4.981   1.00 17.21  ? 13  ILE B O   1 
ATOM   833  C  CB  . ILE B 1 13 ? -4.140  8.146   3.673   1.00 14.55  ? 13  ILE B CB  1 
ATOM   834  C  CG1 . ILE B 1 13 ? -4.316  7.360   2.374   1.00 13.83  ? 13  ILE B CG1 1 
ATOM   835  C  CG2 . ILE B 1 13 ? -4.559  9.602   3.457   1.00 17.13  ? 13  ILE B CG2 1 
ATOM   836  C  CD1 . ILE B 1 13 ? -5.759  6.973   2.071   1.00 15.59  ? 13  ILE B CD1 1 
ATOM   837  N  N   . ASP B 1 14 ? -2.775  8.740   6.476   1.00 14.40  ? 14  ASP B N   1 
ATOM   838  C  CA  . ASP B 1 14 ? -2.621  9.633   7.618   1.00 14.70  ? 14  ASP B CA  1 
ATOM   839  C  C   . ASP B 1 14 ? -1.161  9.934   7.919   1.00 14.01  ? 14  ASP B C   1 
ATOM   840  O  O   . ASP B 1 14 ? -0.829  11.045  8.326   1.00 13.53  ? 14  ASP B O   1 
ATOM   841  C  CB  . ASP B 1 14 ? -3.283  9.030   8.861   1.00 12.73  ? 14  ASP B CB  1 
ATOM   842  C  CG  . ASP B 1 14 ? -4.794  9.174   8.844   1.00 13.53  ? 14  ASP B CG  1 
ATOM   843  O  OD1 . ASP B 1 14 ? -5.324  9.867   7.944   1.00 15.28  ? 14  ASP B OD1 1 
ATOM   844  O  OD2 . ASP B 1 14 ? -5.453  8.593   9.732   1.00 16.24  ? 14  ASP B OD2 1 
ATOM   845  N  N   . VAL B 1 15 ? -0.287  8.950   7.727   1.00 11.11  ? 15  VAL B N   1 
ATOM   846  C  CA  . VAL B 1 15 ? 1.133   9.162   7.986   1.00 13.46  ? 15  VAL B CA  1 
ATOM   847  C  C   . VAL B 1 15 ? 1.714   10.153  6.977   1.00 12.22  ? 15  VAL B C   1 
ATOM   848  O  O   . VAL B 1 15 ? 2.589   10.946  7.309   1.00 12.42  ? 15  VAL B O   1 
ATOM   849  C  CB  . VAL B 1 15 ? 1.938   7.843   7.914   1.00 14.38  ? 15  VAL B CB  1 
ATOM   850  C  CG1 . VAL B 1 15 ? 3.437   8.145   7.846   1.00 14.41  ? 15  VAL B CG1 1 
ATOM   851  C  CG2 . VAL B 1 15 ? 1.631   6.984   9.136   1.00 15.84  ? 15  VAL B CG2 1 
ATOM   852  N  N   . TYR B 1 16 ? 1.232   10.099  5.741   1.00 12.43  ? 16  TYR B N   1 
ATOM   853  C  CA  . TYR B 1 16 ? 1.712   11.011  4.713   1.00 11.89  ? 16  TYR B CA  1 
ATOM   854  C  C   . TYR B 1 16 ? 1.258   12.435  5.026   1.00 13.17  ? 16  TYR B C   1 
ATOM   855  O  O   . TYR B 1 16 ? 2.045   13.374  4.956   1.00 12.29  ? 16  TYR B O   1 
ATOM   856  C  CB  . TYR B 1 16 ? 1.169   10.617  3.338   1.00 11.48  ? 16  TYR B CB  1 
ATOM   857  C  CG  . TYR B 1 16 ? 1.411   11.675  2.280   1.00 13.05  ? 16  TYR B CG  1 
ATOM   858  C  CD1 . TYR B 1 16 ? 2.658   11.794  1.662   1.00 12.39  ? 16  TYR B CD1 1 
ATOM   859  C  CD2 . TYR B 1 16 ? 0.409   12.581  1.922   1.00 13.05  ? 16  TYR B CD2 1 
ATOM   860  C  CE1 . TYR B 1 16 ? 2.903   12.788  0.721   1.00 11.38  ? 16  TYR B CE1 1 
ATOM   861  C  CE2 . TYR B 1 16 ? 0.646   13.584  0.978   1.00 10.32  ? 16  TYR B CE2 1 
ATOM   862  C  CZ  . TYR B 1 16 ? 1.900   13.679  0.386   1.00 10.02  ? 16  TYR B CZ  1 
ATOM   863  O  OH  . TYR B 1 16 ? 2.167   14.676  -0.523  1.00 10.90  ? 16  TYR B OH  1 
ATOM   864  N  N   . HIS B 1 17 ? -0.017  12.577  5.374   1.00 12.45  ? 17  HIS B N   1 
ATOM   865  C  CA  . HIS B 1 17 ? -0.600  13.879  5.682   1.00 12.45  ? 17  HIS B CA  1 
ATOM   866  C  C   . HIS B 1 17 ? -0.097  14.471  6.989   1.00 10.75  ? 17  HIS B C   1 
ATOM   867  O  O   . HIS B 1 17 ? -0.244  15.662  7.231   1.00 12.19  ? 17  HIS B O   1 
ATOM   868  C  CB  . HIS B 1 17 ? -2.122  13.766  5.696   1.00 11.16  ? 17  HIS B CB  1 
ATOM   869  C  CG  . HIS B 1 17 ? -2.726  13.699  4.327   1.00 12.78  ? 17  HIS B CG  1 
ATOM   870  N  ND1 . HIS B 1 17 ? -3.943  13.101  4.076   1.00 12.09  ? 17  HIS B ND1 1 
ATOM   871  C  CD2 . HIS B 1 17 ? -2.288  14.171  3.136   1.00 11.35  ? 17  HIS B CD2 1 
ATOM   872  C  CE1 . HIS B 1 17 ? -4.229  13.214  2.791   1.00 14.56  ? 17  HIS B CE1 1 
ATOM   873  N  NE2 . HIS B 1 17 ? -3.240  13.859  2.197   1.00 13.72  ? 17  HIS B NE2 1 
ATOM   874  N  N   . LYS B 1 18 ? 0.493   13.635  7.829   1.00 8.87   ? 18  LYS B N   1 
ATOM   875  C  CA  . LYS B 1 18 ? 1.048   14.095  9.088   1.00 11.81  ? 18  LYS B CA  1 
ATOM   876  C  C   . LYS B 1 18 ? 2.205   15.039  8.754   1.00 14.12  ? 18  LYS B C   1 
ATOM   877  O  O   . LYS B 1 18 ? 2.435   16.032  9.451   1.00 11.17  ? 18  LYS B O   1 
ATOM   878  C  CB  . LYS B 1 18 ? 1.565   12.893  9.891   1.00 11.09  ? 18  LYS B CB  1 
ATOM   879  C  CG  . LYS B 1 18 ? 2.331   13.231  11.160  1.00 13.96  ? 18  LYS B CG  1 
ATOM   880  C  CD  . LYS B 1 18 ? 2.647   11.963  11.952  1.00 16.38  ? 18  LYS B CD  1 
ATOM   881  C  CE  . LYS B 1 18 ? 3.575   12.235  13.124  1.00 18.22  ? 18  LYS B CE  1 
ATOM   882  N  NZ  . LYS B 1 18 ? 3.694   11.048  14.019  1.00 17.10  ? 18  LYS B NZ  1 
ATOM   883  N  N   . TYR B 1 19 ? 2.925   14.727  7.676   1.00 13.75  ? 19  TYR B N   1 
ATOM   884  C  CA  . TYR B 1 19 ? 4.065   15.541  7.257   1.00 12.82  ? 19  TYR B CA  1 
ATOM   885  C  C   . TYR B 1 19 ? 3.737   16.556  6.158   1.00 14.11  ? 19  TYR B C   1 
ATOM   886  O  O   . TYR B 1 19 ? 4.379   17.607  6.066   1.00 14.42  ? 19  TYR B O   1 
ATOM   887  C  CB  . TYR B 1 19 ? 5.213   14.624  6.819   1.00 13.41  ? 19  TYR B CB  1 
ATOM   888  C  CG  . TYR B 1 19 ? 5.766   13.832  7.976   1.00 13.19  ? 19  TYR B CG  1 
ATOM   889  C  CD1 . TYR B 1 19 ? 5.126   12.669  8.421   1.00 13.13  ? 19  TYR B CD1 1 
ATOM   890  C  CD2 . TYR B 1 19 ? 6.866   14.294  8.692   1.00 11.64  ? 19  TYR B CD2 1 
ATOM   891  C  CE1 . TYR B 1 19 ? 5.566   11.996  9.556   1.00 11.50  ? 19  TYR B CE1 1 
ATOM   892  C  CE2 . TYR B 1 19 ? 7.314   13.630  9.829   1.00 14.28  ? 19  TYR B CE2 1 
ATOM   893  C  CZ  . TYR B 1 19 ? 6.661   12.487  10.257  1.00 12.38  ? 19  TYR B CZ  1 
ATOM   894  O  OH  . TYR B 1 19 ? 7.101   11.860  11.397  1.00 16.63  ? 19  TYR B OH  1 
ATOM   895  N  N   . SER B 1 20 ? 2.743   16.252  5.328   1.00 10.74  ? 20  SER B N   1 
ATOM   896  C  CA  . SER B 1 20 ? 2.348   17.169  4.265   1.00 11.33  ? 20  SER B CA  1 
ATOM   897  C  C   . SER B 1 20 ? 1.626   18.362  4.891   1.00 11.77  ? 20  SER B C   1 
ATOM   898  O  O   . SER B 1 20 ? 1.420   19.383  4.247   1.00 11.12  ? 20  SER B O   1 
ATOM   899  C  CB  . SER B 1 20 ? 1.415   16.469  3.271   1.00 9.55   ? 20  SER B CB  1 
ATOM   900  O  OG  . SER B 1 20 ? 0.084   16.427  3.757   1.00 13.16  ? 20  SER B OG  1 
ATOM   901  N  N   . LEU B 1 21 ? 1.235   18.218  6.155   1.00 12.02  ? 21  LEU B N   1 
ATOM   902  C  CA  . LEU B 1 21 ? 0.537   19.282  6.874   1.00 14.53  ? 21  LEU B CA  1 
ATOM   903  C  C   . LEU B 1 21 ? 1.480   20.397  7.356   1.00 14.19  ? 21  LEU B C   1 
ATOM   904  O  O   . LEU B 1 21 ? 1.056   21.538  7.518   1.00 14.27  ? 21  LEU B O   1 
ATOM   905  C  CB  . LEU B 1 21 ? -0.228  18.691  8.075   1.00 17.57  ? 21  LEU B CB  1 
ATOM   906  C  CG  . LEU B 1 21 ? -0.154  19.360  9.456   1.00 22.77  ? 21  LEU B CG  1 
ATOM   907  C  CD1 . LEU B 1 21 ? -1.296  18.821  10.280  1.00 26.19  ? 21  LEU B CD1 1 
ATOM   908  C  CD2 . LEU B 1 21 ? 1.175   19.083  10.166  1.00 28.95  ? 21  LEU B CD2 1 
ATOM   909  N  N   . ILE B 1 22 ? 2.748   20.067  7.578   1.00 12.13  ? 22  ILE B N   1 
ATOM   910  C  CA  . ILE B 1 22 ? 3.739   21.028  8.070   1.00 14.14  ? 22  ILE B CA  1 
ATOM   911  C  C   . ILE B 1 22 ? 3.768   22.422  7.423   1.00 15.48  ? 22  ILE B C   1 
ATOM   912  O  O   . ILE B 1 22 ? 3.668   23.425  8.124   1.00 15.53  ? 22  ILE B O   1 
ATOM   913  C  CB  . ILE B 1 22 ? 5.162   20.422  8.001   1.00 14.75  ? 22  ILE B CB  1 
ATOM   914  C  CG1 . ILE B 1 22 ? 5.205   19.133  8.829   1.00 13.16  ? 22  ILE B CG1 1 
ATOM   915  C  CG2 . ILE B 1 22 ? 6.189   21.409  8.549   1.00 13.25  ? 22  ILE B CG2 1 
ATOM   916  C  CD1 . ILE B 1 22 ? 6.542   18.417  8.836   1.00 15.81  ? 22  ILE B CD1 1 
ATOM   917  N  N   . LYS B 1 23 ? 3.909   22.502  6.106   1.00 14.03  ? 23  LYS B N   1 
ATOM   918  C  CA  . LYS B 1 23 ? 3.961   23.815  5.459   1.00 14.24  ? 23  LYS B CA  1 
ATOM   919  C  C   . LYS B 1 23 ? 3.579   23.729  3.995   1.00 15.64  ? 23  LYS B C   1 
ATOM   920  O  O   . LYS B 1 23 ? 3.476   22.646  3.449   1.00 13.59  ? 23  LYS B O   1 
ATOM   921  C  CB  . LYS B 1 23 ? 5.369   24.395  5.575   1.00 12.59  ? 23  LYS B CB  1 
ATOM   922  C  CG  . LYS B 1 23 ? 6.426   23.543  4.898   1.00 12.31  ? 23  LYS B CG  1 
ATOM   923  C  CD  . LYS B 1 23 ? 7.786   24.200  4.962   1.00 15.97  ? 23  LYS B CD  1 
ATOM   924  C  CE  . LYS B 1 23 ? 8.848   23.339  4.296   1.00 17.32  ? 23  LYS B CE  1 
ATOM   925  N  NZ  . LYS B 1 23 ? 9.432   22.390  5.271   1.00 16.43  ? 23  LYS B NZ  1 
ATOM   926  N  N   . GLY B 1 24 ? 3.370   24.872  3.353   1.00 14.22  ? 24  GLY B N   1 
ATOM   927  C  CA  . GLY B 1 24 ? 3.015   24.867  1.945   1.00 14.11  ? 24  GLY B CA  1 
ATOM   928  C  C   . GLY B 1 24 ? 1.706   24.162  1.642   1.00 16.46  ? 24  GLY B C   1 
ATOM   929  O  O   . GLY B 1 24 ? 0.805   24.127  2.474   1.00 18.87  ? 24  GLY B O   1 
ATOM   930  N  N   . ASN B 1 25 ? 1.601   23.600  0.442   1.00 15.52  ? 25  ASN B N   1 
ATOM   931  C  CA  . ASN B 1 25 ? 0.399   22.891  0.016   1.00 14.53  ? 25  ASN B CA  1 
ATOM   932  C  C   . ASN B 1 25 ? 0.220   21.613  0.839   1.00 14.70  ? 25  ASN B C   1 
ATOM   933  O  O   . ASN B 1 25 ? 1.181   20.883  1.071   1.00 15.10  ? 25  ASN B O   1 
ATOM   934  C  CB  . ASN B 1 25 ? 0.514   22.550  -1.476  1.00 18.67  ? 25  ASN B CB  1 
ATOM   935  C  CG  . ASN B 1 25 ? -0.746  21.901  -2.042  1.00 21.83  ? 25  ASN B CG  1 
ATOM   936  O  OD1 . ASN B 1 25 ? -0.921  21.829  -3.256  1.00 32.85  ? 25  ASN B OD1 1 
ATOM   937  N  ND2 . ASN B 1 25 ? -1.621  21.425  -1.170  1.00 23.25  ? 25  ASN B ND2 1 
ATOM   938  N  N   . PHE B 1 26 ? -1.014  21.352  1.270   1.00 14.88  ? 26  PHE B N   1 
ATOM   939  C  CA  . PHE B 1 26 ? -1.345  20.165  2.063   1.00 11.87  ? 26  PHE B CA  1 
ATOM   940  C  C   . PHE B 1 26 ? -1.104  18.872  1.277   1.00 11.95  ? 26  PHE B C   1 
ATOM   941  O  O   . PHE B 1 26 ? -0.952  17.802  1.864   1.00 13.09  ? 26  PHE B O   1 
ATOM   942  C  CB  . PHE B 1 26 ? -2.812  20.230  2.496   1.00 10.75  ? 26  PHE B CB  1 
ATOM   943  C  CG  . PHE B 1 26 ? -3.264  19.046  3.307   1.00 12.08  ? 26  PHE B CG  1 
ATOM   944  C  CD1 . PHE B 1 26 ? -2.874  18.905  4.634   1.00 12.57  ? 26  PHE B CD1 1 
ATOM   945  C  CD2 . PHE B 1 26 ? -4.107  18.085  2.749   1.00 15.42  ? 26  PHE B CD2 1 
ATOM   946  C  CE1 . PHE B 1 26 ? -3.317  17.827  5.399   1.00 13.39  ? 26  PHE B CE1 1 
ATOM   947  C  CE2 . PHE B 1 26 ? -4.557  16.998  3.508   1.00 15.22  ? 26  PHE B CE2 1 
ATOM   948  C  CZ  . PHE B 1 26 ? -4.159  16.873  4.837   1.00 12.78  ? 26  PHE B CZ  1 
ATOM   949  N  N   . HIS B 1 27 ? -1.064  18.979  -0.047  1.00 11.98  ? 27  HIS B N   1 
ATOM   950  C  CA  . HIS B 1 27 ? -0.860  17.819  -0.913  1.00 15.02  ? 27  HIS B CA  1 
ATOM   951  C  C   . HIS B 1 27 ? 0.585   17.669  -1.385  1.00 15.12  ? 27  HIS B C   1 
ATOM   952  O  O   . HIS B 1 27 ? 0.857   17.005  -2.388  1.00 13.38  ? 27  HIS B O   1 
ATOM   953  C  CB  . HIS B 1 27 ? -1.796  17.915  -2.122  1.00 15.91  ? 27  HIS B CB  1 
ATOM   954  C  CG  . HIS B 1 27 ? -3.239  18.017  -1.745  1.00 19.44  ? 27  HIS B CG  1 
ATOM   955  N  ND1 . HIS B 1 27 ? -3.907  17.008  -1.084  1.00 24.64  ? 27  HIS B ND1 1 
ATOM   956  C  CD2 . HIS B 1 27 ? -4.132  19.025  -1.888  1.00 24.21  ? 27  HIS B CD2 1 
ATOM   957  C  CE1 . HIS B 1 27 ? -5.147  17.390  -0.836  1.00 25.33  ? 27  HIS B CE1 1 
ATOM   958  N  NE2 . HIS B 1 27 ? -5.308  18.609  -1.312  1.00 26.77  ? 27  HIS B NE2 1 
ATOM   959  N  N   . ALA B 1 28 ? 1.510   18.275  -0.650  1.00 14.31  ? 28  ALA B N   1 
ATOM   960  C  CA  . ALA B 1 28 ? 2.916   18.209  -1.011  1.00 12.42  ? 28  ALA B CA  1 
ATOM   961  C  C   . ALA B 1 28 ? 3.807   18.007  0.200   1.00 13.42  ? 28  ALA B C   1 
ATOM   962  O  O   . ALA B 1 28 ? 3.537   18.537  1.266   1.00 12.09  ? 28  ALA B O   1 
ATOM   963  C  CB  . ALA B 1 28 ? 3.322   19.491  -1.742  1.00 11.45  ? 28  ALA B CB  1 
ATOM   964  N  N   . VAL B 1 29 ? 4.855   17.209  0.032   1.00 10.16  ? 29  VAL B N   1 
ATOM   965  C  CA  . VAL B 1 29 ? 5.829   16.976  1.090   1.00 10.41  ? 29  VAL B CA  1 
ATOM   966  C  C   . VAL B 1 29 ? 7.135   17.451  0.452   1.00 11.40  ? 29  VAL B C   1 
ATOM   967  O  O   . VAL B 1 29 ? 7.535   16.961  -0.608  1.00 9.59   ? 29  VAL B O   1 
ATOM   968  C  CB  . VAL B 1 29 ? 5.921   15.475  1.476   1.00 13.94  ? 29  VAL B CB  1 
ATOM   969  C  CG1 . VAL B 1 29 ? 7.211   15.195  2.237   1.00 13.17  ? 29  VAL B CG1 1 
ATOM   970  C  CG2 . VAL B 1 29 ? 4.724   15.093  2.333   1.00 11.59  ? 29  VAL B CG2 1 
ATOM   971  N  N   . TYR B 1 30 ? 7.777   18.431  1.078   1.00 11.41  ? 30  TYR B N   1 
ATOM   972  C  CA  . TYR B 1 30 ? 9.020   18.984  0.554   1.00 9.80   ? 30  TYR B CA  1 
ATOM   973  C  C   . TYR B 1 30 ? 10.228  18.188  1.007   1.00 10.85  ? 30  TYR B C   1 
ATOM   974  O  O   . TYR B 1 30 ? 10.135  17.384  1.934   1.00 11.52  ? 30  TYR B O   1 
ATOM   975  C  CB  . TYR B 1 30 ? 9.117   20.461  0.949   1.00 9.16   ? 30  TYR B CB  1 
ATOM   976  C  CG  . TYR B 1 30 ? 7.907   21.213  0.449   1.00 8.65   ? 30  TYR B CG  1 
ATOM   977  C  CD1 . TYR B 1 30 ? 7.777   21.523  -0.903  1.00 9.97   ? 30  TYR B CD1 1 
ATOM   978  C  CD2 . TYR B 1 30 ? 6.850   21.526  1.302   1.00 6.13   ? 30  TYR B CD2 1 
ATOM   979  C  CE1 . TYR B 1 30 ? 6.629   22.118  -1.395  1.00 11.13  ? 30  TYR B CE1 1 
ATOM   980  C  CE2 . TYR B 1 30 ? 5.691   22.124  0.815   1.00 7.74   ? 30  TYR B CE2 1 
ATOM   981  C  CZ  . TYR B 1 30 ? 5.591   22.415  -0.535  1.00 10.84  ? 30  TYR B CZ  1 
ATOM   982  O  OH  . TYR B 1 30 ? 4.454   23.001  -1.042  1.00 14.11  ? 30  TYR B OH  1 
ATOM   983  N  N   . ARG B 1 31 ? 11.367  18.403  0.352   1.00 12.93  ? 31  ARG B N   1 
ATOM   984  C  CA  . ARG B 1 31 ? 12.563  17.636  0.676   1.00 12.28  ? 31  ARG B CA  1 
ATOM   985  C  C   . ARG B 1 31 ? 12.915  17.552  2.153   1.00 14.34  ? 31  ARG B C   1 
ATOM   986  O  O   . ARG B 1 31 ? 13.343  16.497  2.624   1.00 13.84  ? 31  ARG B O   1 
ATOM   987  C  CB  . ARG B 1 31 ? 13.763  18.136  -0.139  1.00 14.64  ? 31  ARG B CB  1 
ATOM   988  C  CG  . ARG B 1 31 ? 14.327  19.477  0.266   1.00 14.17  ? 31  ARG B CG  1 
ATOM   989  C  CD  . ARG B 1 31 ? 15.312  19.953  -0.788  1.00 13.19  ? 31  ARG B CD  1 
ATOM   990  N  NE  . ARG B 1 31 ? 14.638  20.349  -2.024  1.00 15.54  ? 31  ARG B NE  1 
ATOM   991  C  CZ  . ARG B 1 31 ? 15.182  20.261  -3.234  1.00 16.06  ? 31  ARG B CZ  1 
ATOM   992  N  NH1 . ARG B 1 31 ? 16.415  19.783  -3.377  1.00 16.10  ? 31  ARG B NH1 1 
ATOM   993  N  NH2 . ARG B 1 31 ? 14.502  20.660  -4.303  1.00 14.41  ? 31  ARG B NH2 1 
ATOM   994  N  N   . ASP B 1 32 ? 12.731  18.637  2.897   1.00 11.75  ? 32  ASP B N   1 
ATOM   995  C  CA  . ASP B 1 32 ? 13.042  18.589  4.320   1.00 14.54  ? 32  ASP B CA  1 
ATOM   996  C  C   . ASP B 1 32 ? 11.941  17.849  5.092   1.00 12.78  ? 32  ASP B C   1 
ATOM   997  O  O   . ASP B 1 32 ? 12.212  17.189  6.098   1.00 13.47  ? 32  ASP B O   1 
ATOM   998  C  CB  . ASP B 1 32 ? 13.245  20.003  4.893   1.00 16.95  ? 32  ASP B CB  1 
ATOM   999  C  CG  . ASP B 1 32 ? 12.099  20.945  4.578   1.00 18.87  ? 32  ASP B CG  1 
ATOM   1000 O  OD1 . ASP B 1 32 ? 11.394  20.737  3.569   1.00 20.13  ? 32  ASP B OD1 1 
ATOM   1001 O  OD2 . ASP B 1 32 ? 11.915  21.910  5.350   1.00 28.14  ? 32  ASP B OD2 1 
ATOM   1002 N  N   . ASP B 1 33 ? 10.703  17.964  4.619   1.00 12.50  ? 33  ASP B N   1 
ATOM   1003 C  CA  . ASP B 1 33 ? 9.581   17.276  5.256   1.00 12.60  ? 33  ASP B CA  1 
ATOM   1004 C  C   . ASP B 1 33 ? 9.785   15.765  5.070   1.00 12.59  ? 33  ASP B C   1 
ATOM   1005 O  O   . ASP B 1 33 ? 9.527   14.978  5.977   1.00 12.79  ? 33  ASP B O   1 
ATOM   1006 C  CB  . ASP B 1 33 ? 8.253   17.699  4.613   1.00 11.57  ? 33  ASP B CB  1 
ATOM   1007 C  CG  . ASP B 1 33 ? 7.984   19.194  4.738   1.00 15.17  ? 33  ASP B CG  1 
ATOM   1008 O  OD1 . ASP B 1 33 ? 8.380   19.797  5.763   1.00 12.34  ? 33  ASP B OD1 1 
ATOM   1009 O  OD2 . ASP B 1 33 ? 7.370   19.761  3.810   1.00 14.63  ? 33  ASP B OD2 1 
ATOM   1010 N  N   . LEU B 1 34 ? 10.258  15.376  3.887   1.00 12.99  ? 34  LEU B N   1 
ATOM   1011 C  CA  . LEU B 1 34 ? 10.504  13.967  3.584   1.00 12.21  ? 34  LEU B CA  1 
ATOM   1012 C  C   . LEU B 1 34 ? 11.605  13.402  4.483   1.00 12.55  ? 34  LEU B C   1 
ATOM   1013 O  O   . LEU B 1 34 ? 11.506  12.270  4.962   1.00 10.95  ? 34  LEU B O   1 
ATOM   1014 C  CB  . LEU B 1 34 ? 10.895  13.791  2.108   1.00 11.66  ? 34  LEU B CB  1 
ATOM   1015 C  CG  . LEU B 1 34 ? 11.103  12.340  1.639   1.00 14.56  ? 34  LEU B CG  1 
ATOM   1016 C  CD1 . LEU B 1 34 ? 9.803   11.574  1.777   1.00 16.01  ? 34  LEU B CD1 1 
ATOM   1017 C  CD2 . LEU B 1 34 ? 11.587  12.306  0.198   1.00 13.31  ? 34  LEU B CD2 1 
ATOM   1018 N  N   . LYS B 1 35 ? 12.649  14.195  4.722   1.00 11.13  ? 35  LYS B N   1 
ATOM   1019 C  CA  . LYS B 1 35 ? 13.753  13.753  5.567   1.00 11.55  ? 35  LYS B CA  1 
ATOM   1020 C  C   . LYS B 1 35 ? 13.271  13.435  6.979   1.00 13.23  ? 35  LYS B C   1 
ATOM   1021 O  O   . LYS B 1 35 ? 13.698  12.453  7.589   1.00 12.57  ? 35  LYS B O   1 
ATOM   1022 C  CB  . LYS B 1 35 ? 14.840  14.828  5.619   1.00 12.90  ? 35  LYS B CB  1 
ATOM   1023 C  CG  . LYS B 1 35 ? 16.065  14.440  6.424   1.00 13.20  ? 35  LYS B CG  1 
ATOM   1024 C  CD  . LYS B 1 35 ? 17.230  15.357  6.088   1.00 21.42  ? 35  LYS B CD  1 
ATOM   1025 C  CE  . LYS B 1 35 ? 18.536  14.844  6.668   1.00 25.90  ? 35  LYS B CE  1 
ATOM   1026 N  NZ  . LYS B 1 35 ? 18.572  15.035  8.141   1.00 27.67  ? 35  LYS B NZ  1 
ATOM   1027 N  N   . LYS B 1 36 ? 12.372  14.271  7.486   1.00 12.59  ? 36  LYS B N   1 
ATOM   1028 C  CA  . LYS B 1 36 ? 11.810  14.107  8.825   1.00 13.61  ? 36  LYS B CA  1 
ATOM   1029 C  C   . LYS B 1 36 ? 10.956  12.838  8.892   1.00 12.74  ? 36  LYS B C   1 
ATOM   1030 O  O   . LYS B 1 36 ? 11.023  12.073  9.858   1.00 12.67  ? 36  LYS B O   1 
ATOM   1031 C  CB  . LYS B 1 36 ? 10.959  15.340  9.163   1.00 14.87  ? 36  LYS B CB  1 
ATOM   1032 C  CG  . LYS B 1 36 ? 10.569  15.489  10.630  1.00 17.72  ? 36  LYS B CG  1 
ATOM   1033 C  CD  . LYS B 1 36 ? 9.675   16.716  10.819  1.00 18.31  ? 36  LYS B CD  1 
ATOM   1034 C  CE  . LYS B 1 36 ? 8.922   16.663  12.143  1.00 18.56  ? 36  LYS B CE  1 
ATOM   1035 N  NZ  . LYS B 1 36 ? 9.838   16.813  13.312  1.00 15.99  ? 36  LYS B NZ  1 
ATOM   1036 N  N   . LEU B 1 37 ? 10.156  12.622  7.853   1.00 12.76  ? 37  LEU B N   1 
ATOM   1037 C  CA  . LEU B 1 37 ? 9.292   11.455  7.775   1.00 12.13  ? 37  LEU B CA  1 
ATOM   1038 C  C   . LEU B 1 37 ? 10.132  10.177  7.771   1.00 15.42  ? 37  LEU B C   1 
ATOM   1039 O  O   . LEU B 1 37 ? 9.872   9.244   8.532   1.00 16.25  ? 37  LEU B O   1 
ATOM   1040 C  CB  . LEU B 1 37 ? 8.448   11.526  6.501   1.00 12.53  ? 37  LEU B CB  1 
ATOM   1041 C  CG  . LEU B 1 37 ? 7.292   10.537  6.324   1.00 13.77  ? 37  LEU B CG  1 
ATOM   1042 C  CD1 . LEU B 1 37 ? 6.318   11.059  5.273   1.00 12.84  ? 37  LEU B CD1 1 
ATOM   1043 C  CD2 . LEU B 1 37 ? 7.840   9.192   5.901   1.00 19.76  ? 37  LEU B CD2 1 
ATOM   1044 N  N   . LEU B 1 38 ? 11.147  10.146  6.913   1.00 15.20  ? 38  LEU B N   1 
ATOM   1045 C  CA  . LEU B 1 38 ? 12.016  8.982   6.800   1.00 17.03  ? 38  LEU B CA  1 
ATOM   1046 C  C   . LEU B 1 38 ? 12.694  8.616   8.119   1.00 19.15  ? 38  LEU B C   1 
ATOM   1047 O  O   . LEU B 1 38 ? 12.718  7.445   8.509   1.00 19.52  ? 38  LEU B O   1 
ATOM   1048 C  CB  . LEU B 1 38 ? 13.073  9.221   5.714   1.00 17.29  ? 38  LEU B CB  1 
ATOM   1049 C  CG  . LEU B 1 38 ? 12.535  9.304   4.276   1.00 20.11  ? 38  LEU B CG  1 
ATOM   1050 C  CD1 . LEU B 1 38 ? 13.607  9.841   3.333   1.00 16.10  ? 38  LEU B CD1 1 
ATOM   1051 C  CD2 . LEU B 1 38 ? 12.076  7.921   3.830   1.00 21.18  ? 38  LEU B CD2 1 
ATOM   1052 N  N   . GLU B 1 39 ? 13.230  9.616   8.812   1.00 19.51  ? 39  GLU B N   1 
ATOM   1053 C  CA  . GLU B 1 39 ? 13.915  9.380   10.079  1.00 20.34  ? 39  GLU B CA  1 
ATOM   1054 C  C   . GLU B 1 39 ? 12.989  8.997   11.224  1.00 21.50  ? 39  GLU B C   1 
ATOM   1055 O  O   . GLU B 1 39 ? 13.434  8.443   12.227  1.00 23.14  ? 39  GLU B O   1 
ATOM   1056 C  CB  . GLU B 1 39 ? 14.709  10.623  10.489  1.00 22.71  ? 39  GLU B CB  1 
ATOM   1057 C  CG  . GLU B 1 39 ? 15.692  11.105  9.435   1.00 32.78  ? 39  GLU B CG  1 
ATOM   1058 C  CD  . GLU B 1 39 ? 16.409  12.384  9.842   1.00 40.03  ? 39  GLU B CD  1 
ATOM   1059 O  OE1 . GLU B 1 39 ? 15.925  13.082  10.762  1.00 42.86  ? 39  GLU B OE1 1 
ATOM   1060 O  OE2 . GLU B 1 39 ? 17.460  12.692  9.238   1.00 44.79  ? 39  GLU B OE2 1 
ATOM   1061 N  N   . THR B 1 40 ? 11.702  9.283   11.078  1.00 21.45  ? 40  THR B N   1 
ATOM   1062 C  CA  . THR B 1 40 ? 10.745  8.990   12.137  1.00 20.88  ? 40  THR B CA  1 
ATOM   1063 C  C   . THR B 1 40 ? 9.825   7.803   11.881  1.00 18.76  ? 40  THR B C   1 
ATOM   1064 O  O   . THR B 1 40 ? 9.619   6.974   12.764  1.00 20.12  ? 40  THR B O   1 
ATOM   1065 C  CB  . THR B 1 40 ? 9.863   10.237  12.422  1.00 21.48  ? 40  THR B CB  1 
ATOM   1066 O  OG1 . THR B 1 40 ? 10.704  11.372  12.663  1.00 21.79  ? 40  THR B OG1 1 
ATOM   1067 C  CG2 . THR B 1 40 ? 8.980   10.013  13.639  1.00 21.91  ? 40  THR B CG2 1 
ATOM   1068 N  N   . GLU B 1 41 ? 9.287   7.724   10.671  1.00 18.53  ? 41  GLU B N   1 
ATOM   1069 C  CA  . GLU B 1 41 ? 8.337   6.679   10.315  1.00 19.17  ? 41  GLU B CA  1 
ATOM   1070 C  C   . GLU B 1 41 ? 8.878   5.454   9.599   1.00 19.77  ? 41  GLU B C   1 
ATOM   1071 O  O   . GLU B 1 41 ? 8.135   4.502   9.370   1.00 18.79  ? 41  GLU B O   1 
ATOM   1072 C  CB  . GLU B 1 41 ? 7.217   7.278   9.454   1.00 20.49  ? 41  GLU B CB  1 
ATOM   1073 C  CG  . GLU B 1 41 ? 6.758   8.665   9.890   1.00 20.28  ? 41  GLU B CG  1 
ATOM   1074 C  CD  . GLU B 1 41 ? 5.893   8.627   11.132  1.00 22.39  ? 41  GLU B CD  1 
ATOM   1075 O  OE1 . GLU B 1 41 ? 5.375   7.541   11.461  1.00 22.16  ? 41  GLU B OE1 1 
ATOM   1076 O  OE2 . GLU B 1 41 ? 5.732   9.680   11.783  1.00 22.33  ? 41  GLU B OE2 1 
ATOM   1077 N  N   . CYS B 1 42 ? 10.157  5.461   9.244   1.00 20.40  ? 42  CYS B N   1 
ATOM   1078 C  CA  . CYS B 1 42 ? 10.712  4.329   8.517   1.00 20.56  ? 42  CYS B CA  1 
ATOM   1079 C  C   . CYS B 1 42 ? 11.832  3.567   9.219   1.00 23.15  ? 42  CYS B C   1 
ATOM   1080 O  O   . CYS B 1 42 ? 12.610  4.136   9.985   1.00 23.84  ? 42  CYS B O   1 
ATOM   1081 C  CB  . CYS B 1 42 ? 11.200  4.792   7.142   1.00 19.97  ? 42  CYS B CB  1 
ATOM   1082 S  SG  . CYS B 1 42 ? 9.912   5.549   6.128   1.00 20.01  ? 42  CYS B SG  1 
ATOM   1083 N  N   . PRO B 1 43 ? 11.917  2.248   8.961   1.00 24.13  ? 43  PRO B N   1 
ATOM   1084 C  CA  . PRO B 1 43 ? 12.946  1.395   9.564   1.00 23.36  ? 43  PRO B CA  1 
ATOM   1085 C  C   . PRO B 1 43 ? 14.324  1.685   8.981   1.00 23.94  ? 43  PRO B C   1 
ATOM   1086 O  O   . PRO B 1 43 ? 14.447  2.223   7.878   1.00 22.44  ? 43  PRO B O   1 
ATOM   1087 C  CB  . PRO B 1 43 ? 12.472  -0.020  9.248   1.00 23.25  ? 43  PRO B CB  1 
ATOM   1088 C  CG  . PRO B 1 43 ? 11.651  0.129   8.013   1.00 24.35  ? 43  PRO B CG  1 
ATOM   1089 C  CD  . PRO B 1 43 ? 11.013  1.486   8.079   1.00 22.82  ? 43  PRO B CD  1 
ATOM   1090 N  N   . GLN B 1 44 ? 15.358  1.317   9.729   1.00 26.63  ? 44  GLN B N   1 
ATOM   1091 C  CA  . GLN B 1 44 ? 16.739  1.542   9.319   1.00 31.70  ? 44  GLN B CA  1 
ATOM   1092 C  C   . GLN B 1 44 ? 17.056  1.153   7.879   1.00 29.79  ? 44  GLN B C   1 
ATOM   1093 O  O   . GLN B 1 44 ? 17.768  1.883   7.186   1.00 29.06  ? 44  GLN B O   1 
ATOM   1094 C  CB  . GLN B 1 44 ? 17.693  0.802   10.260  1.00 39.09  ? 44  GLN B CB  1 
ATOM   1095 C  CG  . GLN B 1 44 ? 18.289  1.671   11.362  1.00 50.34  ? 44  GLN B CG  1 
ATOM   1096 C  CD  . GLN B 1 44 ? 19.079  2.849   10.814  1.00 57.91  ? 44  GLN B CD  1 
ATOM   1097 O  OE1 . GLN B 1 44 ? 18.761  4.009   11.093  1.00 63.19  ? 44  GLN B OE1 1 
ATOM   1098 N  NE2 . GLN B 1 44 ? 20.120  2.558   10.037  1.00 59.41  ? 44  GLN B NE2 1 
ATOM   1099 N  N   . TYR B 1 45 ? 16.533  0.022   7.416   1.00 28.29  ? 45  TYR B N   1 
ATOM   1100 C  CA  . TYR B 1 45 ? 16.821  -0.402  6.052   1.00 30.71  ? 45  TYR B CA  1 
ATOM   1101 C  C   . TYR B 1 45 ? 16.314  0.571   4.992   1.00 29.95  ? 45  TYR B C   1 
ATOM   1102 O  O   . TYR B 1 45 ? 16.769  0.537   3.852   1.00 29.07  ? 45  TYR B O   1 
ATOM   1103 C  CB  . TYR B 1 45 ? 16.301  -1.832  5.793   1.00 33.23  ? 45  TYR B CB  1 
ATOM   1104 C  CG  . TYR B 1 45 ? 14.804  -2.000  5.593   1.00 37.34  ? 45  TYR B CG  1 
ATOM   1105 C  CD1 . TYR B 1 45 ? 14.217  -1.813  4.340   1.00 38.85  ? 45  TYR B CD1 1 
ATOM   1106 C  CD2 . TYR B 1 45 ? 13.980  -2.400  6.649   1.00 39.13  ? 45  TYR B CD2 1 
ATOM   1107 C  CE1 . TYR B 1 45 ? 12.846  -2.019  4.145   1.00 43.15  ? 45  TYR B CE1 1 
ATOM   1108 C  CE2 . TYR B 1 45 ? 12.613  -2.609  6.464   1.00 41.95  ? 45  TYR B CE2 1 
ATOM   1109 C  CZ  . TYR B 1 45 ? 12.053  -2.417  5.213   1.00 44.48  ? 45  TYR B CZ  1 
ATOM   1110 O  OH  . TYR B 1 45 ? 10.699  -2.619  5.037   1.00 48.08  ? 45  TYR B OH  1 
ATOM   1111 N  N   . ILE B 1 46 ? 15.384  1.445   5.365   1.00 29.41  ? 46  ILE B N   1 
ATOM   1112 C  CA  . ILE B 1 46 ? 14.863  2.432   4.425   1.00 29.07  ? 46  ILE B CA  1 
ATOM   1113 C  C   . ILE B 1 46 ? 15.683  3.717   4.525   1.00 29.65  ? 46  ILE B C   1 
ATOM   1114 O  O   . ILE B 1 46 ? 16.084  4.294   3.515   1.00 29.94  ? 46  ILE B O   1 
ATOM   1115 C  CB  . ILE B 1 46 ? 13.377  2.767   4.712   1.00 27.58  ? 46  ILE B CB  1 
ATOM   1116 C  CG1 . ILE B 1 46 ? 12.488  1.601   4.271   1.00 26.13  ? 46  ILE B CG1 1 
ATOM   1117 C  CG2 . ILE B 1 46 ? 12.973  4.058   3.986   1.00 24.84  ? 46  ILE B CG2 1 
ATOM   1118 C  CD1 . ILE B 1 46 ? 12.190  1.567   2.773   1.00 28.08  ? 46  ILE B CD1 1 
ATOM   1119 N  N   . ARG B 1 47 ? 15.937  4.151   5.754   1.00 31.34  ? 47  ARG B N   1 
ATOM   1120 C  CA  . ARG B 1 47 ? 16.691  5.373   6.007   1.00 36.18  ? 47  ARG B CA  1 
ATOM   1121 C  C   . ARG B 1 47 ? 18.106  5.375   5.432   1.00 39.02  ? 47  ARG B C   1 
ATOM   1122 O  O   . ARG B 1 47 ? 18.508  6.331   4.765   1.00 40.60  ? 47  ARG B O   1 
ATOM   1123 C  CB  . ARG B 1 47 ? 16.759  5.638   7.513   1.00 37.20  ? 47  ARG B CB  1 
ATOM   1124 C  CG  . ARG B 1 47 ? 15.425  5.982   8.146   1.00 40.99  ? 47  ARG B CG  1 
ATOM   1125 C  CD  . ARG B 1 47 ? 15.609  6.584   9.527   1.00 46.51  ? 47  ARG B CD  1 
ATOM   1126 N  NE  . ARG B 1 47 ? 16.253  5.658   10.454  1.00 51.28  ? 47  ARG B NE  1 
ATOM   1127 C  CZ  . ARG B 1 47 ? 15.624  5.034   11.446  1.00 55.74  ? 47  ARG B CZ  1 
ATOM   1128 N  NH1 . ARG B 1 47 ? 14.326  5.233   11.644  1.00 58.25  ? 47  ARG B NH1 1 
ATOM   1129 N  NH2 . ARG B 1 47 ? 16.291  4.212   12.243  1.00 57.46  ? 47  ARG B NH2 1 
ATOM   1130 N  N   . LYS B 1 48 ? 18.857  4.309   5.691   1.00 39.84  ? 48  LYS B N   1 
ATOM   1131 C  CA  . LYS B 1 48 ? 20.235  4.199   5.218   1.00 41.20  ? 48  LYS B CA  1 
ATOM   1132 C  C   . LYS B 1 48 ? 20.443  4.546   3.742   1.00 39.22  ? 48  LYS B C   1 
ATOM   1133 O  O   . LYS B 1 48 ? 21.569  4.800   3.316   1.00 41.16  ? 48  LYS B O   1 
ATOM   1134 C  CB  . LYS B 1 48 ? 20.772  2.793   5.493   1.00 44.42  ? 48  LYS B CB  1 
ATOM   1135 C  CG  . LYS B 1 48 ? 19.966  1.688   4.845   1.00 53.68  ? 48  LYS B CG  1 
ATOM   1136 C  CD  . LYS B 1 48 ? 20.539  1.311   3.489   1.00 61.25  ? 48  LYS B CD  1 
ATOM   1137 C  CE  . LYS B 1 48 ? 19.458  0.759   2.566   1.00 66.14  ? 48  LYS B CE  1 
ATOM   1138 N  NZ  . LYS B 1 48 ? 18.368  1.751   2.305   1.00 69.12  ? 48  LYS B NZ  1 
ATOM   1139 N  N   . LYS B 1 49 ? 19.367  4.555   2.963   1.00 37.41  ? 49  LYS B N   1 
ATOM   1140 C  CA  . LYS B 1 49 ? 19.466  4.883   1.542   1.00 33.94  ? 49  LYS B CA  1 
ATOM   1141 C  C   . LYS B 1 49 ? 19.892  6.341   1.349   1.00 31.93  ? 49  LYS B C   1 
ATOM   1142 O  O   . LYS B 1 49 ? 20.615  6.669   0.409   1.00 34.76  ? 49  LYS B O   1 
ATOM   1143 C  CB  . LYS B 1 49 ? 18.119  4.649   0.853   1.00 34.26  ? 49  LYS B CB  1 
ATOM   1144 C  CG  . LYS B 1 49 ? 18.227  4.234   -0.602  1.00 36.59  ? 49  LYS B CG  1 
ATOM   1145 C  CD  . LYS B 1 49 ? 17.389  5.128   -1.503  1.00 40.50  ? 49  LYS B CD  1 
ATOM   1146 C  CE  . LYS B 1 49 ? 16.269  4.346   -2.186  1.00 43.75  ? 49  LYS B CE  1 
ATOM   1147 N  NZ  . LYS B 1 49 ? 16.688  3.745   -3.486  1.00 45.52  ? 49  LYS B NZ  1 
ATOM   1148 N  N   . GLY B 1 50 ? 19.445  7.210   2.246   1.00 26.89  ? 50  GLY B N   1 
ATOM   1149 C  CA  . GLY B 1 50 ? 19.787  8.613   2.130   1.00 21.69  ? 50  GLY B CA  1 
ATOM   1150 C  C   . GLY B 1 50 ? 18.541  9.392   1.778   1.00 18.72  ? 50  GLY B C   1 
ATOM   1151 O  O   . GLY B 1 50 ? 17.833  9.048   0.830   1.00 19.05  ? 50  GLY B O   1 
ATOM   1152 N  N   . ALA B 1 51 ? 18.272  10.445  2.541   1.00 16.02  ? 51  ALA B N   1 
ATOM   1153 C  CA  . ALA B 1 51 ? 17.091  11.263  2.321   1.00 13.74  ? 51  ALA B CA  1 
ATOM   1154 C  C   . ALA B 1 51 ? 17.103  11.958  0.976   1.00 13.19  ? 51  ALA B C   1 
ATOM   1155 O  O   . ALA B 1 51 ? 16.057  12.107  0.347   1.00 12.97  ? 51  ALA B O   1 
ATOM   1156 C  CB  . ALA B 1 51 ? 16.956  12.289  3.436   1.00 17.37  ? 51  ALA B CB  1 
ATOM   1157 N  N   . ASP B 1 52 ? 18.277  12.390  0.526   1.00 12.87  ? 52  ASP B N   1 
ATOM   1158 C  CA  . ASP B 1 52 ? 18.362  13.071  -0.759  1.00 12.40  ? 52  ASP B CA  1 
ATOM   1159 C  C   . ASP B 1 52 ? 18.145  12.093  -1.904  1.00 12.44  ? 52  ASP B C   1 
ATOM   1160 O  O   . ASP B 1 52 ? 17.613  12.457  -2.953  1.00 10.17  ? 52  ASP B O   1 
ATOM   1161 C  CB  . ASP B 1 52 ? 19.712  13.780  -0.914  1.00 18.12  ? 52  ASP B CB  1 
ATOM   1162 C  CG  . ASP B 1 52 ? 20.895  12.894  -0.564  1.00 21.15  ? 52  ASP B CG  1 
ATOM   1163 O  OD1 . ASP B 1 52 ? 20.699  11.833  0.070   1.00 23.62  ? 52  ASP B OD1 1 
ATOM   1164 O  OD2 . ASP B 1 52 ? 22.030  13.271  -0.928  1.00 23.55  ? 52  ASP B OD2 1 
ATOM   1165 N  N   . VAL B 1 53 ? 18.554  10.846  -1.700  1.00 11.23  ? 53  VAL B N   1 
ATOM   1166 C  CA  . VAL B 1 53 ? 18.378  9.822   -2.718  1.00 12.19  ? 53  VAL B CA  1 
ATOM   1167 C  C   . VAL B 1 53 ? 16.887  9.517   -2.877  1.00 11.15  ? 53  VAL B C   1 
ATOM   1168 O  O   . VAL B 1 53 ? 16.370  9.463   -3.992  1.00 12.64  ? 53  VAL B O   1 
ATOM   1169 C  CB  . VAL B 1 53 ? 19.120  8.522   -2.342  1.00 13.02  ? 53  VAL B CB  1 
ATOM   1170 C  CG1 . VAL B 1 53 ? 18.944  7.500   -3.446  1.00 16.43  ? 53  VAL B CG1 1 
ATOM   1171 C  CG2 . VAL B 1 53 ? 20.595  8.801   -2.134  1.00 13.94  ? 53  VAL B CG2 1 
ATOM   1172 N  N   . TRP B 1 54 ? 16.197  9.327   -1.757  1.00 10.78  ? 54  TRP B N   1 
ATOM   1173 C  CA  . TRP B 1 54 ? 14.770  9.031   -1.790  1.00 10.28  ? 54  TRP B CA  1 
ATOM   1174 C  C   . TRP B 1 54 ? 13.967  10.156  -2.427  1.00 11.73  ? 54  TRP B C   1 
ATOM   1175 O  O   . TRP B 1 54 ? 13.039  9.911   -3.199  1.00 11.75  ? 54  TRP B O   1 
ATOM   1176 C  CB  . TRP B 1 54 ? 14.258  8.781   -0.375  1.00 13.03  ? 54  TRP B CB  1 
ATOM   1177 C  CG  . TRP B 1 54 ? 14.380  7.355   0.056   1.00 17.57  ? 54  TRP B CG  1 
ATOM   1178 C  CD1 . TRP B 1 54 ? 15.139  6.869   1.084   1.00 19.76  ? 54  TRP B CD1 1 
ATOM   1179 C  CD2 . TRP B 1 54 ? 13.681  6.226   -0.494  1.00 18.61  ? 54  TRP B CD2 1 
ATOM   1180 N  NE1 . TRP B 1 54 ? 14.955  5.509   1.208   1.00 18.92  ? 54  TRP B NE1 1 
ATOM   1181 C  CE2 . TRP B 1 54 ? 14.066  5.090   0.252   1.00 20.72  ? 54  TRP B CE2 1 
ATOM   1182 C  CE3 . TRP B 1 54 ? 12.767  6.069   -1.549  1.00 18.12  ? 54  TRP B CE3 1 
ATOM   1183 C  CZ2 . TRP B 1 54 ? 13.565  3.807   -0.017  1.00 23.54  ? 54  TRP B CZ2 1 
ATOM   1184 C  CZ3 . TRP B 1 54 ? 12.269  4.794   -1.821  1.00 21.57  ? 54  TRP B CZ3 1 
ATOM   1185 C  CH2 . TRP B 1 54 ? 12.669  3.681   -1.055  1.00 22.58  ? 54  TRP B CH2 1 
ATOM   1186 N  N   . PHE B 1 55 ? 14.323  11.397  -2.107  1.00 10.22  ? 55  PHE B N   1 
ATOM   1187 C  CA  . PHE B 1 55 ? 13.609  12.542  -2.657  1.00 8.62   ? 55  PHE B CA  1 
ATOM   1188 C  C   . PHE B 1 55 ? 13.654  12.598  -4.187  1.00 9.44   ? 55  PHE B C   1 
ATOM   1189 O  O   . PHE B 1 55 ? 12.629  12.780  -4.849  1.00 9.91   ? 55  PHE B O   1 
ATOM   1190 C  CB  . PHE B 1 55 ? 14.175  13.849  -2.093  1.00 9.86   ? 55  PHE B CB  1 
ATOM   1191 C  CG  . PHE B 1 55 ? 13.508  15.072  -2.648  1.00 15.20  ? 55  PHE B CG  1 
ATOM   1192 C  CD1 . PHE B 1 55 ? 12.205  15.399  -2.267  1.00 13.63  ? 55  PHE B CD1 1 
ATOM   1193 C  CD2 . PHE B 1 55 ? 14.153  15.864  -3.596  1.00 16.69  ? 55  PHE B CD2 1 
ATOM   1194 C  CE1 . PHE B 1 55 ? 11.551  16.497  -2.831  1.00 17.57  ? 55  PHE B CE1 1 
ATOM   1195 C  CE2 . PHE B 1 55 ? 13.505  16.962  -4.164  1.00 18.28  ? 55  PHE B CE2 1 
ATOM   1196 C  CZ  . PHE B 1 55 ? 12.203  17.277  -3.781  1.00 15.58  ? 55  PHE B CZ  1 
ATOM   1197 N  N   . LYS B 1 56 ? 14.848  12.448  -4.743  1.00 9.85   ? 56  LYS B N   1 
ATOM   1198 C  CA  . LYS B 1 56 ? 15.014  12.502  -6.187  1.00 11.46  ? 56  LYS B CA  1 
ATOM   1199 C  C   . LYS B 1 56 ? 14.367  11.309  -6.889  1.00 12.18  ? 56  LYS B C   1 
ATOM   1200 O  O   . LYS B 1 56 ? 13.814  11.444  -7.980  1.00 13.82  ? 56  LYS B O   1 
ATOM   1201 C  CB  . LYS B 1 56 ? 16.501  12.586  -6.538  1.00 13.54  ? 56  LYS B CB  1 
ATOM   1202 C  CG  . LYS B 1 56 ? 16.781  13.391  -7.797  1.00 18.52  ? 56  LYS B CG  1 
ATOM   1203 C  CD  . LYS B 1 56 ? 16.721  14.890  -7.523  1.00 22.92  ? 56  LYS B CD  1 
ATOM   1204 C  CE  . LYS B 1 56 ? 15.649  15.574  -8.353  1.00 28.13  ? 56  LYS B CE  1 
ATOM   1205 N  NZ  . LYS B 1 56 ? 16.199  16.244  -9.558  1.00 24.13  ? 56  LYS B NZ  1 
ATOM   1206 N  N   . GLU B 1 57 ? 14.426  10.145  -6.249  1.00 13.74  ? 57  GLU B N   1 
ATOM   1207 C  CA  . GLU B 1 57 ? 13.834  8.931   -6.801  1.00 16.08  ? 57  GLU B CA  1 
ATOM   1208 C  C   . GLU B 1 57 ? 12.300  9.011   -6.806  1.00 14.21  ? 57  GLU B C   1 
ATOM   1209 O  O   . GLU B 1 57 ? 11.653  8.611   -7.777  1.00 16.02  ? 57  GLU B O   1 
ATOM   1210 C  CB  . GLU B 1 57 ? 14.305  7.722   -5.980  1.00 20.99  ? 57  GLU B CB  1 
ATOM   1211 C  CG  . GLU B 1 57 ? 13.447  6.470   -6.097  1.00 35.96  ? 57  GLU B CG  1 
ATOM   1212 C  CD  . GLU B 1 57 ? 14.092  5.260   -5.426  1.00 45.42  ? 57  GLU B CD  1 
ATOM   1213 O  OE1 . GLU B 1 57 ? 15.271  5.363   -5.018  1.00 47.99  ? 57  GLU B OE1 1 
ATOM   1214 O  OE2 . GLU B 1 57 ? 13.421  4.207   -5.305  1.00 46.48  ? 57  GLU B OE2 1 
ATOM   1215 N  N   . LEU B 1 58 ? 11.730  9.551   -5.728  1.00 10.56  ? 58  LEU B N   1 
ATOM   1216 C  CA  . LEU B 1 58 ? 10.277  9.672   -5.593  1.00 9.55   ? 58  LEU B CA  1 
ATOM   1217 C  C   . LEU B 1 58 ? 9.630   10.829  -6.347  1.00 10.34  ? 58  LEU B C   1 
ATOM   1218 O  O   . LEU B 1 58 ? 8.466   10.737  -6.739  1.00 9.05   ? 58  LEU B O   1 
ATOM   1219 C  CB  . LEU B 1 58 ? 9.895   9.783   -4.114  1.00 10.34  ? 58  LEU B CB  1 
ATOM   1220 C  CG  . LEU B 1 58 ? 10.227  8.586   -3.220  1.00 14.73  ? 58  LEU B CG  1 
ATOM   1221 C  CD1 . LEU B 1 58 ? 9.821   8.909   -1.799  1.00 15.65  ? 58  LEU B CD1 1 
ATOM   1222 C  CD2 . LEU B 1 58 ? 9.510   7.332   -3.710  1.00 13.59  ? 58  LEU B CD2 1 
ATOM   1223 N  N   . ASP B 1 59 ? 10.358  11.924  -6.544  1.00 11.87  ? 59  ASP B N   1 
ATOM   1224 C  CA  . ASP B 1 59 ? 9.789   13.074  -7.246  1.00 12.22  ? 59  ASP B CA  1 
ATOM   1225 C  C   . ASP B 1 59 ? 9.748   12.806  -8.748  1.00 13.63  ? 59  ASP B C   1 
ATOM   1226 O  O   . ASP B 1 59 ? 10.532  13.357  -9.525  1.00 13.22  ? 59  ASP B O   1 
ATOM   1227 C  CB  . ASP B 1 59 ? 10.594  14.338  -6.941  1.00 11.45  ? 59  ASP B CB  1 
ATOM   1228 C  CG  . ASP B 1 59 ? 10.002  15.570  -7.588  1.00 13.23  ? 59  ASP B CG  1 
ATOM   1229 O  OD1 . ASP B 1 59 ? 8.846   15.508  -8.046  1.00 10.75  ? 59  ASP B OD1 1 
ATOM   1230 O  OD2 . ASP B 1 59 ? 10.689  16.607  -7.648  1.00 16.34  ? 59  ASP B OD2 1 
ATOM   1231 N  N   . ILE B 1 60 ? 8.794   11.965  -9.135  1.00 15.69  ? 60  ILE B N   1 
ATOM   1232 C  CA  . ILE B 1 60 ? 8.596   11.528  -10.512 1.00 16.71  ? 60  ILE B CA  1 
ATOM   1233 C  C   . ILE B 1 60 ? 8.324   12.619  -11.555 1.00 16.77  ? 60  ILE B C   1 
ATOM   1234 O  O   . ILE B 1 60 ? 8.827   12.536  -12.678 1.00 16.28  ? 60  ILE B O   1 
ATOM   1235 C  CB  . ILE B 1 60 ? 7.479   10.425  -10.549 1.00 17.91  ? 60  ILE B CB  1 
ATOM   1236 C  CG1 . ILE B 1 60 ? 8.131   9.043   -10.463 1.00 22.87  ? 60  ILE B CG1 1 
ATOM   1237 C  CG2 . ILE B 1 60 ? 6.605   10.556  -11.783 1.00 19.01  ? 60  ILE B CG2 1 
ATOM   1238 C  CD1 . ILE B 1 60 ? 8.581   8.475   -11.794 1.00 24.40  ? 60  ILE B CD1 1 
ATOM   1239 N  N   . ASN B 1 61 ? 7.534   13.631  -11.206 1.00 16.00  ? 61  ASN B N   1 
ATOM   1240 C  CA  . ASN B 1 61 ? 7.249   14.700  -12.165 1.00 15.24  ? 61  ASN B CA  1 
ATOM   1241 C  C   . ASN B 1 61 ? 8.181   15.901  -11.985 1.00 13.95  ? 61  ASN B C   1 
ATOM   1242 O  O   . ASN B 1 61 ? 7.959   16.966  -12.555 1.00 15.00  ? 61  ASN B O   1 
ATOM   1243 C  CB  . ASN B 1 61 ? 5.782   15.139  -12.074 1.00 13.50  ? 61  ASN B CB  1 
ATOM   1244 C  CG  . ASN B 1 61 ? 5.454   15.825  -10.771 1.00 14.86  ? 61  ASN B CG  1 
ATOM   1245 O  OD1 . ASN B 1 61 ? 6.228   15.775  -9.826  1.00 14.33  ? 61  ASN B OD1 1 
ATOM   1246 N  ND2 . ASN B 1 61 ? 4.299   16.473  -10.716 1.00 18.22  ? 61  ASN B ND2 1 
ATOM   1247 N  N   . THR B 1 62 ? 9.230   15.701  -11.195 1.00 13.86  ? 62  THR B N   1 
ATOM   1248 C  CA  . THR B 1 62 ? 10.239  16.719  -10.926 1.00 16.08  ? 62  THR B CA  1 
ATOM   1249 C  C   . THR B 1 62 ? 9.703   18.115  -10.614 1.00 16.96  ? 62  THR B C   1 
ATOM   1250 O  O   . THR B 1 62 ? 10.204  19.107  -11.147 1.00 17.74  ? 62  THR B O   1 
ATOM   1251 C  CB  . THR B 1 62 ? 11.249  16.833  -12.110 1.00 16.71  ? 62  THR B CB  1 
ATOM   1252 O  OG1 . THR B 1 62 ? 10.559  17.190  -13.316 1.00 18.54  ? 62  THR B OG1 1 
ATOM   1253 C  CG2 . THR B 1 62 ? 11.960  15.509  -12.326 1.00 20.43  ? 62  THR B CG2 1 
ATOM   1254 N  N   . ASP B 1 63 ? 8.699   18.204  -9.747  1.00 16.68  ? 63  ASP B N   1 
ATOM   1255 C  CA  . ASP B 1 63 ? 8.153   19.511  -9.400  1.00 13.28  ? 63  ASP B CA  1 
ATOM   1256 C  C   . ASP B 1 63 ? 8.668   19.987  -8.042  1.00 13.02  ? 63  ASP B C   1 
ATOM   1257 O  O   . ASP B 1 63 ? 8.169   20.958  -7.481  1.00 17.78  ? 63  ASP B O   1 
ATOM   1258 C  CB  . ASP B 1 63 ? 6.620   19.479  -9.427  1.00 12.98  ? 63  ASP B CB  1 
ATOM   1259 C  CG  . ASP B 1 63 ? 6.027   18.561  -8.374  1.00 13.54  ? 63  ASP B CG  1 
ATOM   1260 O  OD1 . ASP B 1 63 ? 6.794   17.988  -7.576  1.00 8.76   ? 63  ASP B OD1 1 
ATOM   1261 O  OD2 . ASP B 1 63 ? 4.786   18.422  -8.344  1.00 14.19  ? 63  ASP B OD2 1 
ATOM   1262 N  N   . GLY B 1 64 ? 9.681   19.299  -7.526  1.00 11.57  ? 64  GLY B N   1 
ATOM   1263 C  CA  . GLY B 1 64 ? 10.264  19.674  -6.251  1.00 13.80  ? 64  GLY B CA  1 
ATOM   1264 C  C   . GLY B 1 64 ? 9.508   19.233  -5.009  1.00 16.30  ? 64  GLY B C   1 
ATOM   1265 O  O   . GLY B 1 64 ? 9.893   19.584  -3.886  1.00 16.21  ? 64  GLY B O   1 
ATOM   1266 N  N   . ALA B 1 65 ? 8.441   18.461  -5.192  1.00 12.72  ? 65  ALA B N   1 
ATOM   1267 C  CA  . ALA B 1 65 ? 7.653   17.985  -4.060  1.00 11.55  ? 65  ALA B CA  1 
ATOM   1268 C  C   . ALA B 1 65 ? 7.263   16.521  -4.244  1.00 13.89  ? 65  ALA B C   1 
ATOM   1269 O  O   . ALA B 1 65 ? 7.275   16.006  -5.353  1.00 14.15  ? 65  ALA B O   1 
ATOM   1270 C  CB  . ALA B 1 65 ? 6.408   18.826  -3.919  1.00 11.87  ? 65  ALA B CB  1 
ATOM   1271 N  N   . VAL B 1 66 ? 6.926   15.851  -3.150  1.00 12.33  ? 66  VAL B N   1 
ATOM   1272 C  CA  . VAL B 1 66 ? 6.508   14.456  -3.222  1.00 10.32  ? 66  VAL B CA  1 
ATOM   1273 C  C   . VAL B 1 66 ? 5.020   14.389  -2.865  1.00 10.42  ? 66  VAL B C   1 
ATOM   1274 O  O   . VAL B 1 66 ? 4.640   14.672  -1.728  1.00 10.60  ? 66  VAL B O   1 
ATOM   1275 C  CB  . VAL B 1 66 ? 7.318   13.580  -2.233  1.00 10.60  ? 66  VAL B CB  1 
ATOM   1276 C  CG1 . VAL B 1 66 ? 6.717   12.185  -2.157  1.00 12.14  ? 66  VAL B CG1 1 
ATOM   1277 C  CG2 . VAL B 1 66 ? 8.777   13.495  -2.678  1.00 9.87   ? 66  VAL B CG2 1 
ATOM   1278 N  N   . ASN B 1 67 ? 4.174   14.047  -3.841  1.00 9.78   ? 67  ASN B N   1 
ATOM   1279 C  CA  . ASN B 1 67 ? 2.739   13.938  -3.584  1.00 6.56   ? 67  ASN B CA  1 
ATOM   1280 C  C   . ASN B 1 67 ? 2.386   12.526  -3.107  1.00 9.91   ? 67  ASN B C   1 
ATOM   1281 O  O   . ASN B 1 67 ? 3.239   11.645  -3.094  1.00 9.72   ? 67  ASN B O   1 
ATOM   1282 C  CB  . ASN B 1 67 ? 1.931   14.315  -4.834  1.00 9.18   ? 67  ASN B CB  1 
ATOM   1283 C  CG  . ASN B 1 67 ? 2.195   13.400  -6.022  1.00 13.50  ? 67  ASN B CG  1 
ATOM   1284 O  OD1 . ASN B 1 67 ? 2.653   12.266  -5.871  1.00 14.46  ? 67  ASN B OD1 1 
ATOM   1285 N  ND2 . ASN B 1 67 ? 1.900   13.897  -7.216  1.00 11.45  ? 67  ASN B ND2 1 
ATOM   1286 N  N   . PHE B 1 68 ? 1.137   12.312  -2.706  1.00 8.98   ? 68  PHE B N   1 
ATOM   1287 C  CA  . PHE B 1 68 ? 0.722   11.001  -2.206  1.00 12.30  ? 68  PHE B CA  1 
ATOM   1288 C  C   . PHE B 1 68 ? 0.984   9.850   -3.183  1.00 11.46  ? 68  PHE B C   1 
ATOM   1289 O  O   . PHE B 1 68 ? 1.522   8.811   -2.798  1.00 12.45  ? 68  PHE B O   1 
ATOM   1290 C  CB  . PHE B 1 68 ? -0.763  11.016  -1.826  1.00 12.06  ? 68  PHE B CB  1 
ATOM   1291 C  CG  . PHE B 1 68 ? -1.258  9.699   -1.305  1.00 15.98  ? 68  PHE B CG  1 
ATOM   1292 C  CD1 . PHE B 1 68 ? -0.795  9.206   -0.089  1.00 15.28  ? 68  PHE B CD1 1 
ATOM   1293 C  CD2 . PHE B 1 68 ? -2.155  8.930   -2.046  1.00 17.27  ? 68  PHE B CD2 1 
ATOM   1294 C  CE1 . PHE B 1 68 ? -1.214  7.960   0.382   1.00 17.05  ? 68  PHE B CE1 1 
ATOM   1295 C  CE2 . PHE B 1 68 ? -2.579  7.686   -1.586  1.00 15.11  ? 68  PHE B CE2 1 
ATOM   1296 C  CZ  . PHE B 1 68 ? -2.107  7.200   -0.370  1.00 14.09  ? 68  PHE B CZ  1 
ATOM   1297 N  N   . GLN B 1 69 ? 0.600   10.038  -4.442  1.00 11.23  ? 69  GLN B N   1 
ATOM   1298 C  CA  . GLN B 1 69 ? 0.802   9.020   -5.467  1.00 12.50  ? 69  GLN B CA  1 
ATOM   1299 C  C   . GLN B 1 69 ? 2.268   8.596   -5.546  1.00 13.13  ? 69  GLN B C   1 
ATOM   1300 O  O   . GLN B 1 69 ? 2.583   7.406   -5.656  1.00 11.86  ? 69  GLN B O   1 
ATOM   1301 C  CB  . GLN B 1 69 ? 0.337   9.550   -6.825  1.00 11.59  ? 69  GLN B CB  1 
ATOM   1302 C  CG  . GLN B 1 69 ? -1.162  9.776   -6.909  1.00 14.92  ? 69  GLN B CG  1 
ATOM   1303 C  CD  . GLN B 1 69 ? -1.563  11.199  -6.570  1.00 20.35  ? 69  GLN B CD  1 
ATOM   1304 O  OE1 . GLN B 1 69 ? -0.912  11.875  -5.777  1.00 17.47  ? 69  GLN B OE1 1 
ATOM   1305 N  NE2 . GLN B 1 69 ? -2.646  11.660  -7.176  1.00 28.27  ? 69  GLN B NE2 1 
ATOM   1306 N  N   . GLU B 1 70 ? 3.167   9.574   -5.483  1.00 10.89  ? 70  GLU B N   1 
ATOM   1307 C  CA  . GLU B 1 70 ? 4.595   9.295   -5.548  1.00 8.57   ? 70  GLU B CA  1 
ATOM   1308 C  C   . GLU B 1 70 ? 5.060   8.599   -4.279  1.00 10.14  ? 70  GLU B C   1 
ATOM   1309 O  O   . GLU B 1 70 ? 5.921   7.718   -4.317  1.00 11.89  ? 70  GLU B O   1 
ATOM   1310 C  CB  . GLU B 1 70 ? 5.377   10.597  -5.748  1.00 8.57   ? 70  GLU B CB  1 
ATOM   1311 C  CG  . GLU B 1 70 ? 5.141   11.230  -7.108  1.00 7.93   ? 70  GLU B CG  1 
ATOM   1312 C  CD  . GLU B 1 70 ? 5.710   12.636  -7.213  1.00 13.08  ? 70  GLU B CD  1 
ATOM   1313 O  OE1 . GLU B 1 70 ? 5.882   13.293  -6.164  1.00 13.13  ? 70  GLU B OE1 1 
ATOM   1314 O  OE2 . GLU B 1 70 ? 5.984   13.083  -8.347  1.00 6.92   ? 70  GLU B OE2 1 
ATOM   1315 N  N   . PHE B 1 71 ? 4.481   8.994   -3.152  1.00 7.45   ? 71  PHE B N   1 
ATOM   1316 C  CA  . PHE B 1 71 ? 4.827   8.418   -1.863  1.00 9.24   ? 71  PHE B CA  1 
ATOM   1317 C  C   . PHE B 1 71 ? 4.544   6.908   -1.823  1.00 10.09  ? 71  PHE B C   1 
ATOM   1318 O  O   . PHE B 1 71 ? 5.227   6.162   -1.118  1.00 10.72  ? 71  PHE B O   1 
ATOM   1319 C  CB  . PHE B 1 71 ? 4.034   9.140   -0.771  1.00 10.66  ? 71  PHE B CB  1 
ATOM   1320 C  CG  . PHE B 1 71 ? 4.165   8.529   0.590   1.00 10.85  ? 71  PHE B CG  1 
ATOM   1321 C  CD1 . PHE B 1 71 ? 5.378   8.567   1.270   1.00 15.17  ? 71  PHE B CD1 1 
ATOM   1322 C  CD2 . PHE B 1 71 ? 3.066   7.944   1.206   1.00 12.90  ? 71  PHE B CD2 1 
ATOM   1323 C  CE1 . PHE B 1 71 ? 5.496   8.035   2.550   1.00 16.88  ? 71  PHE B CE1 1 
ATOM   1324 C  CE2 . PHE B 1 71 ? 3.171   7.405   2.489   1.00 14.32  ? 71  PHE B CE2 1 
ATOM   1325 C  CZ  . PHE B 1 71 ? 4.389   7.452   3.161   1.00 15.10  ? 71  PHE B CZ  1 
ATOM   1326 N  N   . LEU B 1 72 ? 3.544   6.471   -2.587  1.00 10.19  ? 72  LEU B N   1 
ATOM   1327 C  CA  . LEU B 1 72 ? 3.167   5.063   -2.639  1.00 11.96  ? 72  LEU B CA  1 
ATOM   1328 C  C   . LEU B 1 72 ? 4.305   4.176   -3.127  1.00 11.54  ? 72  LEU B C   1 
ATOM   1329 O  O   . LEU B 1 72 ? 4.338   2.991   -2.817  1.00 13.64  ? 72  LEU B O   1 
ATOM   1330 C  CB  . LEU B 1 72 ? 1.937   4.875   -3.532  1.00 10.98  ? 72  LEU B CB  1 
ATOM   1331 C  CG  . LEU B 1 72 ? 0.610   5.364   -2.935  1.00 12.56  ? 72  LEU B CG  1 
ATOM   1332 C  CD1 . LEU B 1 72 ? -0.513  5.213   -3.945  1.00 12.94  ? 72  LEU B CD1 1 
ATOM   1333 C  CD2 . LEU B 1 72 ? 0.305   4.579   -1.678  1.00 12.05  ? 72  LEU B CD2 1 
ATOM   1334 N  N   . ILE B 1 73 ? 5.234   4.739   -3.890  1.00 11.23  ? 73  ILE B N   1 
ATOM   1335 C  CA  . ILE B 1 73 ? 6.374   3.958   -4.375  1.00 13.88  ? 73  ILE B CA  1 
ATOM   1336 C  C   . ILE B 1 73 ? 7.185   3.453   -3.172  1.00 14.45  ? 73  ILE B C   1 
ATOM   1337 O  O   . ILE B 1 73 ? 7.638   2.306   -3.139  1.00 13.13  ? 73  ILE B O   1 
ATOM   1338 C  CB  . ILE B 1 73 ? 7.298   4.815   -5.279  1.00 15.63  ? 73  ILE B CB  1 
ATOM   1339 C  CG1 . ILE B 1 73 ? 6.532   5.297   -6.512  1.00 15.42  ? 73  ILE B CG1 1 
ATOM   1340 C  CG2 . ILE B 1 73 ? 8.526   4.017   -5.679  1.00 14.01  ? 73  ILE B CG2 1 
ATOM   1341 C  CD1 . ILE B 1 73 ? 6.056   4.193   -7.413  1.00 23.95  ? 73  ILE B CD1 1 
ATOM   1342 N  N   . LEU B 1 74 ? 7.359   4.321   -2.181  1.00 12.30  ? 74  LEU B N   1 
ATOM   1343 C  CA  . LEU B 1 74 ? 8.101   3.982   -0.974  1.00 13.73  ? 74  LEU B CA  1 
ATOM   1344 C  C   . LEU B 1 74 ? 7.347   2.895   -0.207  1.00 13.93  ? 74  LEU B C   1 
ATOM   1345 O  O   . LEU B 1 74 ? 7.943   1.950   0.311   1.00 11.40  ? 74  LEU B O   1 
ATOM   1346 C  CB  . LEU B 1 74 ? 8.234   5.227   -0.085  1.00 16.97  ? 74  LEU B CB  1 
ATOM   1347 C  CG  . LEU B 1 74 ? 9.400   5.419   0.891   1.00 24.09  ? 74  LEU B CG  1 
ATOM   1348 C  CD1 . LEU B 1 74 ? 8.892   6.220   2.083   1.00 25.81  ? 74  LEU B CD1 1 
ATOM   1349 C  CD2 . LEU B 1 74 ? 9.982   4.091   1.351   1.00 23.36  ? 74  LEU B CD2 1 
ATOM   1350 N  N   . VAL B 1 75 ? 6.033   3.051   -0.128  1.00 13.10  ? 75  VAL B N   1 
ATOM   1351 C  CA  . VAL B 1 75 ? 5.191   2.100   0.575   1.00 15.88  ? 75  VAL B CA  1 
ATOM   1352 C  C   . VAL B 1 75 ? 5.288   0.708   -0.056  1.00 15.68  ? 75  VAL B C   1 
ATOM   1353 O  O   . VAL B 1 75 ? 5.455   -0.290  0.649   1.00 15.25  ? 75  VAL B O   1 
ATOM   1354 C  CB  . VAL B 1 75 ? 3.727   2.578   0.580   1.00 17.39  ? 75  VAL B CB  1 
ATOM   1355 C  CG1 . VAL B 1 75 ? 2.839   1.554   1.280   1.00 20.74  ? 75  VAL B CG1 1 
ATOM   1356 C  CG2 . VAL B 1 75 ? 3.636   3.931   1.284   1.00 13.58  ? 75  VAL B CG2 1 
ATOM   1357 N  N   . ILE B 1 76 ? 5.189   0.649   -1.379  1.00 14.78  ? 76  ILE B N   1 
ATOM   1358 C  CA  . ILE B 1 76 ? 5.285   -0.619  -2.100  1.00 18.29  ? 76  ILE B CA  1 
ATOM   1359 C  C   . ILE B 1 76 ? 6.601   -1.307  -1.766  1.00 17.22  ? 76  ILE B C   1 
ATOM   1360 O  O   . ILE B 1 76 ? 6.633   -2.495  -1.447  1.00 18.26  ? 76  ILE B O   1 
ATOM   1361 C  CB  . ILE B 1 76 ? 5.259   -0.408  -3.622  1.00 19.64  ? 76  ILE B CB  1 
ATOM   1362 C  CG1 . ILE B 1 76 ? 3.872   0.040   -4.075  1.00 22.83  ? 76  ILE B CG1 1 
ATOM   1363 C  CG2 . ILE B 1 76 ? 5.674   -1.689  -4.328  1.00 23.59  ? 76  ILE B CG2 1 
ATOM   1364 C  CD1 . ILE B 1 76 ? 3.852   0.565   -5.499  1.00 25.92  ? 76  ILE B CD1 1 
ATOM   1365 N  N   . LYS B 1 77 ? 7.686   -0.548  -1.856  1.00 14.73  ? 77  LYS B N   1 
ATOM   1366 C  CA  . LYS B 1 77 ? 9.012   -1.065  -1.568  1.00 14.92  ? 77  LYS B CA  1 
ATOM   1367 C  C   . LYS B 1 77 ? 9.038   -1.690  -0.188  1.00 17.11  ? 77  LYS B C   1 
ATOM   1368 O  O   . LYS B 1 77 ? 9.556   -2.787  -0.002  1.00 18.45  ? 77  LYS B O   1 
ATOM   1369 C  CB  . LYS B 1 77 ? 10.042  0.059   -1.627  1.00 20.89  ? 77  LYS B CB  1 
ATOM   1370 C  CG  . LYS B 1 77 ? 10.961  -0.003  -2.826  1.00 25.76  ? 77  LYS B CG  1 
ATOM   1371 C  CD  . LYS B 1 77 ? 10.932  1.307   -3.590  1.00 31.86  ? 77  LYS B CD  1 
ATOM   1372 C  CE  . LYS B 1 77 ? 12.222  1.532   -4.354  1.00 35.05  ? 77  LYS B CE  1 
ATOM   1373 N  NZ  . LYS B 1 77 ? 11.967  1.642   -5.816  1.00 39.43  ? 77  LYS B NZ  1 
ATOM   1374 N  N   . MET B 1 78 ? 8.477   -0.986  0.785   1.00 15.09  ? 78  MET B N   1 
ATOM   1375 C  CA  . MET B 1 78 ? 8.450   -1.485  2.148   1.00 17.09  ? 78  MET B CA  1 
ATOM   1376 C  C   . MET B 1 78 ? 7.612   -2.755  2.270   1.00 17.38  ? 78  MET B C   1 
ATOM   1377 O  O   . MET B 1 78 ? 7.957   -3.658  3.032   1.00 17.56  ? 78  MET B O   1 
ATOM   1378 C  CB  . MET B 1 78 ? 7.899   -0.414  3.089   1.00 18.81  ? 78  MET B CB  1 
ATOM   1379 C  CG  . MET B 1 78 ? 8.909   0.668   3.446   1.00 20.77  ? 78  MET B CG  1 
ATOM   1380 S  SD  . MET B 1 78 ? 8.232   1.892   4.583   1.00 21.72  ? 78  MET B SD  1 
ATOM   1381 C  CE  . MET B 1 78 ? 8.164   0.940   6.091   1.00 13.75  ? 78  MET B CE  1 
ATOM   1382 N  N   . GLY B 1 79 ? 6.514   -2.821  1.521   1.00 17.68  ? 79  GLY B N   1 
ATOM   1383 C  CA  . GLY B 1 79 ? 5.650   -3.992  1.569   1.00 16.69  ? 79  GLY B CA  1 
ATOM   1384 C  C   . GLY B 1 79 ? 6.362   -5.228  1.056   1.00 16.97  ? 79  GLY B C   1 
ATOM   1385 O  O   . GLY B 1 79 ? 6.332   -6.286  1.685   1.00 16.99  ? 79  GLY B O   1 
ATOM   1386 N  N   . VAL B 1 80 ? 7.010   -5.086  -0.093  1.00 14.30  ? 80  VAL B N   1 
ATOM   1387 C  CA  . VAL B 1 80 ? 7.748   -6.175  -0.703  1.00 15.21  ? 80  VAL B CA  1 
ATOM   1388 C  C   . VAL B 1 80 ? 8.806   -6.696  0.258   1.00 16.95  ? 80  VAL B C   1 
ATOM   1389 O  O   . VAL B 1 80 ? 8.981   -7.907  0.419   1.00 18.05  ? 80  VAL B O   1 
ATOM   1390 C  CB  . VAL B 1 80 ? 8.426   -5.696  -1.988  1.00 16.47  ? 80  VAL B CB  1 
ATOM   1391 C  CG1 . VAL B 1 80 ? 9.425   -6.727  -2.473  1.00 20.09  ? 80  VAL B CG1 1 
ATOM   1392 C  CG2 . VAL B 1 80 ? 7.369   -5.427  -3.045  1.00 18.21  ? 80  VAL B CG2 1 
ATOM   1393 N  N   . ALA B 1 81 ? 9.510   -5.772  0.903   1.00 16.53  ? 81  ALA B N   1 
ATOM   1394 C  CA  . ALA B 1 81 ? 10.558  -6.126  1.851   1.00 15.70  ? 81  ALA B CA  1 
ATOM   1395 C  C   . ALA B 1 81 ? 9.978   -6.767  3.100   1.00 17.28  ? 81  ALA B C   1 
ATOM   1396 O  O   . ALA B 1 81 ? 10.560  -7.702  3.652   1.00 19.80  ? 81  ALA B O   1 
ATOM   1397 C  CB  . ALA B 1 81 ? 11.365  -4.886  2.227   1.00 16.51  ? 81  ALA B CB  1 
ATOM   1398 N  N   . ALA B 1 82 ? 8.837   -6.257  3.552   1.00 16.24  ? 82  ALA B N   1 
ATOM   1399 C  CA  . ALA B 1 82 ? 8.184   -6.798  4.739   1.00 17.48  ? 82  ALA B CA  1 
ATOM   1400 C  C   . ALA B 1 82 ? 7.689   -8.208  4.434   1.00 19.40  ? 82  ALA B C   1 
ATOM   1401 O  O   . ALA B 1 82 ? 7.834   -9.122  5.252   1.00 17.72  ? 82  ALA B O   1 
ATOM   1402 C  CB  . ALA B 1 82 ? 7.011   -5.911  5.151   1.00 17.38  ? 82  ALA B CB  1 
ATOM   1403 N  N   . HIS B 1 83 ? 7.108   -8.375  3.248   1.00 20.17  ? 83  HIS B N   1 
ATOM   1404 C  CA  . HIS B 1 83 ? 6.591   -9.665  2.814   1.00 21.65  ? 83  HIS B CA  1 
ATOM   1405 C  C   . HIS B 1 83 ? 7.710   -10.695 2.798   1.00 24.97  ? 83  HIS B C   1 
ATOM   1406 O  O   . HIS B 1 83 ? 7.566   -11.794 3.328   1.00 26.01  ? 83  HIS B O   1 
ATOM   1407 C  CB  . HIS B 1 83 ? 5.994   -9.555  1.418   1.00 21.30  ? 83  HIS B CB  1 
ATOM   1408 C  CG  . HIS B 1 83 ? 5.471   -10.851 0.888   1.00 21.81  ? 83  HIS B CG  1 
ATOM   1409 N  ND1 . HIS B 1 83 ? 6.077   -11.531 -0.146  1.00 24.15  ? 83  HIS B ND1 1 
ATOM   1410 C  CD2 . HIS B 1 83 ? 4.395   -11.594 1.248   1.00 21.44  ? 83  HIS B CD2 1 
ATOM   1411 C  CE1 . HIS B 1 83 ? 5.397   -12.636 -0.401  1.00 22.66  ? 83  HIS B CE1 1 
ATOM   1412 N  NE2 . HIS B 1 83 ? 4.373   -12.697 0.430   1.00 20.44  ? 83  HIS B NE2 1 
ATOM   1413 N  N   . LYS B 1 84 ? 8.828   -10.329 2.185   1.00 25.77  ? 84  LYS B N   1 
ATOM   1414 C  CA  . LYS B 1 84 ? 9.980   -11.209 2.098   1.00 30.05  ? 84  LYS B CA  1 
ATOM   1415 C  C   . LYS B 1 84 ? 10.496  -11.612 3.486   1.00 32.03  ? 84  LYS B C   1 
ATOM   1416 O  O   . LYS B 1 84 ? 10.935  -12.745 3.690   1.00 31.40  ? 84  LYS B O   1 
ATOM   1417 C  CB  . LYS B 1 84 ? 11.081  -10.510 1.301   1.00 33.58  ? 84  LYS B CB  1 
ATOM   1418 C  CG  . LYS B 1 84 ? 12.460  -11.110 1.448   1.00 43.01  ? 84  LYS B CG  1 
ATOM   1419 C  CD  . LYS B 1 84 ? 13.359  -10.645 0.315   1.00 51.57  ? 84  LYS B CD  1 
ATOM   1420 C  CE  . LYS B 1 84 ? 14.376  -11.710 -0.065  1.00 59.17  ? 84  LYS B CE  1 
ATOM   1421 N  NZ  . LYS B 1 84 ? 15.245  -11.266 -1.197  1.00 64.66  ? 84  LYS B NZ  1 
ATOM   1422 N  N   . LYS B 1 85 ? 10.423  -10.690 4.440   1.00 33.53  ? 85  LYS B N   1 
ATOM   1423 C  CA  . LYS B 1 85 ? 10.902  -10.935 5.798   1.00 35.12  ? 85  LYS B CA  1 
ATOM   1424 C  C   . LYS B 1 85 ? 10.038  -11.893 6.615   1.00 34.89  ? 85  LYS B C   1 
ATOM   1425 O  O   . LYS B 1 85 ? 10.554  -12.651 7.434   1.00 33.90  ? 85  LYS B O   1 
ATOM   1426 C  CB  . LYS B 1 85 ? 11.036  -9.604  6.548   1.00 39.96  ? 85  LYS B CB  1 
ATOM   1427 C  CG  . LYS B 1 85 ? 12.430  -8.969  6.493   1.00 47.58  ? 85  LYS B CG  1 
ATOM   1428 C  CD  . LYS B 1 85 ? 13.173  -9.304  5.203   1.00 52.92  ? 85  LYS B CD  1 
ATOM   1429 C  CE  . LYS B 1 85 ? 13.558  -8.046  4.439   1.00 55.55  ? 85  LYS B CE  1 
ATOM   1430 N  NZ  . LYS B 1 85 ? 13.511  -8.249  2.960   1.00 56.11  ? 85  LYS B NZ  1 
ATOM   1431 N  N   . SER B 1 86 ? 8.728   -11.858 6.401   1.00 34.30  ? 86  SER B N   1 
ATOM   1432 C  CA  . SER B 1 86 ? 7.818   -12.731 7.138   1.00 36.99  ? 86  SER B CA  1 
ATOM   1433 C  C   . SER B 1 86 ? 7.952   -14.209 6.758   1.00 40.29  ? 86  SER B C   1 
ATOM   1434 O  O   . SER B 1 86 ? 7.588   -15.090 7.536   1.00 42.89  ? 86  SER B O   1 
ATOM   1435 C  CB  . SER B 1 86 ? 6.368   -12.281 6.934   1.00 34.61  ? 86  SER B CB  1 
ATOM   1436 O  OG  . SER B 1 86 ? 5.887   -12.648 5.652   1.00 33.46  ? 86  SER B OG  1 
ATOM   1437 N  N   . HIS B 1 87 ? 8.473   -14.480 5.565   1.00 42.32  ? 87  HIS B N   1 
ATOM   1438 C  CA  . HIS B 1 87 ? 8.648   -15.854 5.104   1.00 45.02  ? 87  HIS B CA  1 
ATOM   1439 C  C   . HIS B 1 87 ? 10.034  -16.370 5.456   1.00 48.53  ? 87  HIS B C   1 
ATOM   1440 O  O   . HIS B 1 87 ? 10.344  -17.541 5.242   1.00 47.92  ? 87  HIS B O   1 
ATOM   1441 C  CB  . HIS B 1 87 ? 8.444   -15.939 3.589   1.00 43.24  ? 87  HIS B CB  1 
ATOM   1442 C  CG  . HIS B 1 87 ? 7.013   -15.827 3.166   1.00 44.83  ? 87  HIS B CG  1 
ATOM   1443 N  ND1 . HIS B 1 87 ? 6.035   -16.681 3.623   1.00 46.67  ? 87  HIS B ND1 1 
ATOM   1444 C  CD2 . HIS B 1 87 ? 6.393   -14.952 2.339   1.00 46.26  ? 87  HIS B CD2 1 
ATOM   1445 C  CE1 . HIS B 1 87 ? 4.872   -16.339 3.097   1.00 47.68  ? 87  HIS B CE1 1 
ATOM   1446 N  NE2 . HIS B 1 87 ? 5.062   -15.291 2.314   1.00 44.87  ? 87  HIS B NE2 1 
ATOM   1447 N  N   . GLU B 1 88 ? 10.867  -15.490 6.002   1.00 53.88  ? 88  GLU B N   1 
ATOM   1448 C  CA  . GLU B 1 88 ? 12.227  -15.858 6.370   1.00 59.81  ? 88  GLU B CA  1 
ATOM   1449 C  C   . GLU B 1 88 ? 12.272  -16.695 7.646   1.00 63.55  ? 88  GLU B C   1 
ATOM   1450 O  O   . GLU B 1 88 ? 11.312  -16.732 8.420   1.00 62.53  ? 88  GLU B O   1 
ATOM   1451 C  CB  . GLU B 1 88 ? 13.087  -14.599 6.537   1.00 61.27  ? 88  GLU B CB  1 
ATOM   1452 C  CG  . GLU B 1 88 ? 14.254  -14.499 5.553   1.00 65.19  ? 88  GLU B CG  1 
ATOM   1453 C  CD  . GLU B 1 88 ? 14.500  -13.081 5.060   1.00 67.77  ? 88  GLU B CD  1 
ATOM   1454 O  OE1 . GLU B 1 88 ? 14.692  -12.174 5.900   1.00 70.14  ? 88  GLU B OE1 1 
ATOM   1455 O  OE2 . GLU B 1 88 ? 14.506  -12.870 3.829   1.00 69.94  ? 88  GLU B OE2 1 
ATOM   1456 N  N   . GLU B 1 89 ? 13.402  -17.368 7.844   1.00 69.03  ? 89  GLU B N   1 
ATOM   1457 C  CA  . GLU B 1 89 ? 13.634  -18.217 9.009   1.00 73.99  ? 89  GLU B CA  1 
ATOM   1458 C  C   . GLU B 1 89 ? 14.611  -17.533 9.964   1.00 76.71  ? 89  GLU B C   1 
ATOM   1459 O  O   . GLU B 1 89 ? 15.151  -16.472 9.655   1.00 77.34  ? 89  GLU B O   1 
ATOM   1460 C  CB  . GLU B 1 89 ? 14.220  -19.565 8.572   1.00 74.63  ? 89  GLU B CB  1 
ATOM   1461 C  CG  . GLU B 1 89 ? 14.376  -19.741 7.061   1.00 78.36  ? 89  GLU B CG  1 
ATOM   1462 C  CD  . GLU B 1 89 ? 15.265  -18.685 6.412   1.00 79.93  ? 89  GLU B CD  1 
ATOM   1463 O  OE1 . GLU B 1 89 ? 15.984  -17.971 7.141   1.00 81.89  ? 89  GLU B OE1 1 
ATOM   1464 O  OE2 . GLU B 1 89 ? 15.243  -18.570 5.167   1.00 79.96  ? 89  GLU B OE2 1 
ATOM   1465 N  N   . SER B 1 90 ? 14.841  -18.143 11.122  1.00 80.32  ? 90  SER B N   1 
ATOM   1466 C  CA  . SER B 1 90 ? 15.765  -17.575 12.098  1.00 83.69  ? 90  SER B CA  1 
ATOM   1467 C  C   . SER B 1 90 ? 17.205  -17.603 11.570  1.00 85.82  ? 90  SER B C   1 
ATOM   1468 O  O   . SER B 1 90 ? 17.641  -16.571 11.013  1.00 87.10  ? 90  SER B O   1 
ATOM   1469 C  CB  . SER B 1 90 ? 15.669  -18.336 13.429  1.00 83.38  ? 90  SER B CB  1 
ATOM   1470 O  OG  . SER B 1 90 ? 16.459  -19.516 13.422  1.00 84.15  ? 90  SER B OG  1 
HETATM 1471 CA CA  . CA  C 2 .  ? -1.108  -14.363 -11.913 1.00 11.29  ? 101 CA  A CA  1 
HETATM 1472 CA CA  . CA  D 2 .  ? -3.551  -20.632 -2.107  1.00 33.06  ? 102 CA  A CA  1 
HETATM 1473 CA CA  . CA  E 2 .  ? 6.492   15.456  -7.484  1.00 13.41  ? 101 CA  B CA  1 
HETATM 1474 CA CA  . CA  F 2 .  ? 3.089   20.342  2.753   1.00 35.63  ? 102 CA  B CA  1 
HETATM 1475 O  O   . HOH G 3 .  ? -1.383  -21.946 -14.388 1.00 23.90  ? 103 HOH A O   1 
HETATM 1476 O  O   . HOH G 3 .  ? 2.886   -14.617 -3.688  1.00 18.57  ? 104 HOH A O   1 
HETATM 1477 O  O   . HOH G 3 .  ? -8.410  -19.280 -10.118 1.00 19.21  ? 105 HOH A O   1 
HETATM 1478 O  O   . HOH G 3 .  ? -3.166  -9.916  -18.841 1.00 29.04  ? 106 HOH A O   1 
HETATM 1479 O  O   . HOH G 3 .  ? 3.106   -17.456 -6.037  1.00 30.09  ? 107 HOH A O   1 
HETATM 1480 O  O   . HOH G 3 .  ? 4.758   -11.931 -5.743  1.00 31.43  ? 108 HOH A O   1 
HETATM 1481 O  O   . HOH G 3 .  ? -6.167  -11.672 -16.767 1.00 29.71  ? 109 HOH A O   1 
HETATM 1482 O  O   . HOH G 3 .  ? -5.944  -26.680 2.053   1.00 25.77  ? 110 HOH A O   1 
HETATM 1483 O  O   . HOH G 3 .  ? -3.221  -16.766 -21.478 1.00 39.44  ? 111 HOH A O   1 
HETATM 1484 O  O   . HOH G 3 .  ? -11.918 13.339  4.178   1.00 40.63  ? 112 HOH A O   1 
HETATM 1485 O  O   . HOH G 3 .  ? 4.216   -16.024 -7.915  1.00 37.67  ? 113 HOH A O   1 
HETATM 1486 O  O   . HOH G 3 .  ? -13.819 10.967  3.640   1.00 48.05  ? 114 HOH A O   1 
HETATM 1487 O  O   . HOH G 3 .  ? -6.358  -19.064 5.917   1.00 38.83  ? 115 HOH A O   1 
HETATM 1488 O  O   . HOH G 3 .  ? -0.631  1.638   11.534  1.00 39.40  ? 116 HOH A O   1 
HETATM 1489 O  O   . HOH G 3 .  ? 2.464   -5.747  13.133  1.00 32.09  ? 117 HOH A O   1 
HETATM 1490 O  O   . HOH G 3 .  ? -8.154  3.588   -8.017  1.00 38.77  ? 118 HOH A O   1 
HETATM 1491 O  O   . HOH G 3 .  ? -12.106 -19.951 -1.193  1.00 24.39  ? 119 HOH A O   1 
HETATM 1492 O  O   . HOH G 3 .  ? -5.542  9.636   -5.353  1.00 31.50  ? 120 HOH A O   1 
HETATM 1493 O  O   . HOH G 3 .  ? 3.592   -11.411 -12.817 1.00 56.23  ? 121 HOH A O   1 
HETATM 1494 O  O   . HOH G 3 .  ? -4.091  -4.084  -13.819 1.00 52.52  ? 122 HOH A O   1 
HETATM 1495 O  O   . HOH G 3 .  ? -4.385  -21.411 -11.205 1.00 44.15  ? 123 HOH A O   1 
HETATM 1496 O  O   . HOH G 3 .  ? -10.176 1.904   -0.707  1.00 39.91  ? 124 HOH A O   1 
HETATM 1497 O  O   . HOH G 3 .  ? 1.259   -13.224 7.842   1.00 72.39  ? 125 HOH A O   1 
HETATM 1498 O  O   . HOH G 3 .  ? -9.872  -6.112  5.558   1.00 48.82  ? 126 HOH A O   1 
HETATM 1499 O  O   . HOH G 3 .  ? 0.026   -5.041  12.218  1.00 37.56  ? 127 HOH A O   1 
HETATM 1500 O  O   . HOH G 3 .  ? -20.439 -7.786  0.026   1.00 49.62  ? 128 HOH A O   1 
HETATM 1501 O  O   . HOH G 3 .  ? -4.883  -7.979  -16.571 1.00 54.51  ? 129 HOH A O   1 
HETATM 1502 O  O   . HOH G 3 .  ? -4.398  -10.544 -21.215 1.00 48.57  ? 130 HOH A O   1 
HETATM 1503 O  O   . HOH G 3 .  ? 5.168   -14.494 -4.512  1.00 57.23  ? 131 HOH A O   1 
HETATM 1504 O  O   . HOH G 3 .  ? 2.508   -10.032 8.544   1.00 45.65  ? 132 HOH A O   1 
HETATM 1505 O  O   . HOH G 3 .  ? 4.758   -11.755 -10.603 1.00 44.88  ? 133 HOH A O   1 
HETATM 1506 O  O   . HOH G 3 .  ? -12.328 3.731   2.331   1.00 58.71  ? 134 HOH A O   1 
HETATM 1507 O  O   . HOH G 3 .  ? 6.246   -4.092  8.162   1.00 79.34  ? 135 HOH A O   1 
HETATM 1508 O  O   . HOH G 3 .  ? 5.182   -9.188  -10.594 1.00 75.35  ? 136 HOH A O   1 
HETATM 1509 O  O   . HOH G 3 .  ? 4.620   -7.501  -12.195 1.00 43.90  ? 137 HOH A O   1 
HETATM 1510 O  O   . HOH G 3 .  ? -17.482 -13.831 1.665   1.00 60.69  ? 138 HOH A O   1 
HETATM 1511 O  O   . HOH G 3 .  ? -17.505 -4.858  2.283   1.00 75.94  ? 139 HOH A O   1 
HETATM 1512 O  O   . HOH G 3 .  ? 0.915   -15.359 -10.700 1.00 14.94  ? 140 HOH A O   1 
HETATM 1513 O  O   . HOH G 3 .  ? -5.930  -20.217 -1.466  1.00 14.38  ? 141 HOH A O   1 
HETATM 1514 O  O   . HOH H 3 .  ? -0.632  14.558  -2.407  1.00 10.14  ? 103 HOH B O   1 
HETATM 1515 O  O   . HOH H 3 .  ? 1.252   16.510  11.936  1.00 10.24  ? 104 HOH B O   1 
HETATM 1516 O  O   . HOH H 3 .  ? 15.282  13.840  -11.595 1.00 18.91  ? 105 HOH B O   1 
HETATM 1517 O  O   . HOH H 3 .  ? -5.278  12.088  6.227   1.00 16.46  ? 106 HOH B O   1 
HETATM 1518 O  O   . HOH H 3 .  ? -2.786  14.617  -0.514  1.00 16.49  ? 107 HOH B O   1 
HETATM 1519 O  O   . HOH H 3 .  ? 13.178  13.099  -9.828  1.00 14.85  ? 108 HOH B O   1 
HETATM 1520 O  O   . HOH H 3 .  ? 3.113   -15.177 -0.562  1.00 23.28  ? 109 HOH B O   1 
HETATM 1521 O  O   . HOH H 3 .  ? 11.513  20.424  -1.808  1.00 13.95  ? 110 HOH B O   1 
HETATM 1522 O  O   . HOH H 3 .  ? 12.766  7.233   -9.847  1.00 21.70  ? 111 HOH B O   1 
HETATM 1523 O  O   . HOH H 3 .  ? 13.218  16.884  -8.284  1.00 23.56  ? 112 HOH B O   1 
HETATM 1524 O  O   . HOH H 3 .  ? -5.058  6.145   11.053  1.00 30.42  ? 113 HOH B O   1 
HETATM 1525 O  O   . HOH H 3 .  ? 5.503   5.103   10.643  1.00 29.92  ? 114 HOH B O   1 
HETATM 1526 O  O   . HOH H 3 .  ? 5.241   11.893  16.020  1.00 28.71  ? 115 HOH B O   1 
HETATM 1527 O  O   . HOH H 3 .  ? -5.687  9.502   12.380  1.00 35.27  ? 116 HOH B O   1 
HETATM 1528 O  O   . HOH H 3 .  ? -1.897  14.374  -4.878  1.00 30.90  ? 117 HOH B O   1 
HETATM 1529 O  O   . HOH H 3 .  ? 10.147  20.079  7.890   1.00 32.15  ? 118 HOH B O   1 
HETATM 1530 O  O   . HOH H 3 .  ? -8.088  19.137  -0.619  1.00 32.66  ? 119 HOH B O   1 
HETATM 1531 O  O   . HOH H 3 .  ? 8.229   -9.775  -1.230  1.00 32.88  ? 120 HOH B O   1 
HETATM 1532 O  O   . HOH H 3 .  ? 2.590   8.379   12.934  1.00 41.85  ? 121 HOH B O   1 
HETATM 1533 O  O   . HOH H 3 .  ? -3.157  23.296  0.833   1.00 37.05  ? 122 HOH B O   1 
HETATM 1534 O  O   . HOH H 3 .  ? 14.966  14.571  1.303   1.00 39.15  ? 123 HOH B O   1 
HETATM 1535 O  O   . HOH H 3 .  ? -6.663  3.896   10.458  1.00 37.62  ? 124 HOH B O   1 
HETATM 1536 O  O   . HOH H 3 .  ? 17.561  15.117  -3.335  1.00 40.36  ? 125 HOH B O   1 
HETATM 1537 O  O   . HOH H 3 .  ? 0.701   11.264  15.461  1.00 42.41  ? 126 HOH B O   1 
HETATM 1538 O  O   . HOH H 3 .  ? -5.617  -2.870  9.685   1.00 33.13  ? 127 HOH B O   1 
HETATM 1539 O  O   . HOH H 3 .  ? 17.224  16.642  -1.003  1.00 28.10  ? 128 HOH B O   1 
HETATM 1540 O  O   . HOH H 3 .  ? 9.506   23.056  8.754   1.00 35.91  ? 129 HOH B O   1 
HETATM 1541 O  O   . HOH H 3 .  ? 15.749  6.546   -8.565  1.00 39.14  ? 130 HOH B O   1 
HETATM 1542 O  O   . HOH H 3 .  ? 14.175  17.890  8.094   1.00 39.41  ? 131 HOH B O   1 
HETATM 1543 O  O   . HOH H 3 .  ? 15.164  18.160  -11.279 1.00 34.22  ? 132 HOH B O   1 
HETATM 1544 O  O   . HOH H 3 .  ? 0.306   8.703   11.820  1.00 33.64  ? 133 HOH B O   1 
HETATM 1545 O  O   . HOH H 3 .  ? 0.053   22.412  4.742   1.00 30.12  ? 134 HOH B O   1 
HETATM 1546 O  O   . HOH H 3 .  ? 19.901  11.058  4.746   1.00 32.02  ? 135 HOH B O   1 
HETATM 1547 O  O   . HOH H 3 .  ? 0.998   16.967  -7.866  1.00 35.55  ? 136 HOH B O   1 
HETATM 1548 O  O   . HOH H 3 .  ? 14.462  -0.260  12.025  1.00 64.22  ? 137 HOH B O   1 
HETATM 1549 O  O   . HOH H 3 .  ? 5.309   5.784   13.736  1.00 55.74  ? 138 HOH B O   1 
HETATM 1550 O  O   . HOH H 3 .  ? -1.473  6.584   10.989  1.00 38.02  ? 139 HOH B O   1 
HETATM 1551 O  O   . HOH H 3 .  ? 8.884   13.389  13.465  1.00 51.28  ? 140 HOH B O   1 
HETATM 1552 O  O   . HOH H 3 .  ? -9.485  3.365   3.497   1.00 33.10  ? 141 HOH B O   1 
HETATM 1553 O  O   . HOH H 3 .  ? 11.725  22.837  -0.903  1.00 55.01  ? 142 HOH B O   1 
HETATM 1554 O  O   . HOH H 3 .  ? 12.144  22.387  -4.549  1.00 48.79  ? 143 HOH B O   1 
HETATM 1555 O  O   . HOH H 3 .  ? -9.415  4.709   9.822   1.00 33.87  ? 144 HOH B O   1 
HETATM 1556 O  O   . HOH H 3 .  ? 12.091  23.040  1.802   1.00 47.80  ? 145 HOH B O   1 
HETATM 1557 O  O   . HOH H 3 .  ? 8.463   5.740   15.268  1.00 61.05  ? 146 HOH B O   1 
HETATM 1558 O  O   . HOH H 3 .  ? 15.563  -22.237 9.408   1.00 49.65  ? 147 HOH B O   1 
HETATM 1559 O  O   . HOH H 3 .  ? 8.460   -3.044  6.704   1.00 56.41  ? 148 HOH B O   1 
HETATM 1560 O  O   . HOH H 3 .  ? 12.193  19.192  9.325   1.00 46.10  ? 149 HOH B O   1 
HETATM 1561 O  O   . HOH H 3 .  ? 9.509   24.966  1.992   1.00 46.14  ? 150 HOH B O   1 
HETATM 1562 O  O   . HOH H 3 .  ? 16.695  -21.678 7.292   1.00 54.02  ? 151 HOH B O   1 
HETATM 1563 O  O   . HOH H 3 .  ? 18.791  18.615  -1.938  1.00 41.23  ? 152 HOH B O   1 
HETATM 1564 O  O   . HOH H 3 .  ? -15.912 2.030   11.885  1.00 75.14  ? 153 HOH B O   1 
HETATM 1565 O  O   . HOH H 3 .  ? 0.023   12.594  -9.339  1.00 56.73  ? 154 HOH B O   1 
HETATM 1566 O  O   . HOH H 3 .  ? 7.528   25.516  0.612   1.00 38.03  ? 155 HOH B O   1 
HETATM 1567 O  O   . HOH H 3 .  ? 3.113   20.116  -9.986  1.00 72.19  ? 156 HOH B O   1 
HETATM 1568 O  O   . HOH H 3 .  ? 14.075  17.626  11.515  1.00 70.34  ? 157 HOH B O   1 
HETATM 1569 O  O   . HOH H 3 .  ? 16.415  19.293  7.394   1.00 59.49  ? 158 HOH B O   1 
HETATM 1570 O  O   . HOH H 3 .  ? 9.221   6.605   -7.603  1.00 55.57  ? 159 HOH B O   1 
HETATM 1571 O  O   . HOH H 3 .  ? 15.286  15.803  10.139  1.00 59.62  ? 160 HOH B O   1 
HETATM 1572 O  O   . HOH H 3 .  ? 12.020  18.541  12.978  1.00 63.30  ? 161 HOH B O   1 
HETATM 1573 O  O   . HOH H 3 .  ? 17.326  8.436   6.067   1.00 68.33  ? 162 HOH B O   1 
HETATM 1574 O  O   . HOH H 3 .  ? 11.670  -3.909  -1.492  1.00 89.82  ? 163 HOH B O   1 
HETATM 1575 O  O   . HOH H 3 .  ? 8.605   0.499   -5.559  1.00 72.35  ? 164 HOH B O   1 
HETATM 1576 O  O   . HOH H 3 .  ? 4.066   16.332  -7.093  1.00 28.47  ? 165 HOH B O   1 
HETATM 1577 O  O   . HOH H 3 .  ? 4.754   19.858  4.443   1.00 7.92   ? 166 HOH B O   1 
# 
